data_9L4C
#
_entry.id   9L4C
#
_cell.length_a   1.00
_cell.length_b   1.00
_cell.length_c   1.00
_cell.angle_alpha   90.00
_cell.angle_beta   90.00
_cell.angle_gamma   90.00
#
_symmetry.space_group_name_H-M   'P 1'
#
loop_
_entity.id
_entity.type
_entity.pdbx_description
1 polymer 'Serine/threonine-protein kinase ATR'
2 polymer 'ATR-interacting protein'
3 non-polymer 'ZINC ION'
#
loop_
_entity_poly.entity_id
_entity_poly.type
_entity_poly.pdbx_seq_one_letter_code
_entity_poly.pdbx_strand_id
1 'polypeptide(L)'
;MGEHGLELASMIPALRELGSATPEEYNTVVQKPRQILCQFIDRILTDVNVVAVELVKKTDSQPTSVMLLDFIQHIMKSSP
LMFVNVSGSHEAKGSCIEFSNWIITRLLRIAATPSCHLLHKKICEVICSLLFLFKSKSPAIFGVLTKELLQLFEDLVYLH
RRNVMGHAVEWPVVMSRFLSQLDEHMGYLQSAPLQLMSMQNLEFIEVTLLMVLTRIIAIVFFRRQELLLWQIGCVLLEYG
SPKIKSLAISFLTELFQLGGLPAQPASTFFSSFLELLKHLVEMDTDQLKLYEEPLSKLIKTLFPFEAEAYRNIEPVYLNM
LLEKLCVMFEDGVLMRLKSDLLKAALCHLLQYFLKFVPAGYESALQVRKVYVRNICKALLDVLGIEVDAEYLLGPLYAAL
KMESMEIIEEIQCQTQQENLSSNSDGISPKRRRLSSSLNPSKRAPKQTEEIKHVDMNQKSILWSALKQKAESLQISLEYS
GLKNPVIEMLEGIAVVLQLTALCTVHCSHQNMNCRTFKDCQHKSKKKPSVVITWMSLDFYTKVLKSCRSLLESVQKLDLE
ATIDKVVKIYDALIYMQVNSSFEDHILEDLCGMLSLPWIYSHSDDGCLKLTTFAANLLTLSCRISDSYSPQAQSRCVFLL
TLFPRRIFLEWRTAVYNWALQSSHEVIRASCVSGFFILLQQQNSCNRVPKILIDKVKDDSDIVKKEFASILGQLVCTLHG
MFYLTSSLTEPFSEHGHVDLFCRNLKATSQHECSSSQLKASVCKPFLFLLKKKIPSPVKLAFIDNLHHLCKHLDFREDET
DVKAVLGTLLNLMEDPDKDVRVAFSGNIKHILESLDSEDGFIKELFVLRMKEAYTHAQISRNNELKDTLILTTGDIGRAA
KGDLVPFALLHLLHCLLSKSASVSGAAYTEIRALVAAKSVKLQSFFSQYKKPICQFLVESLHSSQMTALPNTPCQNADVR
KQDVAHQREMALNTLSEIANVFDFPDLNRFLTRTLQVLLPDLAAKASPAASALIRTLGKQLNVNRREILINNFKYIFSHL
VCSCSKDELERALHYLKNETEIELGSLLRQDFQGLHNELLLRIGEHYQQVFNGLSILASFASSDDPYQGPRDIISPELMA
DYLQPKLLGILAFFNMQLLSSSVGIEDKKMALNSLMSLMKLMGPKHVSSVRVKMMTTLRTGLRFKDDFPELCCRAWDCFV
RCLDHACLGSLLSHVIVALLPLIHIQPKETAAIFHYLIIENRDAVQDFLHEIYFLPDHPELKKIKAVLQEYRKETSESTD
LQTTLQLSMKAIQHENVDVRIHALTSLKETLYKNQEKLIKYATDSETVEPIISQLVTVLLKGCQDANSQARLLCGECLGE
LGAIDPGRLDFSTTETQGKDFTFVTGVEDSSFAYGLLMELTRAYLAYADNSRAQDSAAYAIQELLSIYDCREMETNGPGH
QLWRRFPEHVREILEPHLNTRYKSSQKSTDWSGVKKPIYLSKLGSNFAEWSASWAGYLITKVRHDLASKIFTCCSIMMKH
DFKVTIYLLPHILVYVLLGCNQEDQQEVYAEIMAVLKHDDQHTINTQDIASDLCQLSTQTVFSMLDHLTQWARHKFQALK
AEKCPHSKSNRNKVDSMVSTVDYEDYQSVTRFLDLIPQDTLAVASFRSKAYTRAVMHFESFITEKKQNIQEHLGFLQKLY
AAMHEPDGVAGVSAIRKAEPSLKEQILEHESLGLLRDATACYDRAIQLEPDQIIHYHGVVKSMLGLGQLSTVITQVNGVH
ANRSEWTDELNTYRVEAAWKLSQWDLVENYLAADGKSTTWSVRLGQLLLSAKKRDITAFYDSLKLVRAEQIVPLSAASFE
RGSYQRGYEYIVRLHMLCELEHSIKPLFQHSPGDSSQEDSLNWVARLEMTQNSYRAKEPILALRRALLSLNKRPDYNEMV
GECWLQSARVARKAGHHQTAYNALLNAGESRLAELYVERAKWLWSKGDVHQALIVLQKGVELCFPENETPPEGKNMLIHG
RAMLLVGRFMEETANFESNAIMKKYKDVTACLPEWEDGHFYLAKYYDKLMPMVTDNKMEKQGDLIRYIVLHFGRSLQYGN
QFIYQSMPRMLTLWLDYGTKAYEWEKAGRSDRVQMRNDLGKINKVITEHTNYLAPYQFLTAFSQLISRICHSHDEVFVVL
MEIIAKVFLAYPQQAMWMMTAVSKSSYPMRVNRCKEILNKAIHMKKSLEKFVGDATRLTDKLLELCNKPVDGSSSTLSMS
THFKMLKKLVEEATFSEILIPLQSVMIPTLPSILGTHANHASHEPFPGHWAYIAGFDDMVEILASLQKPKKISLKGSDGK
FYIMMCKPKDDLRKDCRLMEFNSLINKCLRKDAESRRRELHIRTYAVIPLNDECGIIEWVNNTAGLRPILTKLYKEKGVY
MTGKELRQCMLPKSAALSEKLKVFREFLLPRHPPIFHEWFLRTFPDPTSWYSSRSAYCRSTAVMSMVGYILGLGDRHGEN
ILFDSLTGECVHVDFNCLFNKGETFEVPEIVPFRLTHNMVNGMGPMGTEGLFRRACEVTMRLMRDQREPLMSVLKTFLHD
PLVEWSKPVKGHSKAPLNETGEVVNEKAKTHVLDIEQRLQGVIKTRNRVTGLPLSIEGHVHYLIQEATDENLLCQMYLGW
TPYM
;
A,B
2 'polypeptide(L)'
;MAGTSAPGSKRRSEPPAPRPGPPPGTGHPPSKRARGFSAAAAPDPDDPFGAHGDFTADDLEELDTLASQALSQCPAAARD
VSSDHKVHRLLDGMSKNPSGKNRETVPIKDNFELEVLQAQYKELKEKMKVMEEEVLIKNGEIKILRDSLHQTESVLEEQR
RSHFLLEQEKTQALSDKEKEFSKKLQSLQSELQFKDAEMNELRTKLQTSERANKLAAPSVSHVSPRKNPSVVIKPEACSP
QFGKTSFPTKESFSANMSLPHPCQTESGYKPLVGREDSKPHSLRGDSIKQEEAQKSFVDSWRQRSNTQGSILINLLLKQP
LIPGSSLSLCHLLSSSSESPAGTPLQPPGFGSTLAGMSGLRTTGSYDGSFSLSALREAQNLAFTGLNLVARNECSRDGDP
AEGGRRAFPLCQLPGAVHFLPLVQFFIGLHCQALQDLAAAKRSGAPGDSPTHSSCVSSGVETNPEDSVCILEGFSVTALS
ILQHLVCHSGAVVSLLLSGVGADSAAGEGNRSLVHRLSDGDMTSALRGVADDQGQHPLLKMLLHLLAFSSAATGHLQASV
LTQCLKVLVKLAENTSCDFLPRFQCVFQVLPKCLSPETPLPSVLLAVELLSLLADHDQLAPQLCSHSEGCLLLLLYMYIT
SRPDRVALETQWLQLEQEVVWLLAKLGVQSPLPPVTGSNCQCNVEVVRALTVMLHRQWLTVRRAGGPPRTDQQRRTVRCL
RDTVLLLHGLSQKDKLFMMHCVEVLHQFDQVMPGVSMLIRGLPDVTDCEEAALDDLCAAETDVEDPEVECG
;
D,C
#
loop_
_chem_comp.id
_chem_comp.type
_chem_comp.name
_chem_comp.formula
ZN non-polymer 'ZINC ION' 'Zn 2'
#
# COMPACT_ATOMS: atom_id res chain seq x y z
N LEU A 8 -58.81 32.20 -7.39
CA LEU A 8 -58.94 31.66 -6.04
C LEU A 8 -58.95 32.78 -5.01
N ALA A 9 -59.55 32.49 -3.85
CA ALA A 9 -59.60 33.50 -2.79
C ALA A 9 -58.19 33.96 -2.43
N SER A 10 -57.24 33.03 -2.39
CA SER A 10 -55.84 33.42 -2.27
C SER A 10 -55.40 34.23 -3.48
N MET A 11 -55.97 33.93 -4.66
CA MET A 11 -55.58 34.65 -5.86
C MET A 11 -55.88 36.14 -5.73
N ILE A 12 -57.08 36.48 -5.28
CA ILE A 12 -57.40 37.87 -4.99
C ILE A 12 -56.54 38.38 -3.83
N PRO A 13 -56.25 37.58 -2.80
CA PRO A 13 -55.32 38.06 -1.78
C PRO A 13 -53.93 38.29 -2.32
N ALA A 14 -53.45 37.42 -3.21
CA ALA A 14 -52.15 37.64 -3.84
C ALA A 14 -52.15 38.91 -4.67
N LEU A 15 -53.25 39.18 -5.37
CA LEU A 15 -53.36 40.41 -6.15
C LEU A 15 -53.33 41.62 -5.22
N ARG A 16 -54.00 41.53 -4.08
CA ARG A 16 -53.97 42.62 -3.12
C ARG A 16 -52.55 42.85 -2.60
N GLU A 17 -51.82 41.75 -2.35
CA GLU A 17 -50.44 41.86 -1.89
C GLU A 17 -49.58 42.52 -2.95
N LEU A 18 -49.84 42.20 -4.22
CA LEU A 18 -49.13 42.87 -5.30
C LEU A 18 -49.48 44.35 -5.36
N GLY A 19 -50.72 44.69 -5.01
CA GLY A 19 -51.14 46.08 -5.12
C GLY A 19 -50.30 47.01 -4.27
N SER A 20 -49.83 46.54 -3.12
CA SER A 20 -49.11 47.38 -2.19
C SER A 20 -47.88 47.99 -2.85
N ALA A 21 -47.81 49.31 -2.88
CA ALA A 21 -46.71 49.98 -3.57
C ALA A 21 -45.42 49.84 -2.78
N THR A 22 -45.43 50.23 -1.52
CA THR A 22 -44.22 50.14 -0.72
C THR A 22 -43.88 48.67 -0.48
N PRO A 23 -42.61 48.28 -0.65
CA PRO A 23 -42.26 46.89 -0.33
C PRO A 23 -42.58 46.53 1.11
N GLU A 24 -42.39 47.48 2.03
CA GLU A 24 -42.81 47.26 3.40
C GLU A 24 -44.32 47.13 3.50
N GLU A 25 -45.05 47.99 2.77
CA GLU A 25 -46.50 47.82 2.69
C GLU A 25 -46.84 46.43 2.16
N TYR A 26 -46.14 46.00 1.11
CA TYR A 26 -46.27 44.61 0.67
C TYR A 26 -45.63 43.66 1.67
N ASN A 27 -44.48 44.04 2.23
CA ASN A 27 -43.86 43.22 3.24
C ASN A 27 -44.78 43.04 4.44
N THR A 28 -45.56 44.07 4.77
CA THR A 28 -46.48 43.98 5.88
C THR A 28 -47.55 42.92 5.62
N VAL A 29 -48.16 42.94 4.44
CA VAL A 29 -49.25 42.01 4.13
C VAL A 29 -48.76 40.73 3.47
N VAL A 30 -47.47 40.64 3.15
CA VAL A 30 -46.95 39.44 2.51
C VAL A 30 -47.22 38.23 3.39
N GLN A 31 -47.08 38.39 4.71
CA GLN A 31 -47.37 37.29 5.62
C GLN A 31 -48.85 36.93 5.55
N LYS A 32 -49.72 37.92 5.51
CA LYS A 32 -51.14 37.64 5.35
C LYS A 32 -51.44 36.98 4.01
N PRO A 33 -50.88 37.45 2.89
CA PRO A 33 -51.10 36.73 1.63
C PRO A 33 -50.56 35.32 1.65
N ARG A 34 -49.35 35.15 2.19
CA ARG A 34 -48.73 33.83 2.22
C ARG A 34 -49.50 32.88 3.13
N GLN A 35 -50.14 33.41 4.17
CA GLN A 35 -50.82 32.54 5.13
C GLN A 35 -51.92 31.73 4.47
N ILE A 36 -52.75 32.37 3.64
CA ILE A 36 -53.91 31.66 3.09
C ILE A 36 -53.46 30.53 2.19
N LEU A 37 -52.50 30.80 1.30
CA LEU A 37 -51.86 29.73 0.55
C LEU A 37 -51.15 28.78 1.50
N CYS A 38 -50.57 29.30 2.57
CA CYS A 38 -49.99 28.45 3.60
C CYS A 38 -51.04 27.48 4.13
N GLN A 39 -52.24 27.97 4.40
CA GLN A 39 -53.28 27.10 4.95
C GLN A 39 -53.74 26.08 3.93
N PHE A 40 -53.86 26.50 2.67
CA PHE A 40 -54.28 25.57 1.63
C PHE A 40 -53.27 24.44 1.45
N ILE A 41 -51.98 24.79 1.50
CA ILE A 41 -50.94 23.77 1.36
C ILE A 41 -50.95 22.86 2.57
N ASP A 42 -50.97 23.44 3.77
CA ASP A 42 -51.02 22.62 4.99
C ASP A 42 -52.21 21.68 4.95
N ARG A 43 -53.32 22.11 4.34
CA ARG A 43 -54.45 21.23 4.15
C ARG A 43 -54.08 20.06 3.23
N ILE A 44 -53.26 20.32 2.21
CA ILE A 44 -52.83 19.26 1.32
C ILE A 44 -51.78 18.38 1.99
N LEU A 45 -50.80 19.00 2.64
CA LEU A 45 -49.65 18.29 3.17
C LEU A 45 -49.85 17.79 4.59
N THR A 46 -51.06 17.91 5.14
CA THR A 46 -51.29 17.46 6.50
C THR A 46 -50.94 15.99 6.67
N ASP A 47 -51.41 15.14 5.77
CA ASP A 47 -51.21 13.69 5.87
C ASP A 47 -50.72 13.15 4.54
N VAL A 48 -49.54 12.53 4.57
CA VAL A 48 -49.04 11.86 3.37
C VAL A 48 -49.96 10.71 3.00
N ASN A 49 -50.48 9.99 3.99
CA ASN A 49 -51.47 8.97 3.73
C ASN A 49 -52.70 9.58 3.08
N VAL A 50 -53.08 10.79 3.50
CA VAL A 50 -54.22 11.45 2.88
C VAL A 50 -53.92 11.76 1.43
N VAL A 51 -52.70 12.20 1.15
CA VAL A 51 -52.32 12.50 -0.23
C VAL A 51 -52.37 11.24 -1.08
N ALA A 52 -51.88 10.13 -0.53
CA ALA A 52 -51.95 8.86 -1.25
C ALA A 52 -53.40 8.46 -1.50
N VAL A 53 -54.27 8.74 -0.53
CA VAL A 53 -55.70 8.48 -0.73
C VAL A 53 -56.21 9.29 -1.90
N GLU A 54 -55.80 10.56 -1.98
CA GLU A 54 -56.07 11.34 -3.18
C GLU A 54 -55.45 10.68 -4.40
N LEU A 55 -54.31 10.02 -4.22
CA LEU A 55 -53.65 9.28 -5.30
C LEU A 55 -54.19 7.87 -5.40
N GLN A 62 -58.67 15.57 -11.19
CA GLN A 62 -57.26 15.40 -10.86
C GLN A 62 -57.05 15.47 -9.36
N PRO A 63 -55.96 14.88 -8.88
CA PRO A 63 -55.69 14.93 -7.43
C PRO A 63 -55.57 16.36 -6.95
N THR A 64 -56.26 16.63 -5.83
CA THR A 64 -56.21 17.96 -5.25
C THR A 64 -54.78 18.37 -4.90
N SER A 65 -53.96 17.39 -4.50
CA SER A 65 -52.56 17.69 -4.19
C SER A 65 -51.78 18.04 -5.46
N VAL A 66 -52.03 17.31 -6.54
CA VAL A 66 -51.37 17.66 -7.80
C VAL A 66 -51.84 19.03 -8.26
N MET A 67 -53.13 19.31 -8.07
CA MET A 67 -53.63 20.65 -8.36
C MET A 67 -52.91 21.69 -7.51
N LEU A 68 -52.62 21.35 -6.25
CA LEU A 68 -51.94 22.29 -5.38
C LEU A 68 -50.51 22.53 -5.84
N LEU A 69 -49.81 21.47 -6.25
CA LEU A 69 -48.45 21.65 -6.73
C LEU A 69 -48.43 22.50 -7.99
N ASP A 70 -49.31 22.19 -8.93
CA ASP A 70 -49.38 22.97 -10.16
C ASP A 70 -49.75 24.41 -9.85
N PHE A 71 -50.64 24.61 -8.87
CA PHE A 71 -51.03 25.95 -8.48
C PHE A 71 -49.86 26.71 -7.87
N ILE A 72 -49.05 26.03 -7.07
CA ILE A 72 -47.88 26.70 -6.50
C ILE A 72 -46.95 27.14 -7.61
N GLN A 73 -46.72 26.27 -8.59
CA GLN A 73 -45.84 26.62 -9.70
C GLN A 73 -46.42 27.78 -10.51
N HIS A 74 -47.71 27.70 -10.84
CA HIS A 74 -48.32 28.71 -11.69
C HIS A 74 -48.39 30.06 -10.97
N ILE A 75 -48.71 30.05 -9.68
CA ILE A 75 -48.77 31.29 -8.92
C ILE A 75 -47.37 31.87 -8.74
N MET A 76 -46.37 31.02 -8.51
CA MET A 76 -45.01 31.52 -8.39
C MET A 76 -44.57 32.20 -9.68
N LYS A 77 -44.89 31.58 -10.81
CA LYS A 77 -44.60 32.23 -12.09
C LYS A 77 -45.39 33.52 -12.23
N SER A 78 -46.66 33.51 -11.82
CA SER A 78 -47.51 34.68 -11.97
C SER A 78 -47.12 35.77 -10.98
N SER A 79 -46.82 35.40 -9.74
CA SER A 79 -46.52 36.35 -8.67
C SER A 79 -45.19 35.98 -8.04
N PRO A 80 -44.09 36.20 -8.76
CA PRO A 80 -42.78 35.97 -8.13
C PRO A 80 -42.54 36.89 -6.94
N LEU A 81 -42.99 38.15 -7.04
CA LEU A 81 -42.77 39.09 -5.95
C LEU A 81 -43.36 38.56 -4.65
N MET A 82 -44.54 37.94 -4.73
CA MET A 82 -45.15 37.40 -3.53
C MET A 82 -44.29 36.32 -2.91
N PHE A 83 -43.78 35.40 -3.72
CA PHE A 83 -42.99 34.30 -3.18
C PHE A 83 -41.67 34.82 -2.64
N VAL A 84 -41.00 35.69 -3.38
CA VAL A 84 -39.72 36.27 -2.99
C VAL A 84 -39.74 37.75 -3.32
N ASN A 85 -39.40 38.58 -2.35
CA ASN A 85 -39.42 40.03 -2.48
C ASN A 85 -38.09 40.61 -2.07
N VAL A 86 -37.57 41.54 -2.88
CA VAL A 86 -36.34 42.24 -2.50
C VAL A 86 -36.58 43.04 -1.24
N SER A 87 -35.71 42.85 -0.24
CA SER A 87 -35.82 43.52 1.04
C SER A 87 -34.50 44.19 1.37
N GLY A 88 -34.53 45.51 1.56
CA GLY A 88 -33.32 46.23 1.94
C GLY A 88 -32.78 45.79 3.28
N SER A 89 -33.65 45.72 4.29
CA SER A 89 -33.26 45.12 5.57
C SER A 89 -32.93 43.65 5.38
N HIS A 90 -33.55 43.01 4.39
CA HIS A 90 -33.44 41.58 4.09
C HIS A 90 -34.26 40.77 5.07
N GLU A 91 -34.89 41.39 6.06
CA GLU A 91 -35.76 40.65 6.96
C GLU A 91 -36.94 40.08 6.22
N ALA A 92 -37.50 40.84 5.28
CA ALA A 92 -38.54 40.29 4.42
C ALA A 92 -38.00 39.12 3.60
N LYS A 93 -36.76 39.24 3.13
CA LYS A 93 -36.15 38.13 2.40
C LYS A 93 -36.00 36.92 3.32
N GLY A 94 -35.63 37.15 4.57
CA GLY A 94 -35.51 36.04 5.51
C GLY A 94 -36.84 35.37 5.80
N SER A 95 -37.90 36.16 5.96
CA SER A 95 -39.22 35.58 6.20
C SER A 95 -39.70 34.81 4.97
N CYS A 96 -39.45 35.33 3.78
CA CYS A 96 -39.80 34.59 2.57
C CYS A 96 -39.01 33.29 2.50
N ILE A 97 -37.73 33.35 2.88
CA ILE A 97 -36.92 32.14 2.95
C ILE A 97 -37.52 31.16 3.94
N GLU A 98 -38.08 31.67 5.04
CA GLU A 98 -38.70 30.79 6.02
C GLU A 98 -39.94 30.12 5.46
N PHE A 99 -40.77 30.87 4.75
CA PHE A 99 -41.95 30.27 4.14
C PHE A 99 -41.54 29.21 3.13
N SER A 100 -40.49 29.49 2.36
CA SER A 100 -39.98 28.50 1.43
C SER A 100 -39.42 27.29 2.15
N ASN A 101 -38.82 27.51 3.33
CA ASN A 101 -38.30 26.39 4.10
C ASN A 101 -39.43 25.48 4.55
N TRP A 102 -40.54 26.07 5.00
CA TRP A 102 -41.70 25.27 5.36
C TRP A 102 -42.24 24.53 4.14
N ILE A 103 -42.29 25.20 3.00
CA ILE A 103 -42.78 24.56 1.79
C ILE A 103 -41.90 23.39 1.42
N ILE A 104 -40.58 23.58 1.47
CA ILE A 104 -39.65 22.51 1.13
C ILE A 104 -39.75 21.36 2.11
N THR A 105 -40.02 21.69 3.39
CA THR A 105 -40.16 20.62 4.37
C THR A 105 -41.40 19.78 4.08
N ARG A 106 -42.52 20.44 3.82
CA ARG A 106 -43.72 19.71 3.44
C ARG A 106 -43.49 18.91 2.16
N LEU A 107 -42.69 19.46 1.25
CA LEU A 107 -42.44 18.77 -0.01
C LEU A 107 -41.63 17.51 0.22
N LEU A 108 -40.60 17.59 1.07
CA LEU A 108 -39.85 16.39 1.40
C LEU A 108 -40.76 15.37 2.07
N ARG A 109 -41.64 15.85 2.95
CA ARG A 109 -42.56 14.94 3.61
C ARG A 109 -43.42 14.22 2.57
N ILE A 110 -43.87 14.95 1.55
CA ILE A 110 -44.66 14.35 0.49
C ILE A 110 -43.83 13.32 -0.26
N ALA A 111 -42.57 13.65 -0.54
CA ALA A 111 -41.70 12.72 -1.26
C ALA A 111 -41.54 11.43 -0.49
N ALA A 112 -41.52 11.50 0.84
CA ALA A 112 -41.37 10.29 1.64
C ALA A 112 -42.45 9.27 1.32
N THR A 113 -43.64 9.74 0.96
CA THR A 113 -44.73 8.82 0.67
C THR A 113 -44.46 8.08 -0.63
N PRO A 114 -44.74 6.78 -0.71
CA PRO A 114 -44.48 6.06 -1.96
C PRO A 114 -45.49 6.38 -3.05
N SER A 115 -46.79 6.35 -2.75
CA SER A 115 -47.77 6.76 -3.76
C SER A 115 -47.48 8.18 -4.22
N CYS A 116 -46.89 8.99 -3.34
CA CYS A 116 -46.40 10.30 -3.73
C CYS A 116 -45.22 10.19 -4.69
N HIS A 117 -44.71 8.98 -4.94
CA HIS A 117 -43.63 8.83 -5.91
C HIS A 117 -44.03 9.41 -7.26
N LEU A 118 -45.27 9.16 -7.68
CA LEU A 118 -45.74 9.70 -8.95
C LEU A 118 -45.72 11.23 -8.94
N LEU A 119 -46.14 11.83 -7.82
CA LEU A 119 -46.09 13.28 -7.71
C LEU A 119 -44.66 13.77 -7.65
N HIS A 120 -43.73 12.89 -7.22
CA HIS A 120 -42.35 13.30 -6.99
C HIS A 120 -41.82 14.14 -8.15
N LYS A 121 -42.18 13.79 -9.39
CA LYS A 121 -41.70 14.57 -10.52
C LYS A 121 -42.23 16.00 -10.45
N LYS A 122 -43.52 16.16 -10.22
CA LYS A 122 -44.08 17.50 -10.10
C LYS A 122 -43.50 18.22 -8.90
N ILE A 123 -43.21 17.48 -7.85
CA ILE A 123 -42.66 18.09 -6.64
C ILE A 123 -41.28 18.66 -6.94
N CYS A 124 -40.47 17.91 -7.69
CA CYS A 124 -39.19 18.42 -8.15
C CYS A 124 -39.36 19.65 -9.01
N GLU A 125 -40.37 19.64 -9.89
CA GLU A 125 -40.62 20.82 -10.71
C GLU A 125 -40.90 22.02 -9.84
N VAL A 126 -41.75 21.86 -8.83
CA VAL A 126 -42.12 22.98 -7.97
C VAL A 126 -40.92 23.47 -7.18
N ILE A 127 -40.12 22.54 -6.64
CA ILE A 127 -39.01 22.94 -5.79
C ILE A 127 -37.94 23.62 -6.61
N CYS A 128 -37.62 23.07 -7.78
CA CYS A 128 -36.63 23.69 -8.63
C CYS A 128 -37.14 25.01 -9.18
N SER A 129 -38.45 25.13 -9.41
CA SER A 129 -38.99 26.40 -9.86
C SER A 129 -38.85 27.46 -8.78
N LEU A 130 -39.10 27.08 -7.53
CA LEU A 130 -38.90 27.99 -6.42
C LEU A 130 -37.44 28.39 -6.31
N LEU A 131 -36.54 27.41 -6.46
CA LEU A 131 -35.11 27.70 -6.40
C LEU A 131 -34.70 28.64 -7.53
N PHE A 132 -35.20 28.39 -8.75
CA PHE A 132 -34.83 29.21 -9.89
C PHE A 132 -35.37 30.63 -9.72
N LEU A 133 -36.56 30.75 -9.16
CA LEU A 133 -37.12 32.07 -8.91
C LEU A 133 -36.29 32.82 -7.87
N PHE A 134 -35.90 32.12 -6.80
CA PHE A 134 -35.06 32.76 -5.80
C PHE A 134 -33.75 33.20 -6.41
N LYS A 135 -33.22 32.41 -7.35
CA LYS A 135 -32.02 32.81 -8.07
C LYS A 135 -32.27 34.07 -8.86
N SER A 136 -33.45 34.18 -9.48
CA SER A 136 -33.80 35.41 -10.16
C SER A 136 -34.19 36.49 -9.17
N LYS A 137 -34.85 36.11 -8.08
CA LYS A 137 -35.34 37.10 -7.14
C LYS A 137 -34.19 37.76 -6.37
N SER A 138 -33.41 36.94 -5.66
CA SER A 138 -32.31 37.47 -4.88
C SER A 138 -31.19 36.46 -4.91
N PRO A 139 -30.02 36.83 -5.44
CA PRO A 139 -28.96 35.83 -5.56
C PRO A 139 -28.52 35.30 -4.21
N ALA A 140 -28.44 36.15 -3.19
CA ALA A 140 -28.07 35.68 -1.87
C ALA A 140 -29.13 34.75 -1.29
N ILE A 141 -30.41 35.05 -1.54
CA ILE A 141 -31.46 34.18 -1.01
C ILE A 141 -31.37 32.81 -1.66
N PHE A 142 -31.16 32.78 -2.97
CA PHE A 142 -31.00 31.51 -3.67
C PHE A 142 -29.75 30.80 -3.19
N GLY A 143 -28.69 31.53 -2.91
CA GLY A 143 -27.48 30.91 -2.40
C GLY A 143 -27.70 30.26 -1.05
N VAL A 144 -28.44 30.95 -0.16
CA VAL A 144 -28.69 30.39 1.16
C VAL A 144 -29.58 29.16 1.05
N LEU A 145 -30.61 29.24 0.20
CA LEU A 145 -31.45 28.08 0.01
C LEU A 145 -30.66 26.93 -0.59
N THR A 146 -29.74 27.23 -1.50
CA THR A 146 -28.94 26.19 -2.14
C THR A 146 -27.99 25.56 -1.14
N LYS A 147 -27.40 26.37 -0.28
CA LYS A 147 -26.54 25.82 0.77
C LYS A 147 -27.35 24.94 1.69
N GLU A 148 -28.59 25.34 1.99
CA GLU A 148 -29.44 24.51 2.84
C GLU A 148 -29.76 23.18 2.15
N LEU A 149 -30.11 23.23 0.87
CA LEU A 149 -30.48 22.01 0.17
C LEU A 149 -29.28 21.08 0.03
N LEU A 150 -28.12 21.63 -0.30
CA LEU A 150 -26.92 20.82 -0.41
C LEU A 150 -26.55 20.24 0.95
N GLN A 151 -26.70 21.03 2.02
CA GLN A 151 -26.37 20.52 3.34
C GLN A 151 -27.30 19.38 3.73
N LEU A 152 -28.59 19.53 3.46
CA LEU A 152 -29.54 18.47 3.77
C LEU A 152 -29.21 17.21 2.98
N PHE A 153 -28.84 17.38 1.71
CA PHE A 153 -28.50 16.21 0.90
C PHE A 153 -27.24 15.55 1.42
N GLU A 154 -26.26 16.35 1.86
CA GLU A 154 -25.02 15.78 2.37
C GLU A 154 -25.29 15.01 3.65
N ASP A 155 -26.16 15.56 4.51
CA ASP A 155 -26.48 14.87 5.74
C ASP A 155 -27.20 13.56 5.46
N LEU A 156 -28.15 13.58 4.54
CA LEU A 156 -28.86 12.35 4.18
C LEU A 156 -27.90 11.32 3.61
N VAL A 157 -26.96 11.76 2.78
CA VAL A 157 -26.02 10.81 2.16
C VAL A 157 -25.09 10.23 3.22
N TYR A 158 -24.63 11.07 4.16
CA TYR A 158 -23.76 10.56 5.22
C TYR A 158 -24.52 9.56 6.08
N LEU A 159 -25.80 9.85 6.36
CA LEU A 159 -26.61 8.90 7.11
C LEU A 159 -26.77 7.60 6.34
N HIS A 160 -26.96 7.70 5.02
CA HIS A 160 -27.05 6.48 4.21
C HIS A 160 -25.76 5.69 4.28
N ARG A 161 -24.61 6.37 4.30
CA ARG A 161 -23.34 5.68 4.40
C ARG A 161 -23.22 4.98 5.74
N ARG A 162 -23.66 5.65 6.81
CA ARG A 162 -23.64 5.02 8.12
C ARG A 162 -24.56 3.82 8.17
N ASN A 163 -25.73 3.91 7.53
CA ASN A 163 -26.65 2.79 7.48
C ASN A 163 -26.03 1.61 6.73
N VAL A 164 -25.37 1.89 5.60
CA VAL A 164 -24.69 0.83 4.86
C VAL A 164 -23.62 0.19 5.73
N MET A 165 -22.88 0.99 6.47
CA MET A 165 -22.00 0.44 7.50
C MET A 165 -22.83 -0.22 8.59
N GLY A 166 -23.99 0.34 8.91
CA GLY A 166 -24.86 -0.26 9.89
C GLY A 166 -24.42 -0.11 11.32
N HIS A 167 -23.50 0.83 11.59
CA HIS A 167 -22.98 0.95 12.95
C HIS A 167 -24.10 1.28 13.94
N ALA A 168 -24.88 2.32 13.66
CA ALA A 168 -26.04 2.63 14.48
C ALA A 168 -26.96 3.61 13.76
N VAL A 169 -28.21 3.21 13.55
CA VAL A 169 -29.23 4.08 12.98
C VAL A 169 -30.42 4.09 13.91
N GLU A 170 -30.79 5.28 14.41
CA GLU A 170 -32.06 5.42 15.10
C GLU A 170 -33.21 5.18 14.14
N TRP A 171 -33.07 5.66 12.92
CA TRP A 171 -34.03 5.69 11.83
C TRP A 171 -35.34 6.34 12.26
N PRO A 172 -35.30 7.28 13.19
CA PRO A 172 -36.11 8.49 13.04
C PRO A 172 -35.17 9.57 12.53
N VAL A 173 -35.54 10.35 11.54
CA VAL A 173 -34.68 11.43 11.06
C VAL A 173 -35.42 12.74 11.16
N VAL A 174 -34.73 13.74 11.69
CA VAL A 174 -35.17 15.12 11.65
C VAL A 174 -34.03 15.95 11.11
N MET A 175 -34.34 16.95 10.31
CA MET A 175 -33.34 17.73 9.61
C MET A 175 -33.43 19.19 10.03
N SER A 176 -32.31 19.75 10.47
CA SER A 176 -32.26 21.16 10.76
C SER A 176 -32.53 21.99 9.52
N ARG A 177 -32.03 21.54 8.38
CA ARG A 177 -32.20 22.33 7.17
C ARG A 177 -33.68 22.56 6.92
N PHE A 178 -34.01 23.76 6.48
CA PHE A 178 -35.34 24.14 6.03
C PHE A 178 -36.33 24.22 7.19
N LEU A 179 -35.86 24.15 8.43
CA LEU A 179 -36.72 24.34 9.58
C LEU A 179 -37.36 25.73 9.53
N SER A 180 -38.61 25.82 9.98
CA SER A 180 -39.39 27.03 9.83
C SER A 180 -40.28 27.24 11.05
N GLN A 181 -40.42 28.49 11.46
CA GLN A 181 -41.38 28.89 12.48
C GLN A 181 -42.75 29.22 11.91
N LEU A 182 -42.90 29.13 10.58
CA LEU A 182 -44.20 29.45 9.97
C LEU A 182 -45.29 28.53 10.50
N ASP A 183 -44.99 27.25 10.63
CA ASP A 183 -45.97 26.32 11.19
C ASP A 183 -46.36 26.74 12.59
N GLU A 184 -45.38 27.19 13.39
CA GLU A 184 -45.68 27.70 14.72
C GLU A 184 -46.64 28.89 14.66
N HIS A 185 -46.53 29.71 13.61
CA HIS A 185 -47.40 30.87 13.48
C HIS A 185 -48.83 30.42 13.18
N SER A 191 -47.06 19.81 12.45
CA SER A 191 -46.33 19.39 11.26
C SER A 191 -45.05 18.66 11.63
N ALA A 192 -44.62 17.74 10.77
CA ALA A 192 -43.43 16.95 11.00
C ALA A 192 -42.37 17.33 9.99
N PRO A 193 -41.21 17.82 10.43
CA PRO A 193 -40.17 18.18 9.47
C PRO A 193 -39.25 17.02 9.10
N LEU A 194 -39.16 16.73 7.80
CA LEU A 194 -38.15 15.82 7.27
C LEU A 194 -38.13 14.51 8.06
N GLN A 195 -39.31 13.95 8.28
CA GLN A 195 -39.46 12.78 9.14
C GLN A 195 -39.48 11.52 8.31
N LEU A 196 -38.54 10.62 8.61
CA LEU A 196 -38.44 9.33 7.94
C LEU A 196 -38.25 8.27 9.00
N MET A 197 -39.05 7.21 8.93
CA MET A 197 -38.89 6.09 9.84
C MET A 197 -38.26 4.87 9.18
N SER A 198 -37.98 4.93 7.88
CA SER A 198 -37.45 3.79 7.16
C SER A 198 -36.46 4.26 6.11
N MET A 199 -35.60 3.33 5.68
CA MET A 199 -34.61 3.66 4.67
C MET A 199 -35.23 3.84 3.29
N GLN A 200 -36.38 3.22 3.04
CA GLN A 200 -37.03 3.42 1.74
C GLN A 200 -37.47 4.87 1.58
N ASN A 201 -38.01 5.46 2.64
CA ASN A 201 -38.34 6.88 2.58
C ASN A 201 -37.11 7.71 2.28
N LEU A 202 -35.98 7.33 2.89
CA LEU A 202 -34.73 8.04 2.61
C LEU A 202 -34.36 7.89 1.14
N GLU A 203 -34.67 6.75 0.54
CA GLU A 203 -34.39 6.58 -0.88
C GLU A 203 -35.27 7.50 -1.72
N PHE A 204 -36.54 7.67 -1.33
CA PHE A 204 -37.42 8.57 -2.05
C PHE A 204 -36.90 9.99 -1.99
N ILE A 205 -36.53 10.44 -0.79
CA ILE A 205 -36.00 11.78 -0.63
C ILE A 205 -34.71 11.93 -1.42
N GLU A 206 -33.85 10.92 -1.35
CA GLU A 206 -32.57 10.99 -2.02
C GLU A 206 -32.75 11.19 -3.52
N VAL A 207 -33.67 10.43 -4.12
CA VAL A 207 -33.87 10.57 -5.56
C VAL A 207 -34.41 11.95 -5.89
N THR A 208 -35.38 12.43 -5.11
CA THR A 208 -35.94 13.73 -5.46
C THR A 208 -34.90 14.82 -5.29
N LEU A 209 -34.04 14.68 -4.30
CA LEU A 209 -32.96 15.64 -4.12
C LEU A 209 -32.02 15.60 -5.30
N LEU A 210 -31.69 14.41 -5.77
CA LEU A 210 -30.82 14.31 -6.93
C LEU A 210 -31.45 15.01 -8.12
N MET A 211 -32.76 14.86 -8.28
CA MET A 211 -33.43 15.54 -9.39
C MET A 211 -33.32 17.04 -9.25
N VAL A 212 -33.68 17.56 -8.07
CA VAL A 212 -33.63 18.99 -7.85
C VAL A 212 -32.22 19.50 -8.10
N LEU A 213 -31.22 18.71 -7.71
CA LEU A 213 -29.85 19.18 -7.82
C LEU A 213 -29.37 19.19 -9.26
N THR A 214 -29.66 18.12 -10.00
CA THR A 214 -29.41 18.13 -11.43
C THR A 214 -30.00 19.37 -12.05
N ARG A 215 -31.21 19.73 -11.65
CA ARG A 215 -31.84 20.90 -12.22
C ARG A 215 -31.11 22.16 -11.79
N ILE A 216 -30.51 22.14 -10.59
CA ILE A 216 -29.77 23.29 -10.10
C ILE A 216 -28.30 23.13 -10.42
N ILE A 217 -27.96 22.11 -11.21
CA ILE A 217 -26.57 21.71 -11.37
C ILE A 217 -25.71 22.88 -11.81
N ALA A 218 -26.17 23.64 -12.81
CA ALA A 218 -25.34 24.73 -13.31
C ALA A 218 -25.33 25.90 -12.35
N ILE A 219 -26.52 26.32 -11.92
CA ILE A 219 -26.63 27.48 -11.05
C ILE A 219 -25.78 27.31 -9.80
N VAL A 220 -25.59 26.07 -9.36
CA VAL A 220 -24.83 25.78 -8.14
C VAL A 220 -23.41 25.29 -8.45
N PHE A 221 -23.00 25.30 -9.72
CA PHE A 221 -21.67 24.84 -10.08
C PHE A 221 -20.55 25.68 -9.46
N PHE A 222 -20.87 26.71 -8.68
CA PHE A 222 -19.84 27.58 -8.13
C PHE A 222 -18.78 26.77 -7.41
N ARG A 223 -17.52 27.18 -7.57
CA ARG A 223 -16.41 26.39 -7.09
C ARG A 223 -16.57 26.09 -5.61
N ARG A 224 -16.08 24.91 -5.20
CA ARG A 224 -16.07 24.50 -3.80
C ARG A 224 -17.47 24.10 -3.33
N GLN A 225 -18.48 24.36 -4.14
CA GLN A 225 -19.66 23.52 -4.05
C GLN A 225 -19.41 22.21 -4.77
N GLU A 226 -18.70 22.27 -5.89
CA GLU A 226 -18.54 21.10 -6.74
C GLU A 226 -17.98 19.94 -5.95
N LEU A 227 -17.05 20.22 -5.04
CA LEU A 227 -16.51 19.16 -4.20
C LEU A 227 -17.59 18.52 -3.37
N LEU A 228 -18.44 19.34 -2.75
CA LEU A 228 -19.51 18.79 -1.92
C LEU A 228 -20.47 17.96 -2.75
N LEU A 229 -20.78 18.44 -3.95
CA LEU A 229 -21.68 17.69 -4.82
C LEU A 229 -21.09 16.35 -5.18
N TRP A 230 -19.82 16.36 -5.56
CA TRP A 230 -19.15 15.11 -5.89
C TRP A 230 -19.17 14.17 -4.70
N GLN A 231 -18.97 14.72 -3.51
CA GLN A 231 -19.03 13.90 -2.31
C GLN A 231 -20.41 13.28 -2.18
N ILE A 232 -21.44 14.06 -2.43
CA ILE A 232 -22.79 13.53 -2.36
C ILE A 232 -22.93 12.35 -3.30
N GLY A 233 -22.64 12.59 -4.57
CA GLY A 233 -22.92 11.57 -5.57
C GLY A 233 -22.10 10.32 -5.32
N CYS A 234 -20.85 10.49 -4.88
CA CYS A 234 -20.04 9.34 -4.59
C CYS A 234 -20.62 8.53 -3.44
N VAL A 235 -21.00 9.22 -2.36
CA VAL A 235 -21.66 8.51 -1.27
C VAL A 235 -22.86 7.75 -1.80
N LEU A 236 -23.54 8.31 -2.80
CA LEU A 236 -24.67 7.61 -3.40
C LEU A 236 -24.21 6.35 -4.08
N LEU A 237 -23.10 6.43 -4.83
CA LEU A 237 -22.55 5.22 -5.42
C LEU A 237 -22.07 4.26 -4.35
N GLU A 238 -21.43 4.79 -3.31
CA GLU A 238 -20.92 3.93 -2.25
C GLU A 238 -22.04 3.12 -1.63
N TYR A 239 -23.17 3.75 -1.38
CA TYR A 239 -24.33 3.04 -0.88
C TYR A 239 -25.59 3.70 -1.40
N GLY A 240 -26.55 2.87 -1.76
CA GLY A 240 -27.85 3.36 -2.15
C GLY A 240 -28.58 2.32 -2.97
N SER A 241 -29.80 2.67 -3.37
CA SER A 241 -30.57 1.79 -4.22
C SER A 241 -29.99 1.79 -5.63
N PRO A 242 -30.14 0.68 -6.35
CA PRO A 242 -29.64 0.66 -7.74
C PRO A 242 -30.25 1.76 -8.59
N LYS A 243 -31.55 2.03 -8.44
CA LYS A 243 -32.13 3.15 -9.16
C LYS A 243 -31.45 4.44 -8.75
N ILE A 244 -31.23 4.59 -7.46
CA ILE A 244 -30.47 5.73 -6.95
C ILE A 244 -29.09 5.75 -7.56
N LYS A 245 -28.46 4.58 -7.68
CA LYS A 245 -27.11 4.53 -8.22
C LYS A 245 -27.09 5.01 -9.67
N SER A 246 -28.11 4.64 -10.44
CA SER A 246 -28.18 5.12 -11.82
C SER A 246 -28.39 6.63 -11.86
N LEU A 247 -29.29 7.13 -11.02
CA LEU A 247 -29.52 8.57 -10.97
C LEU A 247 -28.22 9.29 -10.67
N ALA A 248 -27.43 8.74 -9.76
CA ALA A 248 -26.17 9.35 -9.40
C ALA A 248 -25.19 9.31 -10.54
N ILE A 249 -25.16 8.19 -11.26
CA ILE A 249 -24.25 8.11 -12.40
C ILE A 249 -24.55 9.26 -13.35
N SER A 250 -25.83 9.46 -13.64
CA SER A 250 -26.22 10.55 -14.53
C SER A 250 -25.84 11.89 -13.93
N PHE A 251 -26.08 12.06 -12.63
CA PHE A 251 -25.79 13.33 -12.00
C PHE A 251 -24.33 13.70 -12.14
N LEU A 252 -23.45 12.82 -11.67
CA LEU A 252 -22.03 13.15 -11.71
C LEU A 252 -21.54 13.22 -13.15
N THR A 253 -22.21 12.55 -14.08
CA THR A 253 -21.90 12.79 -15.48
C THR A 253 -22.12 14.25 -15.85
N GLU A 254 -23.26 14.79 -15.42
CA GLU A 254 -23.54 16.19 -15.69
C GLU A 254 -22.51 17.09 -15.01
N LEU A 255 -22.20 16.78 -13.76
CA LEU A 255 -21.23 17.57 -13.01
C LEU A 255 -19.88 17.52 -13.68
N PHE A 256 -19.52 16.36 -14.22
CA PHE A 256 -18.20 16.19 -14.79
C PHE A 256 -18.07 16.98 -16.08
N GLN A 257 -18.99 16.77 -17.02
CA GLN A 257 -18.93 17.58 -18.22
C GLN A 257 -18.98 19.05 -17.85
N LEU A 258 -19.64 19.37 -16.75
CA LEU A 258 -19.73 20.76 -16.33
C LEU A 258 -18.40 21.27 -15.81
N GLY A 259 -17.82 20.56 -14.84
CA GLY A 259 -16.66 21.06 -14.15
C GLY A 259 -15.47 20.14 -14.15
N GLY A 260 -15.52 19.11 -14.96
CA GLY A 260 -14.46 18.13 -14.97
C GLY A 260 -14.50 17.30 -13.72
N LEU A 261 -13.45 16.51 -13.53
CA LEU A 261 -13.39 15.63 -12.39
C LEU A 261 -12.33 16.11 -11.43
N PRO A 262 -12.71 16.48 -10.22
CA PRO A 262 -11.70 16.90 -9.25
C PRO A 262 -10.98 15.70 -8.67
N ALA A 263 -9.72 15.90 -8.33
CA ALA A 263 -8.89 14.78 -7.91
C ALA A 263 -9.51 14.03 -6.74
N GLN A 264 -9.84 14.74 -5.67
CA GLN A 264 -10.21 14.03 -4.45
C GLN A 264 -11.39 13.11 -4.68
N PRO A 265 -12.45 13.54 -5.36
CA PRO A 265 -13.47 12.59 -5.79
C PRO A 265 -12.93 11.52 -6.71
N ALA A 266 -11.93 11.88 -7.51
CA ALA A 266 -11.57 11.04 -8.64
C ALA A 266 -11.23 9.64 -8.18
N SER A 267 -10.52 9.52 -7.07
CA SER A 267 -10.17 8.20 -6.56
C SER A 267 -11.41 7.36 -6.33
N THR A 268 -12.30 7.87 -5.48
CA THR A 268 -13.50 7.12 -5.14
C THR A 268 -14.35 6.88 -6.36
N PHE A 269 -14.46 7.89 -7.22
CA PHE A 269 -15.31 7.77 -8.38
C PHE A 269 -14.83 6.66 -9.28
N PHE A 270 -13.55 6.65 -9.60
CA PHE A 270 -13.03 5.67 -10.53
C PHE A 270 -13.06 4.28 -9.92
N SER A 271 -12.81 4.19 -8.62
CA SER A 271 -12.99 2.94 -7.94
C SER A 271 -14.40 2.41 -8.15
N SER A 272 -15.38 3.24 -7.79
CA SER A 272 -16.77 2.84 -7.91
C SER A 272 -17.13 2.49 -9.33
N PHE A 273 -16.52 3.21 -10.28
CA PHE A 273 -16.88 3.03 -11.68
C PHE A 273 -16.37 1.72 -12.23
N LEU A 274 -15.08 1.43 -12.05
CA LEU A 274 -14.59 0.13 -12.49
C LEU A 274 -15.34 -0.97 -11.78
N GLU A 275 -15.74 -0.72 -10.53
CA GLU A 275 -16.49 -1.72 -9.80
C GLU A 275 -17.88 -1.91 -10.40
N LEU A 276 -18.54 -0.82 -10.77
CA LEU A 276 -19.83 -0.93 -11.43
C LEU A 276 -19.68 -1.67 -12.75
N LEU A 277 -18.56 -1.45 -13.43
CA LEU A 277 -18.31 -2.17 -14.68
C LEU A 277 -18.25 -3.66 -14.42
N LYS A 278 -17.52 -4.07 -13.39
CA LYS A 278 -17.48 -5.49 -13.05
C LYS A 278 -18.87 -5.98 -12.66
N HIS A 279 -19.63 -5.14 -11.97
CA HIS A 279 -21.00 -5.50 -11.62
C HIS A 279 -21.87 -5.71 -12.85
N LEU A 280 -21.61 -4.95 -13.92
CA LEU A 280 -22.51 -4.95 -15.06
C LEU A 280 -22.77 -6.38 -15.54
N VAL A 281 -21.72 -7.21 -15.54
CA VAL A 281 -21.91 -8.62 -15.88
C VAL A 281 -22.77 -9.29 -14.83
N GLU A 282 -22.48 -9.02 -13.56
CA GLU A 282 -23.23 -9.63 -12.48
C GLU A 282 -24.70 -9.22 -12.54
N MET A 283 -24.95 -7.98 -12.95
CA MET A 283 -26.29 -7.41 -12.84
C MET A 283 -27.28 -8.21 -13.68
N ASP A 284 -28.50 -8.31 -13.19
CA ASP A 284 -29.59 -8.81 -14.02
C ASP A 284 -29.90 -7.83 -15.14
N THR A 285 -30.55 -8.34 -16.18
CA THR A 285 -30.84 -7.52 -17.35
C THR A 285 -31.66 -6.30 -16.97
N ASP A 286 -32.59 -6.44 -16.02
CA ASP A 286 -33.36 -5.30 -15.58
C ASP A 286 -32.48 -4.32 -14.82
N GLN A 287 -31.64 -4.83 -13.91
CA GLN A 287 -30.67 -3.96 -13.27
C GLN A 287 -29.73 -3.37 -14.32
N LEU A 288 -29.34 -4.19 -15.29
CA LEU A 288 -28.42 -3.72 -16.32
C LEU A 288 -29.00 -2.54 -17.08
N LYS A 289 -30.26 -2.63 -17.50
CA LYS A 289 -30.86 -1.54 -18.24
C LYS A 289 -31.13 -0.35 -17.34
N LEU A 290 -31.53 -0.59 -16.10
CA LEU A 290 -31.75 0.50 -15.17
C LEU A 290 -30.47 1.32 -15.00
N TYR A 291 -29.32 0.67 -15.09
CA TYR A 291 -28.04 1.36 -14.95
C TYR A 291 -27.38 1.69 -16.29
N GLU A 292 -27.96 1.27 -17.41
CA GLU A 292 -27.21 1.34 -18.66
C GLU A 292 -27.01 2.77 -19.13
N GLU A 293 -28.09 3.46 -19.46
CA GLU A 293 -27.97 4.70 -20.20
C GLU A 293 -27.08 5.69 -19.46
N PRO A 294 -27.14 5.76 -18.13
CA PRO A 294 -26.21 6.66 -17.45
C PRO A 294 -24.81 6.12 -17.49
N LEU A 295 -24.66 4.79 -17.38
CA LEU A 295 -23.33 4.21 -17.56
C LEU A 295 -22.77 4.60 -18.91
N SER A 296 -23.62 4.58 -19.94
CA SER A 296 -23.14 4.88 -21.29
C SER A 296 -22.78 6.36 -21.42
N LYS A 297 -23.66 7.25 -21.00
CA LYS A 297 -23.37 8.67 -21.10
C LYS A 297 -22.14 9.01 -20.27
N LEU A 298 -21.99 8.35 -19.14
CA LEU A 298 -20.84 8.56 -18.28
C LEU A 298 -19.56 8.13 -18.97
N ILE A 299 -19.59 6.97 -19.61
CA ILE A 299 -18.38 6.50 -20.27
C ILE A 299 -18.06 7.40 -21.44
N LYS A 300 -19.09 7.84 -22.17
CA LYS A 300 -18.86 8.71 -23.31
C LYS A 300 -18.21 10.02 -22.87
N THR A 301 -18.76 10.63 -21.81
CA THR A 301 -18.18 11.87 -21.31
C THR A 301 -16.79 11.66 -20.76
N LEU A 302 -16.61 10.60 -19.98
CA LEU A 302 -15.32 10.37 -19.30
C LEU A 302 -14.21 10.20 -20.33
N PHE A 303 -14.43 9.37 -21.33
CA PHE A 303 -13.44 9.14 -22.38
C PHE A 303 -14.10 9.47 -23.71
N PRO A 304 -13.77 10.58 -24.33
CA PRO A 304 -14.28 10.85 -25.68
C PRO A 304 -13.31 10.38 -26.74
N PHE A 305 -13.87 9.92 -27.86
CA PHE A 305 -13.04 9.48 -28.98
C PHE A 305 -12.01 10.54 -29.33
N GLU A 306 -12.31 11.80 -29.04
CA GLU A 306 -11.37 12.88 -29.28
C GLU A 306 -10.14 12.74 -28.40
N ALA A 307 -8.99 13.17 -28.92
CA ALA A 307 -7.75 13.16 -28.17
C ALA A 307 -7.75 14.25 -27.11
N GLU A 308 -6.74 14.19 -26.23
CA GLU A 308 -6.45 15.13 -25.14
C GLU A 308 -7.37 14.94 -23.94
N ALA A 309 -8.36 14.04 -24.02
CA ALA A 309 -9.10 13.65 -22.82
C ALA A 309 -8.22 12.84 -21.88
N TYR A 310 -7.30 12.05 -22.44
CA TYR A 310 -6.39 11.27 -21.62
C TYR A 310 -5.62 12.16 -20.66
N ARG A 311 -5.18 13.32 -21.15
CA ARG A 311 -4.47 14.24 -20.28
C ARG A 311 -5.28 14.57 -19.03
N ASN A 312 -6.61 14.62 -19.17
CA ASN A 312 -7.43 15.04 -18.05
C ASN A 312 -7.40 14.00 -16.93
N ILE A 313 -7.61 12.73 -17.27
CA ILE A 313 -7.65 11.69 -16.25
C ILE A 313 -6.23 11.36 -15.81
N GLU A 314 -6.09 10.96 -14.55
CA GLU A 314 -4.78 10.66 -14.00
C GLU A 314 -4.27 9.33 -14.51
N PRO A 315 -2.96 9.17 -14.67
CA PRO A 315 -2.42 7.91 -15.22
C PRO A 315 -2.85 6.69 -14.43
N VAL A 316 -2.91 6.80 -13.10
CA VAL A 316 -3.23 5.62 -12.28
C VAL A 316 -4.67 5.20 -12.51
N TYR A 317 -5.59 6.16 -12.57
CA TYR A 317 -6.97 5.81 -12.84
C TYR A 317 -7.10 5.15 -14.21
N LEU A 318 -6.29 5.60 -15.16
CA LEU A 318 -6.31 5.00 -16.49
C LEU A 318 -5.78 3.57 -16.48
N ASN A 319 -4.68 3.35 -15.77
CA ASN A 319 -4.17 1.98 -15.65
C ASN A 319 -5.19 1.08 -15.00
N MET A 320 -5.90 1.60 -13.99
CA MET A 320 -6.93 0.80 -13.34
C MET A 320 -8.08 0.51 -14.28
N LEU A 321 -8.46 1.49 -15.11
CA LEU A 321 -9.50 1.26 -16.09
C LEU A 321 -9.09 0.18 -17.07
N LEU A 322 -7.82 0.22 -17.51
CA LEU A 322 -7.35 -0.80 -18.44
C LEU A 322 -7.38 -2.17 -17.79
N GLU A 323 -6.99 -2.25 -16.52
CA GLU A 323 -7.00 -3.53 -15.82
C GLU A 323 -8.42 -4.06 -15.69
N LYS A 324 -9.37 -3.17 -15.39
CA LYS A 324 -10.76 -3.61 -15.27
C LYS A 324 -11.30 -4.05 -16.62
N LEU A 325 -10.92 -3.34 -17.68
CA LEU A 325 -11.36 -3.74 -19.02
C LEU A 325 -10.80 -5.10 -19.37
N CYS A 326 -9.54 -5.36 -18.99
CA CYS A 326 -8.95 -6.66 -19.25
C CYS A 326 -9.69 -7.74 -18.47
N VAL A 327 -10.08 -7.44 -17.24
CA VAL A 327 -10.81 -8.40 -16.43
C VAL A 327 -12.16 -8.71 -17.08
N MET A 328 -12.84 -7.67 -17.55
CA MET A 328 -14.15 -7.86 -18.15
C MET A 328 -14.05 -8.66 -19.44
N PHE A 329 -13.00 -8.40 -20.23
CA PHE A 329 -12.83 -9.12 -21.48
C PHE A 329 -12.49 -10.58 -21.22
N GLU A 330 -11.55 -10.84 -20.31
CA GLU A 330 -11.22 -12.22 -19.98
C GLU A 330 -12.43 -12.95 -19.42
N ASP A 331 -13.22 -12.27 -18.59
CA ASP A 331 -14.45 -12.88 -18.08
C ASP A 331 -15.40 -13.19 -19.23
N GLY A 332 -15.25 -12.48 -20.35
CA GLY A 332 -16.19 -12.63 -21.44
C GLY A 332 -17.54 -12.03 -21.14
N VAL A 333 -17.62 -11.18 -20.12
CA VAL A 333 -18.90 -10.62 -19.73
C VAL A 333 -19.54 -9.92 -20.90
N LEU A 334 -18.73 -9.42 -21.84
CA LEU A 334 -19.28 -8.82 -23.04
C LEU A 334 -20.22 -9.79 -23.75
N MET A 335 -19.84 -11.06 -23.82
CA MET A 335 -20.74 -12.09 -24.30
C MET A 335 -21.88 -12.32 -23.31
N ARG A 336 -21.58 -12.26 -22.01
CA ARG A 336 -22.59 -12.55 -21.00
C ARG A 336 -23.60 -11.41 -20.89
N LEU A 337 -23.14 -10.18 -20.99
CA LEU A 337 -24.03 -9.03 -20.82
C LEU A 337 -25.15 -9.08 -21.83
N LYS A 338 -26.39 -9.13 -21.34
CA LYS A 338 -27.54 -9.18 -22.23
C LYS A 338 -27.73 -7.85 -22.95
N SER A 339 -27.43 -6.74 -22.29
CA SER A 339 -27.72 -5.43 -22.84
C SER A 339 -26.67 -5.06 -23.88
N ASP A 340 -27.12 -4.87 -25.12
CA ASP A 340 -26.19 -4.50 -26.18
C ASP A 340 -25.61 -3.12 -25.96
N LEU A 341 -26.40 -2.20 -25.43
CA LEU A 341 -25.92 -0.84 -25.23
C LEU A 341 -24.73 -0.80 -24.27
N LEU A 342 -24.82 -1.54 -23.16
CA LEU A 342 -23.72 -1.54 -22.21
C LEU A 342 -22.46 -2.14 -22.82
N LYS A 343 -22.61 -3.21 -23.61
CA LYS A 343 -21.45 -3.78 -24.28
C LYS A 343 -20.88 -2.81 -25.29
N ALA A 344 -21.74 -2.08 -26.00
CA ALA A 344 -21.27 -1.09 -26.94
C ALA A 344 -20.48 0.00 -26.23
N ALA A 345 -20.93 0.38 -25.04
CA ALA A 345 -20.21 1.41 -24.29
C ALA A 345 -18.86 0.91 -23.82
N LEU A 346 -18.81 -0.34 -23.34
CA LEU A 346 -17.52 -0.92 -23.00
C LEU A 346 -16.62 -0.96 -24.22
N CYS A 347 -17.21 -1.20 -25.40
CA CYS A 347 -16.42 -1.19 -26.63
C CYS A 347 -15.93 0.21 -26.95
N HIS A 348 -16.74 1.23 -26.64
CA HIS A 348 -16.29 2.60 -26.81
C HIS A 348 -15.10 2.88 -25.93
N LEU A 349 -15.13 2.34 -24.70
CA LEU A 349 -13.99 2.48 -23.82
C LEU A 349 -12.77 1.76 -24.39
N LEU A 350 -12.98 0.57 -24.95
CA LEU A 350 -11.87 -0.19 -25.51
C LEU A 350 -11.27 0.57 -26.68
N GLN A 351 -12.11 1.17 -27.50
CA GLN A 351 -11.61 1.95 -28.63
C GLN A 351 -10.88 3.19 -28.14
N TYR A 352 -11.33 3.76 -27.03
CA TYR A 352 -10.64 4.92 -26.48
C TYR A 352 -9.25 4.52 -26.02
N PHE A 353 -9.16 3.38 -25.34
CA PHE A 353 -7.86 2.92 -24.86
C PHE A 353 -6.95 2.55 -26.01
N LEU A 354 -7.53 2.05 -27.10
CA LEU A 354 -6.71 1.61 -28.23
C LEU A 354 -6.22 2.80 -29.07
N LYS A 355 -7.12 3.74 -29.37
CA LYS A 355 -6.85 4.84 -30.29
C LYS A 355 -6.80 6.18 -29.59
N PHE A 356 -6.99 6.19 -28.27
CA PHE A 356 -6.74 7.35 -27.45
C PHE A 356 -5.90 6.89 -26.27
N VAL A 357 -5.31 7.85 -25.57
CA VAL A 357 -4.44 7.53 -24.44
C VAL A 357 -3.15 6.92 -24.97
N PRO A 358 -2.30 7.70 -25.62
CA PRO A 358 -1.02 7.16 -26.09
C PRO A 358 -0.22 6.58 -24.93
N ALA A 359 0.45 5.46 -25.20
CA ALA A 359 1.25 4.81 -24.17
C ALA A 359 2.31 5.76 -23.65
N GLY A 360 2.39 5.87 -22.33
CA GLY A 360 3.25 6.84 -21.68
C GLY A 360 2.48 7.83 -20.84
N TYR A 361 1.36 8.34 -21.37
CA TYR A 361 0.36 8.94 -20.50
C TYR A 361 -0.31 7.87 -19.66
N GLU A 362 -0.38 6.65 -20.19
CA GLU A 362 -0.93 5.51 -19.49
C GLU A 362 0.22 4.64 -19.01
N SER A 363 -0.09 3.39 -18.71
CA SER A 363 0.91 2.44 -18.22
C SER A 363 1.97 2.17 -19.28
N ALA A 364 2.93 1.36 -18.90
CA ALA A 364 4.03 0.99 -19.79
C ALA A 364 3.51 0.36 -21.07
N LEU A 365 4.28 0.51 -22.15
CA LEU A 365 3.84 0.02 -23.45
C LEU A 365 3.62 -1.49 -23.43
N GLN A 366 4.52 -2.23 -22.79
CA GLN A 366 4.50 -3.68 -22.89
C GLN A 366 3.29 -4.27 -22.18
N VAL A 367 3.00 -3.81 -20.97
CA VAL A 367 1.83 -4.31 -20.25
C VAL A 367 0.56 -3.90 -20.98
N ARG A 368 0.58 -2.71 -21.60
CA ARG A 368 -0.54 -2.31 -22.43
C ARG A 368 -0.72 -3.29 -23.57
N LYS A 369 0.39 -3.74 -24.15
CA LYS A 369 0.32 -4.72 -25.23
C LYS A 369 -0.29 -6.03 -24.75
N VAL A 370 0.08 -6.45 -23.54
CA VAL A 370 -0.43 -7.72 -23.02
C VAL A 370 -1.93 -7.61 -22.75
N TYR A 371 -2.34 -6.53 -22.10
CA TYR A 371 -3.76 -6.34 -21.82
C TYR A 371 -4.54 -6.20 -23.12
N VAL A 372 -3.93 -5.57 -24.13
CA VAL A 372 -4.59 -5.40 -25.41
C VAL A 372 -4.73 -6.74 -26.10
N ARG A 373 -3.73 -7.60 -25.97
CA ARG A 373 -3.82 -8.93 -26.55
C ARG A 373 -4.93 -9.72 -25.89
N ASN A 374 -5.05 -9.61 -24.57
CA ASN A 374 -6.12 -10.32 -23.88
C ASN A 374 -7.49 -9.80 -24.31
N ILE A 375 -7.62 -8.48 -24.42
CA ILE A 375 -8.90 -7.88 -24.82
C ILE A 375 -9.23 -8.29 -26.25
N CYS A 376 -8.24 -8.31 -27.12
CA CYS A 376 -8.46 -8.71 -28.51
C CYS A 376 -8.85 -10.18 -28.59
N LYS A 377 -8.25 -11.02 -27.75
CA LYS A 377 -8.67 -12.42 -27.70
C LYS A 377 -10.12 -12.53 -27.27
N ALA A 378 -10.51 -11.72 -26.29
CA ALA A 378 -11.91 -11.74 -25.86
C ALA A 378 -12.83 -11.33 -27.00
N LEU A 379 -12.45 -10.26 -27.70
CA LEU A 379 -13.27 -9.80 -28.81
C LEU A 379 -13.37 -10.88 -29.88
N LEU A 380 -12.26 -11.53 -30.19
CA LEU A 380 -12.27 -12.60 -31.19
C LEU A 380 -13.21 -13.71 -30.76
N ASP A 381 -13.19 -14.06 -29.48
CA ASP A 381 -14.14 -15.04 -28.97
C ASP A 381 -15.56 -14.58 -29.21
N VAL A 382 -15.81 -13.27 -29.08
CA VAL A 382 -17.15 -12.75 -29.34
C VAL A 382 -17.48 -12.91 -30.82
N LEU A 383 -16.47 -12.84 -31.68
CA LEU A 383 -16.72 -12.78 -33.12
C LEU A 383 -17.32 -14.08 -33.63
N GLY A 384 -16.94 -15.20 -33.03
CA GLY A 384 -17.35 -16.48 -33.58
C GLY A 384 -18.86 -16.63 -33.65
N ILE A 385 -19.54 -16.30 -32.56
CA ILE A 385 -20.99 -16.44 -32.46
C ILE A 385 -21.55 -15.15 -31.88
N GLU A 386 -22.34 -14.44 -32.68
CA GLU A 386 -22.93 -13.18 -32.24
C GLU A 386 -24.00 -12.75 -33.23
N VAL A 387 -25.03 -12.10 -32.72
CA VAL A 387 -26.11 -11.62 -33.59
C VAL A 387 -25.62 -10.44 -34.42
N ASP A 388 -24.91 -9.50 -33.80
CA ASP A 388 -24.37 -8.32 -34.45
C ASP A 388 -22.92 -8.14 -34.02
N ALA A 389 -22.02 -8.09 -34.99
CA ALA A 389 -20.58 -8.10 -34.72
C ALA A 389 -19.93 -6.74 -34.88
N GLU A 390 -20.60 -5.80 -35.54
CA GLU A 390 -19.97 -4.51 -35.85
C GLU A 390 -19.40 -3.84 -34.61
N TYR A 391 -20.06 -4.02 -33.47
CA TYR A 391 -19.56 -3.40 -32.25
C TYR A 391 -18.22 -4.00 -31.86
N LEU A 392 -18.09 -5.32 -31.98
CA LEU A 392 -16.79 -5.93 -31.83
C LEU A 392 -15.83 -5.38 -32.87
N LEU A 393 -16.36 -5.04 -34.05
CA LEU A 393 -15.49 -4.74 -35.18
C LEU A 393 -14.72 -3.46 -34.97
N GLY A 394 -15.42 -2.40 -34.60
CA GLY A 394 -14.80 -1.09 -34.62
C GLY A 394 -13.51 -1.05 -33.83
N PRO A 395 -13.58 -1.53 -32.59
CA PRO A 395 -12.40 -1.45 -31.71
C PRO A 395 -11.25 -2.30 -32.20
N LEU A 396 -11.50 -3.59 -32.42
CA LEU A 396 -10.46 -4.46 -32.94
C LEU A 396 -9.91 -3.92 -34.24
N TYR A 397 -10.74 -3.25 -35.04
CA TYR A 397 -10.21 -2.65 -36.25
C TYR A 397 -9.22 -1.55 -35.93
N ALA A 398 -9.57 -0.69 -34.98
CA ALA A 398 -8.62 0.34 -34.60
C ALA A 398 -7.33 -0.29 -34.11
N ALA A 399 -7.44 -1.43 -33.45
CA ALA A 399 -6.26 -2.12 -32.97
C ALA A 399 -5.44 -2.67 -34.12
N LEU A 400 -6.12 -3.22 -35.12
CA LEU A 400 -5.43 -3.68 -36.32
C LEU A 400 -4.75 -2.51 -37.01
N LYS A 401 -5.35 -1.33 -36.95
CA LYS A 401 -4.73 -0.13 -37.50
C LYS A 401 -3.47 0.23 -36.71
N MET A 402 -3.52 0.09 -35.39
CA MET A 402 -2.34 0.38 -34.59
C MET A 402 -1.22 -0.62 -34.90
N GLU A 403 -1.58 -1.89 -35.01
CA GLU A 403 -0.61 -2.90 -35.43
C GLU A 403 -0.12 -2.61 -36.83
N SER A 404 -0.95 -1.99 -37.66
CA SER A 404 -0.52 -1.58 -38.99
C SER A 404 0.52 -0.48 -38.90
N MET A 405 0.33 0.44 -37.97
CA MET A 405 1.35 1.46 -37.73
C MET A 405 2.65 0.80 -37.26
N GLU A 406 2.54 -0.21 -36.41
CA GLU A 406 3.72 -0.92 -35.94
C GLU A 406 4.43 -1.62 -37.10
N ILE A 407 3.66 -2.27 -37.98
CA ILE A 407 4.24 -2.94 -39.13
C ILE A 407 4.91 -1.93 -40.05
N ILE A 408 4.27 -0.78 -40.27
CA ILE A 408 4.87 0.26 -41.09
C ILE A 408 6.19 0.71 -40.48
N GLU A 409 6.23 0.82 -39.16
CA GLU A 409 7.49 1.14 -38.49
C GLU A 409 8.52 0.07 -38.76
N GLU A 410 8.12 -1.20 -38.66
CA GLU A 410 9.01 -2.30 -38.99
C GLU A 410 9.54 -2.15 -40.41
N ILE A 411 8.73 -1.55 -41.28
CA ILE A 411 9.17 -1.28 -42.66
C ILE A 411 10.32 -0.28 -42.64
N GLN A 412 10.28 0.67 -41.71
CA GLN A 412 11.38 1.63 -41.62
C GLN A 412 12.68 0.89 -41.31
N CYS A 413 13.71 1.21 -42.06
CA CYS A 413 15.01 0.56 -41.89
C CYS A 413 16.09 1.25 -42.72
N HIS A 453 6.88 -8.54 -49.01
CA HIS A 453 5.47 -8.93 -49.00
C HIS A 453 5.05 -9.38 -47.61
N VAL A 454 4.95 -8.41 -46.71
CA VAL A 454 4.56 -8.74 -45.34
C VAL A 454 3.12 -9.22 -45.34
N ASP A 455 2.84 -10.19 -44.47
CA ASP A 455 1.51 -10.76 -44.34
C ASP A 455 1.11 -10.71 -42.88
N MET A 456 -0.18 -10.42 -42.65
CA MET A 456 -0.68 -10.40 -41.29
C MET A 456 -0.40 -11.71 -40.57
N ASN A 457 -0.48 -12.83 -41.30
CA ASN A 457 -0.16 -14.13 -40.71
C ASN A 457 1.26 -14.14 -40.17
N GLN A 458 2.21 -13.66 -40.96
CA GLN A 458 3.58 -13.51 -40.49
C GLN A 458 3.69 -12.11 -39.91
N LYS A 459 2.92 -11.89 -38.86
CA LYS A 459 2.78 -10.58 -38.26
C LYS A 459 2.04 -10.69 -36.94
N SER A 460 1.63 -9.56 -36.37
CA SER A 460 1.04 -9.54 -35.04
C SER A 460 0.02 -10.66 -34.87
N ILE A 461 0.07 -11.30 -33.71
CA ILE A 461 -0.71 -12.52 -33.49
C ILE A 461 -2.18 -12.26 -33.80
N LEU A 462 -2.64 -11.04 -33.57
CA LEU A 462 -4.06 -10.75 -33.75
C LEU A 462 -4.51 -11.03 -35.19
N TRP A 463 -3.71 -10.63 -36.17
CA TRP A 463 -4.13 -10.79 -37.55
C TRP A 463 -4.19 -12.26 -37.92
N SER A 464 -3.17 -13.02 -37.52
CA SER A 464 -3.17 -14.44 -37.80
C SER A 464 -4.33 -15.13 -37.09
N ALA A 465 -4.64 -14.68 -35.88
CA ALA A 465 -5.72 -15.29 -35.12
C ALA A 465 -7.06 -15.00 -35.76
N LEU A 466 -7.26 -13.78 -36.23
CA LEU A 466 -8.50 -13.46 -36.92
C LEU A 466 -8.62 -14.29 -38.20
N LYS A 467 -7.52 -14.43 -38.94
CA LYS A 467 -7.55 -15.25 -40.14
C LYS A 467 -7.88 -16.69 -39.80
N GLN A 468 -7.36 -17.18 -38.66
CA GLN A 468 -7.66 -18.54 -38.25
C GLN A 468 -9.12 -18.69 -37.86
N LYS A 469 -9.68 -17.71 -37.18
CA LYS A 469 -11.09 -17.75 -36.85
C LYS A 469 -11.93 -17.77 -38.12
N ALA A 470 -11.52 -16.99 -39.12
CA ALA A 470 -12.26 -16.96 -40.37
C ALA A 470 -12.14 -18.29 -41.10
N GLU A 471 -10.95 -18.88 -41.12
CA GLU A 471 -10.79 -20.18 -41.74
C GLU A 471 -11.63 -21.21 -41.02
N SER A 472 -11.75 -21.08 -39.70
CA SER A 472 -12.58 -22.00 -38.94
C SER A 472 -14.04 -21.84 -39.31
N LEU A 473 -14.50 -20.60 -39.46
CA LEU A 473 -15.87 -20.37 -39.86
C LEU A 473 -16.13 -20.93 -41.25
N GLN A 474 -15.18 -20.75 -42.16
CA GLN A 474 -15.34 -21.30 -43.50
C GLN A 474 -15.37 -22.81 -43.47
N ILE A 475 -14.52 -23.43 -42.64
CA ILE A 475 -14.52 -24.88 -42.54
C ILE A 475 -15.85 -25.36 -42.00
N SER A 476 -16.37 -24.67 -40.99
CA SER A 476 -17.69 -25.01 -40.47
C SER A 476 -18.74 -24.91 -41.57
N LEU A 477 -18.62 -23.88 -42.41
CA LEU A 477 -19.51 -23.76 -43.55
C LEU A 477 -19.37 -24.97 -44.47
N GLU A 478 -18.14 -25.47 -44.62
CA GLU A 478 -17.92 -26.61 -45.50
C GLU A 478 -18.52 -27.88 -44.91
N TYR A 479 -18.36 -28.08 -43.60
CA TYR A 479 -18.77 -29.32 -42.96
C TYR A 479 -20.05 -29.19 -42.16
N SER A 480 -20.10 -28.24 -41.23
CA SER A 480 -21.32 -28.06 -40.44
C SER A 480 -22.48 -27.69 -41.33
N GLY A 481 -22.24 -26.86 -42.34
CA GLY A 481 -23.28 -26.52 -43.29
C GLY A 481 -24.51 -26.01 -42.57
N LEU A 482 -25.65 -26.64 -42.87
CA LEU A 482 -26.89 -26.28 -42.19
C LEU A 482 -26.79 -26.53 -40.70
N LYS A 483 -25.96 -27.51 -40.30
CA LYS A 483 -25.86 -27.85 -38.88
C LYS A 483 -25.39 -26.65 -38.06
N ASN A 484 -24.32 -25.99 -38.51
CA ASN A 484 -23.84 -24.80 -37.81
C ASN A 484 -24.82 -23.64 -38.01
N PRO A 485 -25.00 -22.79 -37.01
CA PRO A 485 -25.86 -21.62 -37.22
C PRO A 485 -25.30 -20.74 -38.32
N VAL A 486 -26.10 -20.54 -39.36
CA VAL A 486 -25.60 -19.86 -40.55
C VAL A 486 -25.27 -18.41 -40.22
N ILE A 487 -26.14 -17.73 -39.47
CA ILE A 487 -25.89 -16.34 -39.16
C ILE A 487 -24.64 -16.19 -38.30
N GLU A 488 -24.52 -17.03 -37.28
CA GLU A 488 -23.40 -16.89 -36.36
C GLU A 488 -22.07 -16.97 -37.09
N MET A 489 -21.91 -18.00 -37.94
CA MET A 489 -20.70 -18.09 -38.73
C MET A 489 -20.67 -17.01 -39.82
N LEU A 490 -21.83 -16.73 -40.43
CA LEU A 490 -21.86 -15.70 -41.44
C LEU A 490 -21.46 -14.35 -40.87
N GLU A 491 -21.94 -14.05 -39.66
CA GLU A 491 -21.59 -12.78 -39.03
C GLU A 491 -20.08 -12.70 -38.81
N GLY A 492 -19.48 -13.79 -38.36
CA GLY A 492 -18.05 -13.78 -38.12
C GLY A 492 -17.25 -13.60 -39.40
N ILE A 493 -17.64 -14.33 -40.44
CA ILE A 493 -16.93 -14.20 -41.72
C ILE A 493 -17.05 -12.78 -42.22
N ALA A 494 -18.22 -12.18 -42.04
CA ALA A 494 -18.42 -10.81 -42.49
C ALA A 494 -17.54 -9.85 -41.71
N VAL A 495 -17.44 -10.04 -40.40
CA VAL A 495 -16.63 -9.13 -39.60
C VAL A 495 -15.18 -9.25 -40.02
N VAL A 496 -14.72 -10.49 -40.21
CA VAL A 496 -13.33 -10.71 -40.59
C VAL A 496 -13.06 -10.07 -41.94
N LEU A 497 -13.98 -10.24 -42.87
CA LEU A 497 -13.78 -9.70 -44.22
C LEU A 497 -13.81 -8.18 -44.21
N GLN A 498 -14.70 -7.59 -43.42
CA GLN A 498 -14.79 -6.14 -43.41
C GLN A 498 -13.53 -5.55 -42.79
N LEU A 499 -13.02 -6.16 -41.73
CA LEU A 499 -11.76 -5.70 -41.17
C LEU A 499 -10.65 -5.88 -42.19
N THR A 500 -10.66 -7.01 -42.91
CA THR A 500 -9.62 -7.26 -43.90
C THR A 500 -9.63 -6.19 -44.96
N ALA A 501 -10.81 -5.79 -45.40
CA ALA A 501 -10.90 -4.79 -46.45
C ALA A 501 -10.49 -3.43 -45.94
N LEU A 502 -11.04 -3.02 -44.79
CA LEU A 502 -10.69 -1.72 -44.26
C LEU A 502 -9.19 -1.61 -44.09
N CYS A 503 -8.55 -2.64 -43.55
CA CYS A 503 -7.09 -2.63 -43.48
C CYS A 503 -6.47 -2.59 -44.86
N THR A 504 -7.11 -3.26 -45.83
CA THR A 504 -6.60 -3.23 -47.19
C THR A 504 -6.53 -1.81 -47.71
N VAL A 505 -7.45 -0.97 -47.24
CA VAL A 505 -7.52 0.42 -47.69
C VAL A 505 -6.87 1.36 -46.70
N HIS A 506 -7.33 1.35 -45.45
CA HIS A 506 -6.76 2.25 -44.45
C HIS A 506 -5.36 1.80 -44.04
N CYS A 507 -5.15 0.50 -43.88
CA CYS A 507 -3.87 0.00 -43.40
C CYS A 507 -2.85 -0.18 -44.51
N SER A 508 -3.18 0.21 -45.74
CA SER A 508 -2.26 0.00 -46.85
C SER A 508 -0.96 0.77 -46.65
N HIS A 509 -1.04 1.99 -46.14
CA HIS A 509 0.13 2.83 -45.98
C HIS A 509 -0.15 3.99 -45.03
N PRO A 528 8.40 -3.21 -50.64
CA PRO A 528 8.03 -4.60 -50.94
C PRO A 528 7.01 -5.17 -49.96
N SER A 529 7.24 -4.97 -48.68
CA SER A 529 6.36 -5.48 -47.64
C SER A 529 5.27 -4.51 -47.25
N VAL A 530 5.17 -3.36 -47.92
CA VAL A 530 4.15 -2.37 -47.56
C VAL A 530 2.76 -3.00 -47.58
N VAL A 531 2.54 -3.93 -48.52
CA VAL A 531 1.23 -4.56 -48.63
C VAL A 531 0.93 -5.36 -47.38
N ILE A 532 -0.22 -5.09 -46.77
CA ILE A 532 -0.61 -5.81 -45.57
C ILE A 532 -0.67 -7.31 -45.86
N THR A 533 -1.14 -7.68 -47.05
CA THR A 533 -1.28 -9.08 -47.44
C THR A 533 -2.03 -9.85 -46.36
N TRP A 534 -3.04 -9.21 -45.78
CA TRP A 534 -3.69 -9.78 -44.61
C TRP A 534 -4.43 -11.06 -44.96
N MET A 535 -5.14 -11.08 -46.08
CA MET A 535 -6.00 -12.19 -46.47
C MET A 535 -5.61 -12.67 -47.86
N SER A 536 -5.44 -13.98 -48.01
CA SER A 536 -5.09 -14.54 -49.30
C SER A 536 -6.26 -14.46 -50.26
N LEU A 537 -5.97 -14.07 -51.50
CA LEU A 537 -7.04 -13.93 -52.49
C LEU A 537 -7.77 -15.24 -52.70
N ASP A 538 -7.04 -16.34 -52.81
CA ASP A 538 -7.68 -17.64 -52.96
C ASP A 538 -8.55 -17.95 -51.76
N PHE A 539 -8.12 -17.55 -50.57
CA PHE A 539 -8.94 -17.75 -49.39
C PHE A 539 -10.24 -16.97 -49.51
N TYR A 540 -10.17 -15.73 -50.01
CA TYR A 540 -11.38 -14.94 -50.20
C TYR A 540 -12.30 -15.58 -51.23
N THR A 541 -11.72 -16.15 -52.28
CA THR A 541 -12.54 -16.80 -53.30
C THR A 541 -13.22 -18.04 -52.74
N LYS A 542 -12.49 -18.82 -51.95
CA LYS A 542 -13.09 -19.97 -51.30
C LYS A 542 -14.20 -19.52 -50.36
N VAL A 543 -13.99 -18.40 -49.69
CA VAL A 543 -15.02 -17.87 -48.79
C VAL A 543 -16.25 -17.49 -49.59
N LEU A 544 -16.06 -16.89 -50.77
CA LEU A 544 -17.18 -16.49 -51.59
C LEU A 544 -17.95 -17.70 -52.10
N LYS A 545 -17.24 -18.75 -52.52
CA LYS A 545 -17.92 -19.94 -53.02
C LYS A 545 -18.66 -20.65 -51.90
N SER A 546 -18.03 -20.73 -50.72
CA SER A 546 -18.69 -21.32 -49.58
C SER A 546 -19.92 -20.51 -49.19
N CYS A 547 -19.82 -19.18 -49.30
CA CYS A 547 -20.97 -18.33 -49.01
C CYS A 547 -22.10 -18.58 -49.99
N ARG A 548 -21.76 -18.78 -51.27
CA ARG A 548 -22.79 -19.04 -52.27
C ARG A 548 -23.48 -20.38 -51.98
N SER A 549 -22.69 -21.39 -51.66
CA SER A 549 -23.28 -22.68 -51.31
C SER A 549 -24.15 -22.56 -50.06
N LEU A 550 -23.71 -21.77 -49.08
CA LEU A 550 -24.48 -21.62 -47.85
C LEU A 550 -25.80 -20.91 -48.13
N LEU A 551 -25.75 -19.86 -48.95
CA LEU A 551 -26.97 -19.19 -49.34
C LEU A 551 -27.91 -20.17 -50.04
N GLU A 552 -27.35 -21.09 -50.81
CA GLU A 552 -28.17 -22.15 -51.39
C GLU A 552 -28.79 -23.00 -50.29
N SER A 553 -28.02 -23.30 -49.24
CA SER A 553 -28.47 -24.26 -48.24
C SER A 553 -29.43 -23.64 -47.24
N VAL A 554 -29.24 -22.35 -46.91
CA VAL A 554 -29.91 -21.78 -45.76
C VAL A 554 -31.43 -21.86 -45.92
N GLN A 555 -32.13 -21.93 -44.80
CA GLN A 555 -33.59 -21.96 -44.81
C GLN A 555 -34.17 -20.69 -45.41
N LYS A 556 -35.35 -20.82 -46.00
CA LYS A 556 -35.97 -19.70 -46.69
C LYS A 556 -36.20 -18.52 -45.75
N LEU A 557 -36.73 -18.79 -44.55
CA LEU A 557 -36.94 -17.71 -43.57
C LEU A 557 -35.62 -17.09 -43.15
N ASP A 558 -34.64 -17.92 -42.77
CA ASP A 558 -33.31 -17.40 -42.47
C ASP A 558 -32.68 -16.80 -43.71
N LEU A 559 -33.11 -17.26 -44.88
CA LEU A 559 -32.53 -16.82 -46.14
C LEU A 559 -32.46 -15.30 -46.24
N GLU A 560 -33.45 -14.59 -45.70
CA GLU A 560 -33.47 -13.14 -45.85
C GLU A 560 -32.30 -12.49 -45.13
N ALA A 561 -32.13 -12.81 -43.84
CA ALA A 561 -31.02 -12.21 -43.10
C ALA A 561 -29.69 -12.71 -43.63
N THR A 562 -29.67 -13.97 -44.09
CA THR A 562 -28.47 -14.48 -44.73
C THR A 562 -28.12 -13.67 -45.97
N ILE A 563 -29.12 -13.26 -46.75
CA ILE A 563 -28.86 -12.45 -47.93
C ILE A 563 -28.35 -11.09 -47.52
N ASP A 564 -28.86 -10.56 -46.42
CA ASP A 564 -28.35 -9.28 -45.94
C ASP A 564 -26.88 -9.38 -45.54
N LYS A 565 -26.55 -10.43 -44.80
CA LYS A 565 -25.15 -10.61 -44.39
C LYS A 565 -24.26 -10.89 -45.60
N VAL A 566 -24.78 -11.64 -46.57
CA VAL A 566 -24.02 -11.91 -47.79
C VAL A 566 -23.83 -10.63 -48.57
N VAL A 567 -24.82 -9.73 -48.51
CA VAL A 567 -24.65 -8.42 -49.14
C VAL A 567 -23.52 -7.66 -48.46
N LYS A 568 -23.47 -7.74 -47.13
CA LYS A 568 -22.34 -7.13 -46.43
C LYS A 568 -21.02 -7.73 -46.86
N ILE A 569 -21.01 -9.05 -47.06
CA ILE A 569 -19.77 -9.74 -47.41
C ILE A 569 -19.33 -9.35 -48.81
N TYR A 570 -20.29 -9.32 -49.75
CA TYR A 570 -19.99 -8.89 -51.10
C TYR A 570 -19.59 -7.43 -51.13
N ASP A 571 -20.11 -6.63 -50.18
CA ASP A 571 -19.69 -5.24 -50.09
C ASP A 571 -18.24 -5.12 -49.65
N ALA A 572 -17.83 -5.99 -48.72
CA ALA A 572 -16.42 -6.01 -48.35
C ALA A 572 -15.57 -6.42 -49.53
N LEU A 573 -16.02 -7.44 -50.26
CA LEU A 573 -15.31 -7.82 -51.47
C LEU A 573 -15.27 -6.69 -52.48
N ILE A 574 -16.34 -5.89 -52.53
CA ILE A 574 -16.42 -4.79 -53.48
C ILE A 574 -15.43 -3.70 -53.11
N TYR A 575 -15.31 -3.41 -51.82
CA TYR A 575 -14.28 -2.47 -51.38
C TYR A 575 -12.90 -3.01 -51.74
N MET A 576 -12.70 -4.31 -51.55
CA MET A 576 -11.43 -4.92 -51.92
C MET A 576 -11.17 -4.79 -53.41
N GLN A 577 -12.23 -4.87 -54.21
CA GLN A 577 -12.08 -4.76 -55.66
C GLN A 577 -11.79 -3.33 -56.08
N VAL A 578 -12.50 -2.37 -55.50
CA VAL A 578 -12.21 -0.98 -55.74
C VAL A 578 -10.77 -0.68 -55.39
N ASN A 579 -10.24 -1.39 -54.40
CA ASN A 579 -8.80 -1.33 -54.16
C ASN A 579 -8.03 -1.99 -55.30
N SER A 580 -8.42 -3.21 -55.66
CA SER A 580 -7.83 -3.94 -56.78
C SER A 580 -8.63 -5.22 -56.99
N SER A 581 -8.69 -5.65 -58.25
CA SER A 581 -9.44 -6.83 -58.66
C SER A 581 -8.45 -7.92 -59.04
N PHE A 582 -8.58 -9.09 -58.43
CA PHE A 582 -7.59 -10.15 -58.63
C PHE A 582 -7.61 -10.67 -60.06
N GLU A 583 -8.75 -11.18 -60.50
CA GLU A 583 -8.89 -11.70 -61.85
C GLU A 583 -10.04 -10.99 -62.56
N ASP A 584 -10.96 -10.44 -61.78
CA ASP A 584 -12.21 -9.82 -62.19
C ASP A 584 -13.23 -10.86 -62.59
N HIS A 585 -12.86 -12.14 -62.62
CA HIS A 585 -13.87 -13.19 -62.71
C HIS A 585 -14.57 -13.35 -61.38
N ILE A 586 -13.82 -13.21 -60.28
CA ILE A 586 -14.43 -13.16 -58.96
C ILE A 586 -15.33 -11.93 -58.85
N LEU A 587 -14.93 -10.82 -59.46
CA LEU A 587 -15.79 -9.65 -59.50
C LEU A 587 -17.09 -9.96 -60.23
N GLU A 588 -17.01 -10.71 -61.32
CA GLU A 588 -18.21 -11.11 -62.03
C GLU A 588 -19.09 -12.01 -61.16
N ASP A 589 -18.48 -12.93 -60.43
CA ASP A 589 -19.25 -13.80 -59.55
C ASP A 589 -19.97 -13.00 -58.47
N LEU A 590 -19.28 -12.02 -57.88
CA LEU A 590 -19.90 -11.17 -56.87
C LEU A 590 -21.02 -10.35 -57.47
N CYS A 591 -20.81 -9.83 -58.69
CA CYS A 591 -21.84 -9.05 -59.35
C CYS A 591 -23.08 -9.90 -59.62
N GLY A 592 -22.88 -11.14 -60.06
CA GLY A 592 -24.03 -12.01 -60.28
C GLY A 592 -24.74 -12.34 -58.99
N MET A 593 -23.98 -12.62 -57.93
CA MET A 593 -24.58 -12.89 -56.64
C MET A 593 -25.46 -11.74 -56.20
N LEU A 594 -24.99 -10.51 -56.43
CA LEU A 594 -25.80 -9.35 -56.08
C LEU A 594 -27.03 -9.27 -56.96
N SER A 595 -26.86 -9.50 -58.27
CA SER A 595 -27.98 -9.36 -59.19
C SER A 595 -29.07 -10.36 -58.85
N LEU A 596 -28.72 -11.46 -58.21
CA LEU A 596 -29.65 -12.58 -58.11
C LEU A 596 -31.08 -12.13 -57.86
N PRO A 597 -31.36 -11.27 -56.88
CA PRO A 597 -32.75 -10.82 -56.71
C PRO A 597 -33.26 -10.04 -57.91
N TRP A 598 -32.47 -9.10 -58.42
CA TRP A 598 -32.86 -8.41 -59.64
C TRP A 598 -32.71 -9.34 -60.84
N ILE A 599 -31.84 -10.34 -60.72
CA ILE A 599 -31.59 -11.25 -61.84
C ILE A 599 -32.82 -12.09 -62.12
N TYR A 600 -33.58 -12.44 -61.08
CA TYR A 600 -34.77 -13.24 -61.27
C TYR A 600 -35.71 -12.58 -62.27
N SER A 601 -35.91 -11.26 -62.14
CA SER A 601 -36.62 -10.51 -63.18
C SER A 601 -35.73 -10.28 -64.39
N HIS A 602 -34.44 -10.01 -64.16
CA HIS A 602 -33.53 -9.74 -65.28
C HIS A 602 -33.45 -10.92 -66.21
N SER A 603 -33.81 -12.12 -65.74
CA SER A 603 -33.71 -13.31 -66.58
C SER A 603 -34.48 -13.14 -67.88
N ASP A 604 -35.67 -12.55 -67.81
CA ASP A 604 -36.46 -12.25 -69.00
C ASP A 604 -35.93 -10.97 -69.64
N ASP A 605 -34.65 -11.01 -70.01
CA ASP A 605 -33.99 -9.85 -70.60
C ASP A 605 -32.78 -10.35 -71.37
N GLY A 606 -32.41 -9.58 -72.39
CA GLY A 606 -31.27 -9.95 -73.20
C GLY A 606 -29.97 -9.85 -72.43
N CYS A 607 -29.88 -8.90 -71.51
CA CYS A 607 -28.65 -8.75 -70.74
C CYS A 607 -28.37 -10.00 -69.91
N LEU A 608 -29.41 -10.57 -69.32
CA LEU A 608 -29.24 -11.80 -68.55
C LEU A 608 -28.71 -12.92 -69.44
N LYS A 609 -29.26 -13.04 -70.65
CA LYS A 609 -28.74 -14.02 -71.60
C LYS A 609 -27.28 -13.72 -71.93
N LEU A 610 -26.93 -12.45 -72.08
CA LEU A 610 -25.55 -12.08 -72.41
C LEU A 610 -24.61 -12.42 -71.26
N THR A 611 -25.06 -12.24 -70.02
CA THR A 611 -24.20 -12.46 -68.87
C THR A 611 -24.14 -13.94 -68.52
N THR A 612 -22.92 -14.48 -68.46
CA THR A 612 -22.75 -15.87 -68.09
C THR A 612 -23.17 -16.12 -66.65
N PHE A 613 -22.81 -15.21 -65.74
CA PHE A 613 -23.19 -15.36 -64.34
C PHE A 613 -24.70 -15.50 -64.22
N ALA A 614 -25.45 -14.69 -64.98
CA ALA A 614 -26.90 -14.83 -64.98
C ALA A 614 -27.31 -16.20 -65.48
N ALA A 615 -26.66 -16.68 -66.52
CA ALA A 615 -27.04 -17.95 -67.12
C ALA A 615 -26.75 -19.11 -66.16
N ASN A 616 -25.67 -19.00 -65.40
CA ASN A 616 -25.24 -20.12 -64.57
C ASN A 616 -26.34 -20.56 -63.60
N LEU A 617 -26.94 -19.61 -62.89
CA LEU A 617 -27.97 -19.93 -61.89
C LEU A 617 -29.14 -18.97 -62.08
N LEU A 618 -30.04 -19.33 -63.01
CA LEU A 618 -31.28 -18.57 -63.14
C LEU A 618 -32.23 -18.88 -61.99
N THR A 619 -32.38 -20.16 -61.65
CA THR A 619 -33.28 -20.53 -60.57
C THR A 619 -32.76 -19.99 -59.24
N LEU A 620 -31.45 -20.06 -59.02
CA LEU A 620 -30.88 -19.46 -57.83
C LEU A 620 -31.23 -17.97 -57.76
N SER A 621 -31.29 -17.31 -58.92
CA SER A 621 -31.86 -15.98 -58.96
C SER A 621 -33.31 -16.00 -58.51
N CYS A 622 -34.03 -17.08 -58.82
CA CYS A 622 -35.40 -17.22 -58.37
C CYS A 622 -35.47 -17.30 -56.84
N ARG A 623 -34.56 -18.08 -56.24
CA ARG A 623 -34.52 -18.15 -54.79
C ARG A 623 -34.14 -16.81 -54.18
N ILE A 624 -33.20 -16.10 -54.80
CA ILE A 624 -32.72 -14.83 -54.25
C ILE A 624 -33.82 -13.79 -54.28
N SER A 625 -34.51 -13.66 -55.41
CA SER A 625 -35.63 -12.72 -55.49
C SER A 625 -36.68 -13.05 -54.45
N ASP A 626 -36.79 -14.31 -54.05
CA ASP A 626 -37.77 -14.69 -53.05
C ASP A 626 -37.55 -13.92 -51.75
N SER A 627 -36.30 -13.78 -51.33
CA SER A 627 -36.02 -12.98 -50.13
C SER A 627 -36.40 -11.53 -50.35
N TYR A 628 -35.94 -10.93 -51.44
CA TYR A 628 -36.42 -9.63 -51.91
C TYR A 628 -36.35 -8.58 -50.79
N SER A 629 -35.29 -8.62 -50.01
CA SER A 629 -35.10 -7.61 -48.97
C SER A 629 -34.89 -6.23 -49.60
N PRO A 630 -35.71 -5.24 -49.25
CA PRO A 630 -35.61 -3.95 -49.95
C PRO A 630 -34.31 -3.21 -49.70
N GLN A 631 -33.95 -3.00 -48.43
CA GLN A 631 -32.64 -2.42 -48.15
C GLN A 631 -31.55 -3.28 -48.74
N ALA A 632 -31.76 -4.60 -48.75
CA ALA A 632 -30.79 -5.50 -49.35
C ALA A 632 -30.70 -5.29 -50.86
N GLN A 633 -31.84 -5.21 -51.53
CA GLN A 633 -31.82 -4.97 -52.96
C GLN A 633 -31.11 -3.66 -53.28
N SER A 634 -31.30 -2.65 -52.43
CA SER A 634 -30.65 -1.37 -52.66
C SER A 634 -29.14 -1.48 -52.46
N ARG A 635 -28.72 -2.20 -51.43
CA ARG A 635 -27.29 -2.40 -51.23
C ARG A 635 -26.69 -3.13 -52.42
N CYS A 636 -27.45 -4.08 -52.97
CA CYS A 636 -26.99 -4.79 -54.15
C CYS A 636 -26.89 -3.85 -55.33
N VAL A 637 -27.82 -2.90 -55.44
CA VAL A 637 -27.75 -1.93 -56.52
C VAL A 637 -26.51 -1.07 -56.37
N PHE A 638 -26.19 -0.69 -55.13
CA PHE A 638 -24.99 0.10 -54.91
C PHE A 638 -23.74 -0.67 -55.28
N LEU A 639 -23.69 -1.95 -54.91
CA LEU A 639 -22.55 -2.77 -55.31
C LEU A 639 -22.46 -2.89 -56.82
N LEU A 640 -23.59 -3.10 -57.49
CA LEU A 640 -23.60 -3.18 -58.94
C LEU A 640 -23.05 -1.90 -59.54
N THR A 641 -23.41 -0.76 -58.95
CA THR A 641 -22.78 0.49 -59.34
C THR A 641 -21.27 0.39 -59.13
N LEU A 642 -20.86 -0.27 -58.06
CA LEU A 642 -19.44 -0.50 -57.85
C LEU A 642 -18.86 -1.40 -58.92
N PHE A 643 -19.69 -2.28 -59.48
CA PHE A 643 -19.18 -3.31 -60.37
C PHE A 643 -18.32 -2.67 -61.46
N PRO A 644 -17.19 -3.28 -61.80
CA PRO A 644 -16.33 -2.68 -62.82
C PRO A 644 -17.03 -2.61 -64.16
N ARG A 645 -16.83 -1.49 -64.87
CA ARG A 645 -17.37 -1.37 -66.22
C ARG A 645 -16.71 -2.36 -67.17
N ARG A 646 -15.42 -2.61 -66.98
CA ARG A 646 -14.71 -3.56 -67.84
C ARG A 646 -15.44 -4.89 -67.86
N ILE A 647 -16.00 -5.30 -66.73
CA ILE A 647 -16.68 -6.59 -66.59
C ILE A 647 -18.17 -6.34 -66.45
N PHE A 648 -18.95 -6.90 -67.37
CA PHE A 648 -20.41 -6.95 -67.25
C PHE A 648 -21.00 -5.55 -67.16
N LEU A 649 -20.46 -4.61 -67.94
CA LEU A 649 -20.96 -3.24 -67.89
C LEU A 649 -22.43 -3.17 -68.29
N GLU A 650 -22.82 -3.98 -69.27
CA GLU A 650 -24.21 -3.94 -69.73
C GLU A 650 -25.17 -4.48 -68.67
N TRP A 651 -24.79 -5.57 -68.00
CA TRP A 651 -25.66 -6.10 -66.96
C TRP A 651 -25.83 -5.10 -65.83
N ARG A 652 -24.74 -4.41 -65.46
CA ARG A 652 -24.82 -3.40 -64.43
C ARG A 652 -25.71 -2.24 -64.84
N THR A 653 -25.59 -1.81 -66.11
CA THR A 653 -26.43 -0.70 -66.57
C THR A 653 -27.90 -1.11 -66.59
N ALA A 654 -28.18 -2.34 -66.99
CA ALA A 654 -29.56 -2.82 -66.95
C ALA A 654 -30.07 -2.89 -65.52
N VAL A 655 -29.19 -3.28 -64.59
CA VAL A 655 -29.57 -3.31 -63.18
C VAL A 655 -29.89 -1.90 -62.69
N TYR A 656 -29.10 -0.92 -63.11
CA TYR A 656 -29.35 0.46 -62.69
C TYR A 656 -30.66 0.98 -63.29
N ASN A 657 -30.94 0.59 -64.54
CA ASN A 657 -32.21 0.97 -65.14
C ASN A 657 -33.37 0.34 -64.39
N TRP A 658 -33.23 -0.94 -64.01
CA TRP A 658 -34.27 -1.58 -63.21
C TRP A 658 -34.42 -0.88 -61.87
N ALA A 659 -33.30 -0.45 -61.30
CA ALA A 659 -33.35 0.31 -60.05
C ALA A 659 -34.16 1.58 -60.24
N LEU A 660 -33.90 2.30 -61.31
CA LEU A 660 -34.72 3.45 -61.65
C LEU A 660 -36.18 3.04 -61.75
N GLN A 661 -36.42 1.82 -62.26
CA GLN A 661 -37.78 1.30 -62.31
C GLN A 661 -38.32 1.04 -60.91
N SER A 662 -37.47 0.59 -60.00
CA SER A 662 -37.94 0.21 -58.68
C SER A 662 -38.58 1.40 -57.97
N SER A 663 -39.74 1.14 -57.38
CA SER A 663 -40.45 2.16 -56.62
C SER A 663 -40.05 2.16 -55.14
N HIS A 664 -39.25 1.19 -54.71
CA HIS A 664 -38.87 1.12 -53.31
C HIS A 664 -38.05 2.34 -52.91
N GLU A 665 -38.37 2.91 -51.76
CA GLU A 665 -37.62 4.07 -51.28
C GLU A 665 -36.15 3.69 -51.08
N VAL A 666 -35.89 2.53 -50.49
CA VAL A 666 -34.52 2.03 -50.43
C VAL A 666 -34.00 1.81 -51.84
N ILE A 667 -34.86 1.35 -52.75
CA ILE A 667 -34.47 1.20 -54.14
C ILE A 667 -34.11 2.54 -54.73
N ARG A 668 -34.91 3.56 -54.44
CA ARG A 668 -34.60 4.90 -54.92
C ARG A 668 -33.27 5.37 -54.37
N ALA A 669 -32.98 5.05 -53.11
CA ALA A 669 -31.73 5.50 -52.52
C ALA A 669 -30.54 4.79 -53.16
N SER A 670 -30.66 3.49 -53.40
CA SER A 670 -29.59 2.77 -54.07
C SER A 670 -29.36 3.35 -55.46
N CYS A 671 -30.43 3.64 -56.19
CA CYS A 671 -30.27 4.27 -57.49
C CYS A 671 -29.57 5.61 -57.34
N VAL A 672 -29.88 6.34 -56.28
CA VAL A 672 -29.25 7.63 -56.05
C VAL A 672 -27.76 7.46 -55.88
N SER A 673 -27.36 6.37 -55.24
CA SER A 673 -25.96 6.13 -54.89
C SER A 673 -25.24 5.52 -56.09
N GLY A 674 -24.11 6.12 -56.47
CA GLY A 674 -23.25 5.58 -57.52
C GLY A 674 -23.87 5.60 -58.90
N PHE A 675 -25.10 6.07 -59.04
CA PHE A 675 -25.67 6.22 -60.37
C PHE A 675 -24.79 7.09 -61.23
N PHE A 676 -24.14 8.08 -60.63
CA PHE A 676 -23.24 8.95 -61.38
C PHE A 676 -22.08 8.16 -61.95
N ILE A 677 -21.44 7.33 -61.11
CA ILE A 677 -20.33 6.51 -61.58
C ILE A 677 -20.80 5.59 -62.70
N LEU A 678 -22.02 5.07 -62.57
CA LEU A 678 -22.50 4.12 -63.58
C LEU A 678 -22.75 4.83 -64.91
N LEU A 679 -23.39 6.00 -64.85
CA LEU A 679 -23.68 6.74 -66.07
C LEU A 679 -22.40 7.16 -66.78
N GLN A 680 -21.42 7.62 -66.02
CA GLN A 680 -20.13 7.95 -66.62
C GLN A 680 -19.47 6.71 -67.21
N GLN A 681 -19.61 5.57 -66.54
CA GLN A 681 -19.04 4.33 -67.06
C GLN A 681 -19.66 3.95 -68.39
N GLN A 682 -20.98 4.13 -68.52
CA GLN A 682 -21.65 3.79 -69.77
C GLN A 682 -21.02 4.56 -70.93
N ASN A 683 -20.82 5.86 -70.76
CA ASN A 683 -20.12 6.68 -71.73
C ASN A 683 -19.87 8.04 -71.11
N SER A 684 -18.93 8.79 -71.68
CA SER A 684 -18.66 10.13 -71.19
C SER A 684 -19.90 10.99 -71.30
N CYS A 685 -20.20 11.73 -70.23
CA CYS A 685 -21.41 12.53 -70.13
C CYS A 685 -21.04 14.00 -70.13
N ASN A 686 -21.39 14.70 -71.21
CA ASN A 686 -21.24 16.15 -71.21
C ASN A 686 -22.19 16.78 -70.19
N ARG A 687 -23.34 16.16 -69.96
CA ARG A 687 -24.34 16.65 -69.02
C ARG A 687 -24.81 15.51 -68.14
N VAL A 688 -25.38 15.86 -66.99
CA VAL A 688 -25.92 14.88 -66.05
C VAL A 688 -27.01 14.09 -66.76
N PRO A 689 -27.19 12.81 -66.45
CA PRO A 689 -28.22 12.04 -67.15
C PRO A 689 -29.60 12.62 -66.94
N LYS A 690 -30.32 12.81 -68.05
CA LYS A 690 -31.69 13.30 -67.96
C LYS A 690 -32.55 12.32 -67.19
N ILE A 691 -32.32 11.02 -67.37
CA ILE A 691 -32.99 10.03 -66.55
C ILE A 691 -32.67 10.29 -65.08
N LEU A 692 -31.44 10.74 -64.81
CA LEU A 692 -31.11 11.14 -63.45
C LEU A 692 -31.97 12.31 -63.01
N ILE A 693 -32.20 13.27 -63.90
CA ILE A 693 -33.09 14.38 -63.60
C ILE A 693 -34.50 13.86 -63.35
N ASP A 694 -34.96 12.92 -64.17
CA ASP A 694 -36.28 12.33 -63.96
C ASP A 694 -36.36 11.67 -62.60
N LYS A 695 -35.27 11.03 -62.18
CA LYS A 695 -35.21 10.49 -60.83
C LYS A 695 -35.29 11.61 -59.80
N VAL A 696 -34.61 12.72 -60.06
CA VAL A 696 -34.70 13.86 -59.15
C VAL A 696 -36.13 14.36 -59.08
N LYS A 697 -36.84 14.31 -60.21
CA LYS A 697 -38.22 14.78 -60.23
C LYS A 697 -39.11 13.95 -59.31
N ASP A 698 -38.88 12.65 -59.26
CA ASP A 698 -39.73 11.72 -58.52
C ASP A 698 -39.12 11.43 -57.16
N ASP A 699 -39.96 11.48 -56.12
CA ASP A 699 -39.52 11.22 -54.75
C ASP A 699 -38.34 12.12 -54.38
N SER A 700 -38.39 13.36 -54.88
CA SER A 700 -37.25 14.25 -54.71
C SER A 700 -36.88 14.40 -53.25
N ASP A 701 -37.88 14.40 -52.37
CA ASP A 701 -37.62 14.69 -50.97
C ASP A 701 -36.57 13.73 -50.41
N ILE A 702 -36.79 12.43 -50.55
CA ILE A 702 -35.74 11.48 -50.20
C ILE A 702 -34.60 11.59 -51.20
N VAL A 703 -34.92 11.88 -52.46
CA VAL A 703 -33.90 11.83 -53.51
C VAL A 703 -32.87 12.92 -53.30
N LYS A 704 -33.32 14.11 -52.89
CA LYS A 704 -32.49 15.30 -52.98
C LYS A 704 -31.21 15.17 -52.16
N LYS A 705 -31.31 14.60 -50.96
CA LYS A 705 -30.14 14.51 -50.11
C LYS A 705 -29.01 13.77 -50.80
N GLU A 706 -29.30 12.58 -51.35
CA GLU A 706 -28.29 11.85 -52.09
C GLU A 706 -27.92 12.57 -53.37
N PHE A 707 -28.91 13.21 -54.01
CA PHE A 707 -28.66 13.91 -55.26
C PHE A 707 -27.59 14.97 -55.08
N ALA A 708 -27.56 15.61 -53.91
CA ALA A 708 -26.63 16.71 -53.70
C ALA A 708 -25.17 16.24 -53.79
N SER A 709 -24.82 15.24 -53.00
CA SER A 709 -23.44 14.75 -53.03
C SER A 709 -23.15 14.03 -54.33
N ILE A 710 -24.15 13.35 -54.88
CA ILE A 710 -23.97 12.72 -56.18
C ILE A 710 -23.58 13.77 -57.21
N LEU A 711 -24.15 14.96 -57.11
CA LEU A 711 -23.81 16.03 -58.04
C LEU A 711 -22.43 16.59 -57.72
N GLY A 712 -22.11 16.70 -56.44
CA GLY A 712 -20.77 17.15 -56.07
C GLY A 712 -19.70 16.28 -56.70
N GLN A 713 -20.00 14.99 -56.83
CA GLN A 713 -19.08 14.09 -57.53
C GLN A 713 -19.25 14.22 -59.04
N LEU A 714 -20.49 14.27 -59.52
CA LEU A 714 -20.77 14.21 -60.95
C LEU A 714 -20.20 15.42 -61.67
N VAL A 715 -20.08 16.54 -60.96
CA VAL A 715 -19.46 17.72 -61.55
C VAL A 715 -18.04 17.40 -61.99
N CYS A 716 -17.30 16.68 -61.14
CA CYS A 716 -15.97 16.21 -61.56
C CYS A 716 -16.09 15.06 -62.55
N THR A 717 -17.10 14.20 -62.36
CA THR A 717 -17.22 13.00 -63.16
C THR A 717 -17.39 13.34 -64.64
N LEU A 718 -18.19 14.36 -64.92
CA LEU A 718 -18.44 14.74 -66.31
C LEU A 718 -17.14 15.10 -67.02
N HIS A 719 -16.25 15.79 -66.31
CA HIS A 719 -14.96 16.12 -66.90
C HIS A 719 -14.07 14.88 -67.02
N GLY A 720 -14.00 14.07 -65.97
CA GLY A 720 -13.12 12.93 -65.96
C GLY A 720 -13.60 11.87 -64.99
N MET A 721 -13.14 10.65 -65.20
CA MET A 721 -13.52 9.50 -64.41
C MET A 721 -12.44 9.19 -63.38
N PHE A 722 -12.83 9.14 -62.11
CA PHE A 722 -11.92 8.79 -61.04
C PHE A 722 -12.65 7.90 -60.05
N TYR A 723 -11.90 6.95 -59.49
CA TYR A 723 -12.48 6.03 -58.51
C TYR A 723 -12.88 6.79 -57.25
N LEU A 724 -14.02 6.41 -56.69
CA LEU A 724 -14.55 7.03 -55.48
C LEU A 724 -15.22 5.96 -54.64
N THR A 725 -15.50 6.29 -53.38
CA THR A 725 -16.06 5.35 -52.43
C THR A 725 -17.28 5.97 -51.75
N SER A 726 -18.15 5.11 -51.23
CA SER A 726 -19.25 5.58 -50.39
C SER A 726 -18.71 6.33 -49.19
N SER A 727 -17.74 5.75 -48.49
CA SER A 727 -16.93 6.47 -47.51
C SER A 727 -15.45 6.12 -47.77
N LEU A 728 -14.84 6.82 -48.72
CA LEU A 728 -13.44 6.57 -49.05
C LEU A 728 -12.53 7.16 -47.97
N THR A 729 -11.58 6.36 -47.52
CA THR A 729 -10.50 6.83 -46.65
C THR A 729 -11.04 7.50 -45.39
N GLU A 730 -12.08 6.92 -44.80
CA GLU A 730 -12.63 7.44 -43.55
C GLU A 730 -12.83 6.29 -42.57
N PRO A 731 -12.20 6.33 -41.41
CA PRO A 731 -12.47 5.32 -40.39
C PRO A 731 -13.81 5.56 -39.71
N PHE A 732 -14.46 4.48 -39.30
CA PHE A 732 -15.86 4.51 -38.94
C PHE A 732 -16.01 4.77 -37.44
N SER A 733 -16.50 5.96 -37.09
CA SER A 733 -16.83 6.23 -35.69
C SER A 733 -18.18 5.63 -35.31
N GLU A 734 -19.18 5.77 -36.18
CA GLU A 734 -20.50 5.19 -35.96
C GLU A 734 -21.05 4.67 -37.28
N HIS A 735 -21.82 3.59 -37.21
CA HIS A 735 -22.39 2.97 -38.41
C HIS A 735 -23.62 2.13 -38.08
N VAL A 778 -32.14 19.85 -44.89
CA VAL A 778 -32.37 19.29 -46.21
C VAL A 778 -31.66 20.13 -47.27
N LYS A 779 -32.33 21.20 -47.71
CA LYS A 779 -31.74 22.05 -48.74
C LYS A 779 -30.37 22.56 -48.31
N LEU A 780 -30.21 22.84 -47.01
CA LEU A 780 -28.92 23.37 -46.55
C LEU A 780 -27.79 22.40 -46.88
N ALA A 781 -28.04 21.11 -46.70
CA ALA A 781 -27.04 20.13 -47.10
C ALA A 781 -26.76 20.22 -48.59
N PHE A 782 -27.80 20.49 -49.38
CA PHE A 782 -27.59 20.65 -50.82
C PHE A 782 -26.58 21.75 -51.09
N ILE A 783 -26.69 22.87 -50.40
CA ILE A 783 -25.73 23.94 -50.58
C ILE A 783 -24.35 23.51 -50.07
N ASP A 784 -24.33 22.73 -48.99
CA ASP A 784 -23.06 22.29 -48.44
C ASP A 784 -22.27 21.51 -49.47
N ASN A 785 -22.95 20.61 -50.18
CA ASN A 785 -22.28 19.89 -51.26
C ASN A 785 -21.96 20.84 -52.41
N LEU A 786 -22.86 21.79 -52.68
CA LEU A 786 -22.66 22.70 -53.78
C LEU A 786 -21.38 23.52 -53.62
N HIS A 787 -20.96 23.74 -52.37
CA HIS A 787 -19.90 24.71 -52.14
C HIS A 787 -18.65 24.37 -52.96
N HIS A 788 -18.19 23.12 -52.87
CA HIS A 788 -17.00 22.72 -53.62
C HIS A 788 -17.31 22.61 -55.11
N LEU A 789 -18.42 21.97 -55.46
CA LEU A 789 -18.70 21.68 -56.85
C LEU A 789 -18.82 22.97 -57.66
N CYS A 790 -19.33 24.03 -57.04
CA CYS A 790 -19.56 25.27 -57.77
C CYS A 790 -18.33 25.68 -58.55
N LYS A 791 -17.15 25.41 -58.00
CA LYS A 791 -15.92 25.73 -58.70
C LYS A 791 -15.91 25.05 -60.07
N HIS A 792 -16.19 23.75 -60.09
CA HIS A 792 -16.36 22.98 -61.32
C HIS A 792 -15.16 23.07 -62.25
N LEU A 793 -14.07 23.69 -61.81
CA LEU A 793 -12.86 23.94 -62.57
C LEU A 793 -13.03 25.10 -63.54
N ASP A 794 -14.22 25.71 -63.64
CA ASP A 794 -14.42 26.80 -64.57
C ASP A 794 -15.62 27.63 -64.15
N PHE A 795 -15.47 28.96 -64.19
CA PHE A 795 -16.56 29.88 -63.88
C PHE A 795 -16.73 31.00 -64.90
N ARG A 796 -15.67 31.43 -65.58
CA ARG A 796 -15.79 32.52 -66.54
C ARG A 796 -16.58 32.09 -67.77
N GLU A 797 -16.45 30.84 -68.17
CA GLU A 797 -17.07 30.37 -69.41
C GLU A 797 -18.59 30.51 -69.32
N ASP A 798 -19.21 30.76 -70.48
CA ASP A 798 -20.67 30.80 -70.59
C ASP A 798 -21.27 31.92 -69.74
N GLU A 799 -20.68 33.11 -69.82
CA GLU A 799 -21.21 34.26 -69.10
C GLU A 799 -22.62 34.60 -69.59
N THR A 800 -23.42 35.14 -68.68
CA THR A 800 -24.80 35.55 -68.94
C THR A 800 -25.77 34.38 -68.94
N ASP A 801 -25.27 33.15 -68.84
CA ASP A 801 -26.08 31.98 -68.49
C ASP A 801 -25.65 31.41 -67.15
N VAL A 802 -24.34 31.24 -66.97
CA VAL A 802 -23.80 31.06 -65.63
C VAL A 802 -24.19 32.24 -64.77
N LYS A 803 -24.36 33.41 -65.38
CA LYS A 803 -24.85 34.56 -64.63
C LYS A 803 -26.24 34.28 -64.05
N ALA A 804 -27.14 33.72 -64.86
CA ALA A 804 -28.48 33.43 -64.36
C ALA A 804 -28.47 32.30 -63.34
N VAL A 805 -27.60 31.31 -63.54
CA VAL A 805 -27.48 30.25 -62.55
C VAL A 805 -26.97 30.84 -61.23
N LEU A 806 -26.04 31.79 -61.30
CA LEU A 806 -25.59 32.48 -60.11
C LEU A 806 -26.70 33.30 -59.49
N GLY A 807 -27.60 33.82 -60.33
CA GLY A 807 -28.80 34.46 -59.79
C GLY A 807 -29.65 33.50 -59.00
N THR A 808 -29.78 32.28 -59.49
CA THR A 808 -30.50 31.25 -58.74
C THR A 808 -29.76 30.95 -57.43
N LEU A 809 -28.44 30.88 -57.49
CA LEU A 809 -27.65 30.64 -56.29
C LEU A 809 -27.83 31.78 -55.29
N LEU A 810 -27.99 33.01 -55.79
CA LEU A 810 -28.25 34.14 -54.92
C LEU A 810 -29.63 34.04 -54.30
N ASN A 811 -30.62 33.62 -55.09
CA ASN A 811 -31.94 33.36 -54.51
C ASN A 811 -31.83 32.34 -53.39
N LEU A 812 -30.94 31.36 -53.55
CA LEU A 812 -30.66 30.42 -52.47
C LEU A 812 -30.02 31.14 -51.29
N MET A 813 -29.09 32.05 -51.57
CA MET A 813 -28.45 32.83 -50.51
C MET A 813 -29.50 33.59 -49.72
N GLU A 814 -30.58 33.99 -50.37
CA GLU A 814 -31.72 34.63 -49.73
C GLU A 814 -32.80 33.65 -49.36
N ASP A 815 -32.51 32.35 -49.43
CA ASP A 815 -33.53 31.34 -49.20
C ASP A 815 -34.26 31.62 -47.89
N PRO A 816 -35.53 31.23 -47.79
CA PRO A 816 -36.29 31.57 -46.58
C PRO A 816 -35.73 30.96 -45.30
N ASP A 817 -35.28 29.71 -45.36
CA ASP A 817 -34.86 29.02 -44.15
C ASP A 817 -33.69 29.73 -43.50
N LYS A 818 -33.78 29.93 -42.17
CA LYS A 818 -32.68 30.56 -41.45
C LYS A 818 -31.42 29.72 -41.55
N ASP A 819 -31.55 28.40 -41.37
CA ASP A 819 -30.42 27.51 -41.64
C ASP A 819 -29.95 27.66 -43.08
N VAL A 820 -30.90 27.84 -44.00
CA VAL A 820 -30.58 27.97 -45.46
C VAL A 820 -29.86 29.30 -45.74
N ARG A 821 -30.57 30.43 -45.77
CA ARG A 821 -29.94 31.76 -45.96
C ARG A 821 -28.77 31.89 -44.98
N VAL A 822 -29.07 32.10 -43.70
CA VAL A 822 -27.99 32.31 -42.69
C VAL A 822 -27.17 31.01 -42.56
N ALA A 823 -25.85 31.09 -42.39
CA ALA A 823 -24.95 29.92 -42.19
C ALA A 823 -24.64 29.22 -43.51
N PHE A 824 -25.61 28.51 -44.10
CA PHE A 824 -25.36 27.74 -45.36
C PHE A 824 -24.70 28.72 -46.32
N SER A 825 -25.34 29.86 -46.61
CA SER A 825 -24.71 30.87 -47.42
C SER A 825 -23.45 31.35 -46.72
N GLY A 826 -22.38 31.48 -47.48
CA GLY A 826 -21.09 31.86 -46.93
C GLY A 826 -19.96 31.05 -47.53
N ASN A 827 -20.23 29.78 -47.82
CA ASN A 827 -19.39 29.06 -48.76
C ASN A 827 -19.63 29.59 -50.16
N ILE A 828 -20.85 30.05 -50.44
CA ILE A 828 -21.14 30.69 -51.71
C ILE A 828 -20.19 31.85 -51.93
N LYS A 829 -19.82 32.54 -50.85
CA LYS A 829 -18.72 33.50 -50.95
C LYS A 829 -17.40 32.79 -51.19
N HIS A 830 -17.24 31.61 -50.58
CA HIS A 830 -16.09 30.78 -50.93
C HIS A 830 -16.06 30.47 -52.41
N ILE A 831 -17.25 30.28 -53.01
CA ILE A 831 -17.32 30.00 -54.44
C ILE A 831 -17.00 31.25 -55.25
N LEU A 832 -17.56 32.39 -54.83
CA LEU A 832 -17.28 33.64 -55.54
C LEU A 832 -15.80 33.91 -55.58
N GLU A 833 -15.12 33.65 -54.46
CA GLU A 833 -13.67 33.61 -54.49
C GLU A 833 -13.21 32.55 -55.47
N SER A 834 -13.87 31.39 -55.46
CA SER A 834 -13.56 30.34 -56.43
C SER A 834 -13.86 30.81 -57.84
N LEU A 835 -14.84 31.71 -57.98
CA LEU A 835 -15.17 32.22 -59.31
C LEU A 835 -13.93 32.78 -59.98
N ASP A 836 -13.71 32.40 -61.24
CA ASP A 836 -12.49 32.80 -61.92
C ASP A 836 -12.37 34.31 -61.98
N SER A 837 -13.45 34.98 -62.34
CA SER A 837 -13.52 36.44 -62.35
C SER A 837 -14.92 36.84 -61.92
N GLU A 838 -15.07 38.11 -61.58
CA GLU A 838 -16.35 38.67 -61.17
C GLU A 838 -16.81 39.62 -62.26
N ASP A 839 -17.91 39.25 -62.93
CA ASP A 839 -18.45 40.13 -63.95
C ASP A 839 -19.03 41.37 -63.30
N GLY A 840 -18.56 42.54 -63.74
CA GLY A 840 -19.07 43.76 -63.17
C GLY A 840 -20.56 43.85 -63.27
N PHE A 841 -21.12 43.41 -64.41
CA PHE A 841 -22.55 43.20 -64.50
C PHE A 841 -23.00 42.13 -63.52
N ILE A 842 -22.20 41.07 -63.36
CA ILE A 842 -22.54 40.03 -62.39
C ILE A 842 -22.48 40.59 -60.97
N LYS A 843 -21.48 41.43 -60.69
CA LYS A 843 -21.38 42.00 -59.36
C LYS A 843 -22.56 42.92 -59.10
N GLU A 844 -22.96 43.70 -60.10
CA GLU A 844 -24.14 44.54 -59.98
C GLU A 844 -25.38 43.69 -59.77
N LEU A 845 -25.44 42.52 -60.39
CA LEU A 845 -26.58 41.64 -60.19
C LEU A 845 -26.62 41.11 -58.76
N PHE A 846 -25.45 40.75 -58.22
CA PHE A 846 -25.41 40.29 -56.84
C PHE A 846 -25.85 41.40 -55.89
N VAL A 847 -25.38 42.63 -56.15
CA VAL A 847 -25.81 43.75 -55.34
C VAL A 847 -27.29 44.00 -55.49
N LEU A 848 -27.83 43.79 -56.69
CA LEU A 848 -29.26 43.97 -56.91
C LEU A 848 -30.03 42.94 -56.12
N ARG A 849 -29.53 41.72 -56.05
CA ARG A 849 -30.19 40.67 -55.26
C ARG A 849 -30.17 41.04 -53.78
N MET A 850 -29.04 41.52 -53.29
CA MET A 850 -28.95 41.91 -51.89
C MET A 850 -29.88 43.09 -51.59
N LYS A 851 -30.00 44.02 -52.53
CA LYS A 851 -30.89 45.16 -52.32
C LYS A 851 -32.34 44.74 -52.35
N GLU A 852 -32.69 43.84 -53.27
CA GLU A 852 -34.04 43.27 -53.26
C GLU A 852 -34.28 42.53 -51.96
N ALA A 853 -33.23 41.93 -51.40
CA ALA A 853 -33.35 41.29 -50.09
C ALA A 853 -33.65 42.30 -49.00
N TYR A 854 -32.93 43.42 -49.00
CA TYR A 854 -33.21 44.45 -48.01
C TYR A 854 -34.63 44.96 -48.15
N THR A 855 -35.10 45.12 -49.39
CA THR A 855 -36.46 45.58 -49.61
C THR A 855 -37.47 44.55 -49.13
N HIS A 856 -37.21 43.29 -49.43
CA HIS A 856 -38.09 42.22 -48.96
C HIS A 856 -38.09 42.16 -47.44
N ALA A 857 -36.97 42.51 -46.82
CA ALA A 857 -36.92 42.57 -45.37
C ALA A 857 -37.79 43.71 -44.85
N GLN A 858 -37.63 44.90 -45.43
CA GLN A 858 -38.46 46.03 -45.03
C GLN A 858 -39.93 45.69 -45.19
N ILE A 859 -40.28 44.98 -46.26
CA ILE A 859 -41.65 44.52 -46.44
C ILE A 859 -42.02 43.53 -45.34
N SER A 860 -41.11 42.60 -45.04
CA SER A 860 -41.33 41.66 -43.95
C SER A 860 -41.30 42.37 -42.61
N ARG A 861 -40.49 43.41 -42.49
CA ARG A 861 -40.25 44.05 -41.21
C ARG A 861 -39.73 43.04 -40.21
N ASN A 862 -38.99 42.05 -40.70
CA ASN A 862 -38.51 40.93 -39.90
C ASN A 862 -37.01 41.07 -39.69
N ASN A 863 -36.60 41.14 -38.43
CA ASN A 863 -35.19 41.30 -38.13
C ASN A 863 -34.41 40.07 -38.55
N GLU A 864 -35.04 38.89 -38.54
CA GLU A 864 -34.31 37.67 -38.88
C GLU A 864 -33.81 37.72 -40.32
N LEU A 865 -34.68 38.13 -41.24
CA LEU A 865 -34.27 38.17 -42.64
C LEU A 865 -33.17 39.20 -42.86
N LYS A 866 -33.29 40.36 -42.22
CA LYS A 866 -32.26 41.38 -42.34
C LYS A 866 -30.95 40.91 -41.73
N ASP A 867 -31.02 40.19 -40.61
CA ASP A 867 -29.81 39.70 -39.96
C ASP A 867 -29.10 38.68 -40.84
N THR A 868 -29.87 37.76 -41.42
CA THR A 868 -29.28 36.81 -42.35
C THR A 868 -28.68 37.54 -43.54
N LEU A 869 -29.38 38.57 -44.03
CA LEU A 869 -28.86 39.33 -45.17
C LEU A 869 -27.56 40.03 -44.82
N ILE A 870 -27.47 40.56 -43.60
CA ILE A 870 -26.27 41.29 -43.20
C ILE A 870 -25.11 40.34 -43.05
N LEU A 871 -25.35 39.18 -42.44
CA LEU A 871 -24.28 38.20 -42.33
C LEU A 871 -23.85 37.75 -43.71
N THR A 872 -24.79 37.62 -44.63
CA THR A 872 -24.45 37.20 -45.99
C THR A 872 -23.62 38.26 -46.68
N THR A 873 -24.01 39.52 -46.55
CA THR A 873 -23.25 40.59 -47.17
C THR A 873 -21.85 40.68 -46.59
N GLY A 874 -21.75 40.47 -45.28
CA GLY A 874 -20.44 40.51 -44.64
C GLY A 874 -19.55 39.40 -45.12
N ASP A 875 -20.11 38.20 -45.25
CA ASP A 875 -19.32 37.09 -45.78
C ASP A 875 -18.94 37.38 -47.22
N ILE A 876 -19.85 37.96 -48.00
CA ILE A 876 -19.56 38.27 -49.38
C ILE A 876 -18.37 39.21 -49.45
N GLY A 877 -18.34 40.19 -48.56
CA GLY A 877 -17.20 41.09 -48.52
C GLY A 877 -15.92 40.41 -48.08
N ARG A 878 -15.99 39.64 -46.98
CA ARG A 878 -14.79 39.07 -46.42
C ARG A 878 -14.14 38.11 -47.41
N ALA A 879 -14.96 37.40 -48.17
CA ALA A 879 -14.43 36.49 -49.17
C ALA A 879 -13.72 37.24 -50.27
N ALA A 880 -14.23 38.41 -50.65
CA ALA A 880 -13.85 39.06 -51.89
C ALA A 880 -12.97 40.26 -51.63
N LYS A 881 -11.91 40.37 -52.41
CA LYS A 881 -11.14 41.59 -52.53
C LYS A 881 -11.61 42.47 -53.68
N GLY A 882 -12.60 42.02 -54.46
CA GLY A 882 -13.03 42.79 -55.60
C GLY A 882 -13.58 44.14 -55.20
N ASP A 883 -13.46 45.11 -56.12
CA ASP A 883 -13.99 46.43 -55.85
C ASP A 883 -15.47 46.36 -55.52
N LEU A 884 -16.17 45.41 -56.14
CA LEU A 884 -17.53 45.12 -55.72
C LEU A 884 -17.58 44.73 -54.25
N VAL A 885 -16.53 44.05 -53.77
CA VAL A 885 -16.44 43.76 -52.34
C VAL A 885 -16.44 45.07 -51.56
N PRO A 886 -15.76 46.13 -52.00
CA PRO A 886 -15.90 47.41 -51.28
C PRO A 886 -17.32 47.95 -51.34
N PHE A 887 -18.01 47.75 -52.46
CA PHE A 887 -19.40 48.17 -52.54
C PHE A 887 -20.25 47.42 -51.52
N ALA A 888 -19.96 46.13 -51.33
CA ALA A 888 -20.67 45.36 -50.32
C ALA A 888 -20.36 45.88 -48.92
N LEU A 889 -19.10 46.29 -48.70
CA LEU A 889 -18.77 46.91 -47.42
C LEU A 889 -19.58 48.18 -47.21
N LEU A 890 -19.80 48.94 -48.28
CA LEU A 890 -20.62 50.13 -48.17
C LEU A 890 -22.06 49.76 -47.84
N HIS A 891 -22.55 48.67 -48.44
CA HIS A 891 -23.89 48.21 -48.11
C HIS A 891 -23.97 47.81 -46.65
N LEU A 892 -22.91 47.17 -46.15
CA LEU A 892 -22.86 46.84 -44.73
C LEU A 892 -22.88 48.09 -43.88
N LEU A 893 -22.21 49.15 -44.34
CA LEU A 893 -22.24 50.40 -43.62
C LEU A 893 -23.65 50.97 -43.60
N HIS A 894 -24.35 50.87 -44.73
CA HIS A 894 -25.75 51.27 -44.75
C HIS A 894 -26.54 50.44 -43.76
N CYS A 895 -26.13 49.18 -43.59
CA CYS A 895 -26.76 48.34 -42.59
C CYS A 895 -26.49 48.86 -41.19
N LEU A 896 -25.28 49.35 -40.95
CA LEU A 896 -24.96 49.92 -39.64
C LEU A 896 -25.91 51.06 -39.34
N LEU A 897 -26.29 51.83 -40.35
CA LEU A 897 -27.34 52.83 -40.22
C LEU A 897 -28.68 52.09 -40.24
N SER A 898 -28.91 51.32 -39.19
CA SER A 898 -30.10 50.51 -39.04
C SER A 898 -30.92 51.05 -37.88
N LYS A 899 -32.22 51.23 -38.13
CA LYS A 899 -33.11 51.65 -37.05
C LYS A 899 -33.18 50.59 -35.97
N SER A 900 -33.28 49.32 -36.36
CA SER A 900 -33.25 48.23 -35.38
C SER A 900 -31.87 48.13 -34.77
N ALA A 901 -31.81 48.20 -33.45
CA ALA A 901 -30.52 48.26 -32.79
C ALA A 901 -29.71 47.01 -33.06
N SER A 902 -30.34 45.85 -32.98
CA SER A 902 -29.64 44.61 -33.23
C SER A 902 -29.04 44.60 -34.63
N VAL A 903 -29.76 45.14 -35.60
CA VAL A 903 -29.27 45.12 -36.97
C VAL A 903 -28.01 45.97 -37.08
N SER A 904 -28.06 47.19 -36.57
CA SER A 904 -26.91 48.08 -36.66
C SER A 904 -25.72 47.49 -35.90
N GLY A 905 -25.99 46.84 -34.77
CA GLY A 905 -24.90 46.26 -34.00
C GLY A 905 -24.25 45.09 -34.70
N ALA A 906 -25.08 44.21 -35.28
CA ALA A 906 -24.54 43.11 -36.05
C ALA A 906 -23.74 43.65 -37.22
N ALA A 907 -24.18 44.78 -37.78
CA ALA A 907 -23.44 45.42 -38.84
C ALA A 907 -22.08 45.88 -38.35
N TYR A 908 -22.03 46.44 -37.15
CA TYR A 908 -20.75 46.92 -36.63
C TYR A 908 -19.81 45.74 -36.41
N THR A 909 -20.33 44.65 -35.87
CA THR A 909 -19.53 43.44 -35.73
C THR A 909 -19.06 42.97 -37.09
N GLU A 910 -19.91 43.10 -38.11
CA GLU A 910 -19.54 42.68 -39.45
C GLU A 910 -18.44 43.56 -40.02
N ILE A 911 -18.51 44.87 -39.75
CA ILE A 911 -17.48 45.77 -40.24
C ILE A 911 -16.15 45.45 -39.57
N ARG A 912 -16.19 45.15 -38.28
CA ARG A 912 -14.97 44.71 -37.61
C ARG A 912 -14.44 43.44 -38.25
N ALA A 913 -15.32 42.48 -38.50
CA ALA A 913 -14.92 41.25 -39.15
C ALA A 913 -14.34 41.51 -40.53
N LEU A 914 -14.88 42.52 -41.22
CA LEU A 914 -14.43 42.79 -42.58
C LEU A 914 -13.03 43.39 -42.55
N VAL A 915 -12.80 44.35 -41.68
CA VAL A 915 -11.45 44.84 -41.50
C VAL A 915 -10.54 43.68 -41.15
N ALA A 916 -11.09 42.68 -40.46
CA ALA A 916 -10.35 41.44 -40.26
C ALA A 916 -10.00 40.82 -41.60
N ALA A 917 -11.01 40.63 -42.44
CA ALA A 917 -10.77 40.16 -43.80
C ALA A 917 -9.96 41.18 -44.58
N LYS A 918 -10.17 42.46 -44.30
CA LYS A 918 -9.28 43.47 -44.84
C LYS A 918 -7.89 43.27 -44.29
N SER A 919 -7.78 42.68 -43.11
CA SER A 919 -6.52 42.47 -42.43
C SER A 919 -5.90 43.79 -42.03
N VAL A 920 -6.69 44.86 -42.07
CA VAL A 920 -6.26 46.21 -41.74
C VAL A 920 -7.27 46.79 -40.76
N LYS A 921 -6.87 47.88 -40.09
CA LYS A 921 -7.73 48.47 -39.07
C LYS A 921 -9.07 48.89 -39.67
N LEU A 922 -10.05 49.10 -38.79
CA LEU A 922 -11.40 49.45 -39.25
C LEU A 922 -11.39 50.72 -40.07
N GLN A 923 -10.66 51.74 -39.59
CA GLN A 923 -10.40 52.91 -40.44
C GLN A 923 -9.69 52.48 -41.71
N SER A 924 -8.78 51.51 -41.62
CA SER A 924 -8.13 50.98 -42.82
C SER A 924 -9.10 50.20 -43.69
N PHE A 925 -10.03 49.44 -43.08
CA PHE A 925 -11.02 48.70 -43.85
C PHE A 925 -11.88 49.65 -44.67
N PHE A 926 -12.26 50.78 -44.08
CA PHE A 926 -12.97 51.79 -44.86
C PHE A 926 -12.03 52.46 -45.87
N SER A 927 -10.78 52.73 -45.49
CA SER A 927 -9.84 53.29 -46.45
C SER A 927 -9.72 52.42 -47.69
N GLN A 928 -9.94 51.11 -47.54
CA GLN A 928 -9.88 50.21 -48.69
C GLN A 928 -10.66 50.80 -49.86
N TYR A 929 -11.84 51.35 -49.60
CA TYR A 929 -12.47 52.31 -50.51
C TYR A 929 -12.98 53.49 -49.68
N LYS A 930 -12.07 54.36 -49.28
CA LYS A 930 -12.43 55.57 -48.59
C LYS A 930 -13.29 56.46 -49.46
N LYS A 931 -12.86 56.69 -50.69
CA LYS A 931 -13.75 57.36 -51.64
C LYS A 931 -15.08 56.65 -51.64
N PRO A 932 -15.14 55.33 -51.48
CA PRO A 932 -16.42 54.72 -51.10
C PRO A 932 -16.79 54.96 -49.64
N ILE A 933 -15.84 55.02 -48.72
CA ILE A 933 -16.22 55.33 -47.34
C ILE A 933 -16.92 56.67 -47.30
N CYS A 934 -16.37 57.64 -48.00
CA CYS A 934 -17.00 58.96 -48.03
C CYS A 934 -18.22 58.95 -48.93
N GLN A 935 -18.22 58.13 -49.97
CA GLN A 935 -19.43 58.02 -50.78
C GLN A 935 -20.59 57.48 -49.95
N PHE A 936 -20.29 56.56 -49.03
CA PHE A 936 -21.32 56.06 -48.12
C PHE A 936 -21.69 57.10 -47.10
N LEU A 937 -20.72 57.91 -46.67
CA LEU A 937 -21.07 59.12 -45.94
C LEU A 937 -22.05 59.95 -46.77
N VAL A 938 -21.86 59.95 -48.08
CA VAL A 938 -22.70 60.75 -48.98
C VAL A 938 -24.10 60.18 -49.02
N GLU A 939 -24.20 58.87 -49.12
CA GLU A 939 -25.50 58.22 -49.08
C GLU A 939 -26.19 58.46 -47.74
N SER A 940 -25.40 58.48 -46.65
CA SER A 940 -25.97 58.76 -45.34
C SER A 940 -26.52 60.18 -45.31
N LEU A 941 -25.77 61.13 -45.88
CA LEU A 941 -26.26 62.50 -45.97
C LEU A 941 -27.51 62.57 -46.85
N HIS A 942 -27.58 61.71 -47.86
CA HIS A 942 -28.76 61.69 -48.73
C HIS A 942 -29.98 61.22 -47.95
N SER A 943 -29.82 60.21 -47.10
CA SER A 943 -30.91 59.78 -46.24
C SER A 943 -31.27 60.87 -45.24
N SER A 944 -30.26 61.59 -44.73
CA SER A 944 -30.52 62.70 -43.83
C SER A 944 -31.34 63.79 -44.52
N GLN A 945 -31.07 64.03 -45.80
CA GLN A 945 -31.89 64.98 -46.55
C GLN A 945 -33.30 64.44 -46.78
N MET A 946 -33.40 63.15 -47.12
CA MET A 946 -34.71 62.53 -47.31
C MET A 946 -35.58 62.69 -46.08
N THR A 947 -34.99 62.53 -44.89
CA THR A 947 -35.68 62.79 -43.63
C THR A 947 -34.78 63.71 -42.80
N ALA A 948 -34.85 65.01 -43.09
CA ALA A 948 -34.01 65.98 -42.37
C ALA A 948 -34.48 66.15 -40.94
N LEU A 949 -35.79 66.26 -40.74
CA LEU A 949 -36.37 66.46 -39.42
C LEU A 949 -37.71 65.75 -39.33
N SER B 10 -1.31 -60.52 27.41
CA SER B 10 -0.67 -60.25 26.12
C SER B 10 0.05 -61.49 25.62
N MET B 11 0.36 -61.51 24.32
CA MET B 11 1.02 -62.65 23.69
C MET B 11 2.54 -62.52 23.85
N ILE B 12 3.00 -62.81 25.06
CA ILE B 12 4.44 -62.74 25.34
C ILE B 12 5.18 -63.76 24.50
N PRO B 13 4.68 -64.98 24.28
CA PRO B 13 5.36 -65.87 23.33
C PRO B 13 5.37 -65.30 21.92
N ALA B 14 4.32 -64.57 21.54
CA ALA B 14 4.35 -63.86 20.27
C ALA B 14 5.45 -62.81 20.27
N LEU B 15 5.61 -62.09 21.39
CA LEU B 15 6.69 -61.13 21.51
C LEU B 15 8.05 -61.81 21.31
N ARG B 16 8.21 -62.99 21.91
CA ARG B 16 9.48 -63.71 21.76
C ARG B 16 9.69 -64.16 20.32
N GLU B 17 8.62 -64.68 19.69
CA GLU B 17 8.71 -65.06 18.29
C GLU B 17 9.09 -63.87 17.43
N LEU B 18 8.67 -62.67 17.87
CA LEU B 18 9.05 -61.47 17.13
C LEU B 18 10.56 -61.38 17.00
N GLY B 19 11.28 -61.64 18.08
CA GLY B 19 12.73 -61.72 17.98
C GLY B 19 13.19 -62.94 17.19
N SER B 20 12.49 -64.07 17.36
CA SER B 20 12.92 -65.29 16.69
C SER B 20 12.66 -65.21 15.19
N ALA B 21 11.59 -64.56 14.78
CA ALA B 21 11.18 -64.57 13.38
C ALA B 21 12.25 -63.94 12.50
N THR B 22 12.37 -64.45 11.28
CA THR B 22 13.33 -63.91 10.33
C THR B 22 12.91 -62.50 9.90
N PRO B 23 13.86 -61.65 9.54
CA PRO B 23 13.48 -60.33 9.03
C PRO B 23 12.55 -60.42 7.84
N GLU B 24 12.71 -61.44 7.00
CA GLU B 24 11.78 -61.63 5.88
C GLU B 24 10.40 -62.02 6.38
N GLU B 25 10.33 -62.98 7.31
CA GLU B 25 9.08 -63.34 7.95
C GLU B 25 8.78 -62.45 9.15
N TYR B 26 9.56 -61.39 9.36
CA TYR B 26 9.31 -60.47 10.45
C TYR B 26 7.93 -59.85 10.34
N ASN B 27 7.45 -59.60 9.11
CA ASN B 27 6.13 -59.02 8.95
C ASN B 27 5.06 -59.99 9.46
N THR B 28 5.20 -61.27 9.13
CA THR B 28 4.25 -62.26 9.62
C THR B 28 4.34 -62.40 11.13
N VAL B 29 5.56 -62.35 11.67
CA VAL B 29 5.72 -62.44 13.12
C VAL B 29 5.00 -61.29 13.81
N VAL B 30 5.13 -60.08 13.24
CA VAL B 30 4.44 -58.93 13.81
C VAL B 30 2.94 -59.08 13.68
N GLN B 31 2.49 -59.65 12.56
CA GLN B 31 1.06 -59.75 12.32
C GLN B 31 0.36 -60.50 13.45
N LYS B 32 1.02 -61.53 13.99
CA LYS B 32 0.39 -62.29 15.07
C LYS B 32 0.10 -61.43 16.28
N PRO B 33 1.09 -60.80 16.93
CA PRO B 33 0.75 -59.88 18.02
C PRO B 33 0.07 -58.62 17.53
N ARG B 34 0.42 -58.16 16.32
CA ARG B 34 -0.32 -57.06 15.72
C ARG B 34 -1.80 -57.36 15.66
N GLN B 35 -2.15 -58.64 15.52
CA GLN B 35 -3.56 -59.01 15.52
C GLN B 35 -4.21 -58.70 16.86
N ILE B 36 -3.57 -59.12 17.96
CA ILE B 36 -4.13 -58.85 19.28
C ILE B 36 -4.18 -57.35 19.53
N LEU B 37 -3.16 -56.63 19.08
CA LEU B 37 -3.14 -55.19 19.29
C LEU B 37 -4.27 -54.51 18.52
N CYS B 38 -4.51 -54.96 17.29
CA CYS B 38 -5.60 -54.40 16.51
C CYS B 38 -6.95 -54.71 17.15
N GLN B 39 -7.11 -55.92 17.69
CA GLN B 39 -8.35 -56.23 18.38
C GLN B 39 -8.53 -55.34 19.60
N PHE B 40 -7.45 -55.13 20.36
CA PHE B 40 -7.54 -54.28 21.54
C PHE B 40 -7.95 -52.86 21.15
N ILE B 41 -7.32 -52.32 20.11
CA ILE B 41 -7.71 -50.99 19.63
C ILE B 41 -9.18 -51.00 19.22
N ASP B 42 -9.62 -52.04 18.51
CA ASP B 42 -11.00 -52.12 18.09
C ASP B 42 -11.95 -52.07 19.28
N ARG B 43 -11.54 -52.68 20.40
CA ARG B 43 -12.40 -52.68 21.58
C ARG B 43 -12.69 -51.25 22.04
N ILE B 44 -11.67 -50.41 22.09
CA ILE B 44 -11.80 -49.05 22.60
C ILE B 44 -11.56 -48.03 21.50
N LEU B 45 -10.51 -48.23 20.70
CA LEU B 45 -10.15 -47.24 19.68
C LEU B 45 -11.26 -47.11 18.64
N THR B 46 -11.92 -48.23 18.30
CA THR B 46 -12.97 -48.18 17.29
C THR B 46 -14.11 -47.29 17.73
N ASP B 47 -14.60 -47.47 18.96
CA ASP B 47 -15.64 -46.59 19.49
C ASP B 47 -15.07 -45.22 19.79
N VAL B 48 -15.88 -44.20 19.60
CA VAL B 48 -15.43 -42.83 19.83
C VAL B 48 -15.05 -42.62 21.29
N ASN B 49 -15.84 -43.17 22.21
CA ASN B 49 -15.60 -43.00 23.63
C ASN B 49 -16.11 -44.20 24.42
N LEU B 55 -12.88 -38.86 27.87
CA LEU B 55 -11.85 -38.07 28.53
C LEU B 55 -10.64 -37.89 27.61
N THR B 64 -9.35 -47.55 31.31
CA THR B 64 -9.13 -48.71 30.44
C THR B 64 -8.43 -48.29 29.16
N SER B 65 -9.02 -47.34 28.44
CA SER B 65 -8.40 -46.87 27.20
C SER B 65 -7.04 -46.27 27.47
N VAL B 66 -6.89 -45.56 28.61
CA VAL B 66 -5.57 -45.12 29.02
C VAL B 66 -4.68 -46.33 29.24
N MET B 67 -5.23 -47.40 29.81
CA MET B 67 -4.49 -48.64 29.90
C MET B 67 -4.08 -49.13 28.53
N LEU B 68 -4.95 -48.97 27.53
CA LEU B 68 -4.63 -49.41 26.19
C LEU B 68 -3.47 -48.61 25.60
N LEU B 69 -3.50 -47.29 25.73
CA LEU B 69 -2.44 -46.47 25.18
C LEU B 69 -1.11 -46.74 25.90
N ASP B 70 -1.17 -46.91 27.22
CA ASP B 70 0.04 -47.24 27.96
C ASP B 70 0.59 -48.59 27.53
N PHE B 71 -0.29 -49.56 27.28
CA PHE B 71 0.16 -50.84 26.78
C PHE B 71 0.79 -50.69 25.41
N ILE B 72 0.25 -49.79 24.59
CA ILE B 72 0.83 -49.54 23.28
C ILE B 72 2.25 -49.01 23.43
N GLN B 73 2.44 -48.08 24.36
CA GLN B 73 3.77 -47.53 24.59
C GLN B 73 4.71 -48.61 25.13
N HIS B 74 4.20 -49.45 26.02
CA HIS B 74 5.01 -50.53 26.58
C HIS B 74 5.43 -51.51 25.51
N ILE B 75 4.53 -51.81 24.56
CA ILE B 75 4.87 -52.69 23.46
C ILE B 75 5.90 -52.03 22.56
N MET B 76 5.75 -50.72 22.34
CA MET B 76 6.73 -50.01 21.51
C MET B 76 8.11 -50.10 22.13
N LYS B 77 8.19 -49.92 23.45
CA LYS B 77 9.47 -50.06 24.12
C LYS B 77 9.96 -51.50 24.09
N SER B 78 9.05 -52.45 24.27
CA SER B 78 9.43 -53.86 24.39
C SER B 78 9.80 -54.45 23.04
N SER B 79 9.03 -54.15 22.00
CA SER B 79 9.21 -54.74 20.67
C SER B 79 9.42 -53.62 19.68
N PRO B 80 10.59 -52.97 19.70
CA PRO B 80 10.87 -51.99 18.65
C PRO B 80 10.86 -52.61 17.26
N LEU B 81 11.31 -53.85 17.14
CA LEU B 81 11.26 -54.54 15.85
C LEU B 81 9.83 -54.74 15.39
N MET B 82 8.92 -55.05 16.32
CA MET B 82 7.54 -55.31 15.95
C MET B 82 6.90 -54.08 15.31
N PHE B 83 7.10 -52.91 15.90
CA PHE B 83 6.56 -51.70 15.31
C PHE B 83 7.21 -51.42 13.96
N VAL B 84 8.53 -51.58 13.88
CA VAL B 84 9.28 -51.38 12.65
C VAL B 84 10.33 -52.48 12.57
N ASN B 85 10.30 -53.24 11.47
CA ASN B 85 11.28 -54.30 11.29
C ASN B 85 12.67 -53.70 11.22
N VAL B 86 13.62 -54.34 11.90
CA VAL B 86 14.97 -53.79 11.95
C VAL B 86 15.59 -53.74 10.55
N SER B 87 15.52 -54.86 9.83
CA SER B 87 16.05 -54.89 8.47
C SER B 87 15.19 -54.09 7.52
N GLY B 88 13.87 -54.10 7.72
CA GLY B 88 12.95 -53.46 6.81
C GLY B 88 12.70 -54.27 5.55
N SER B 89 13.77 -54.59 4.83
CA SER B 89 13.76 -55.41 3.62
C SER B 89 13.13 -54.68 2.44
N HIS B 90 12.65 -53.45 2.64
CA HIS B 90 11.95 -52.64 1.65
C HIS B 90 10.51 -53.13 1.48
N GLU B 91 10.12 -54.24 2.11
CA GLU B 91 8.74 -54.70 2.11
C GLU B 91 8.15 -54.73 3.52
N ALA B 92 8.84 -55.39 4.45
CA ALA B 92 8.40 -55.37 5.84
C ALA B 92 8.38 -53.95 6.37
N LYS B 93 9.33 -53.12 5.95
CA LYS B 93 9.34 -51.72 6.36
C LYS B 93 8.07 -51.02 5.91
N GLY B 94 7.67 -51.20 4.65
CA GLY B 94 6.43 -50.62 4.19
C GLY B 94 5.23 -51.16 4.95
N SER B 95 5.24 -52.46 5.27
CA SER B 95 4.14 -53.03 6.03
C SER B 95 4.04 -52.38 7.40
N CYS B 96 5.18 -52.15 8.04
CA CYS B 96 5.17 -51.49 9.34
C CYS B 96 4.68 -50.05 9.21
N ILE B 97 5.05 -49.39 8.12
CA ILE B 97 4.54 -48.04 7.87
C ILE B 97 3.02 -48.07 7.81
N GLU B 98 2.47 -49.08 7.13
CA GLU B 98 1.02 -49.19 7.02
C GLU B 98 0.37 -49.46 8.38
N PHE B 99 0.98 -50.35 9.17
CA PHE B 99 0.38 -50.69 10.46
C PHE B 99 0.42 -49.51 11.42
N SER B 100 1.54 -48.80 11.45
CA SER B 100 1.64 -47.59 12.25
C SER B 100 0.68 -46.52 11.76
N ASN B 101 0.48 -46.44 10.43
CA ASN B 101 -0.50 -45.52 9.90
C ASN B 101 -1.90 -45.87 10.37
N TRP B 102 -2.22 -47.16 10.45
CA TRP B 102 -3.52 -47.58 10.96
C TRP B 102 -3.67 -47.23 12.43
N ILE B 103 -2.61 -47.43 13.21
CA ILE B 103 -2.66 -47.06 14.62
C ILE B 103 -2.85 -45.57 14.77
N ILE B 104 -2.19 -44.79 13.92
CA ILE B 104 -2.34 -43.33 13.95
C ILE B 104 -3.76 -42.95 13.55
N THR B 105 -4.34 -43.69 12.61
CA THR B 105 -5.73 -43.43 12.24
C THR B 105 -6.66 -43.66 13.42
N ARG B 106 -6.45 -44.75 14.16
CA ARG B 106 -7.25 -44.99 15.34
C ARG B 106 -7.04 -43.91 16.37
N LEU B 107 -5.79 -43.49 16.56
CA LEU B 107 -5.49 -42.44 17.52
C LEU B 107 -6.19 -41.13 17.14
N LEU B 108 -6.17 -40.79 15.85
CA LEU B 108 -6.85 -39.58 15.41
C LEU B 108 -8.36 -39.71 15.58
N ARG B 109 -8.89 -40.92 15.35
CA ARG B 109 -10.30 -41.15 15.59
C ARG B 109 -10.66 -40.87 17.03
N ILE B 110 -9.76 -41.25 17.95
CA ILE B 110 -9.97 -40.94 19.36
C ILE B 110 -9.85 -39.44 19.59
N ALA B 111 -8.88 -38.80 18.91
CA ALA B 111 -8.52 -37.43 19.25
C ALA B 111 -9.58 -36.44 18.81
N ALA B 112 -10.18 -36.69 17.65
CA ALA B 112 -11.05 -35.69 17.04
C ALA B 112 -12.15 -35.23 18.01
N THR B 113 -12.72 -36.18 18.74
CA THR B 113 -13.81 -35.83 19.64
C THR B 113 -13.27 -35.00 20.81
N PRO B 114 -13.94 -33.91 21.18
CA PRO B 114 -13.48 -33.16 22.35
C PRO B 114 -13.54 -33.97 23.64
N SER B 115 -14.50 -34.89 23.74
CA SER B 115 -14.65 -35.66 24.97
C SER B 115 -13.45 -36.56 25.20
N CYS B 116 -12.99 -37.26 24.17
CA CYS B 116 -11.87 -38.17 24.27
C CYS B 116 -10.53 -37.47 24.07
N HIS B 117 -10.51 -36.15 23.97
CA HIS B 117 -9.27 -35.44 23.66
C HIS B 117 -8.20 -35.75 24.70
N LEU B 118 -8.59 -35.87 25.98
CA LEU B 118 -7.61 -36.14 27.02
C LEU B 118 -6.91 -37.46 26.76
N LEU B 119 -7.65 -38.46 26.30
CA LEU B 119 -7.03 -39.72 25.94
C LEU B 119 -6.05 -39.53 24.79
N HIS B 120 -6.35 -38.59 23.88
CA HIS B 120 -5.51 -38.41 22.70
C HIS B 120 -4.12 -37.91 23.10
N LYS B 121 -4.05 -37.05 24.11
CA LYS B 121 -2.77 -36.48 24.52
C LYS B 121 -1.83 -37.58 25.02
N LYS B 122 -2.31 -38.45 25.89
CA LYS B 122 -1.52 -39.64 26.21
C LYS B 122 -1.31 -40.46 24.97
N ILE B 123 -2.32 -40.48 24.09
CA ILE B 123 -2.13 -41.07 22.76
C ILE B 123 -1.08 -40.28 22.01
N CYS B 124 -1.07 -38.96 22.19
CA CYS B 124 0.00 -38.14 21.63
C CYS B 124 1.35 -38.63 22.13
N GLU B 125 1.44 -38.92 23.43
CA GLU B 125 2.72 -39.36 23.97
C GLU B 125 3.14 -40.69 23.35
N VAL B 126 2.23 -41.64 23.27
CA VAL B 126 2.59 -42.96 22.75
C VAL B 126 2.95 -42.87 21.27
N ILE B 127 2.13 -42.17 20.49
CA ILE B 127 2.37 -42.06 19.06
C ILE B 127 3.69 -41.34 18.80
N CYS B 128 3.95 -40.26 19.53
CA CYS B 128 5.17 -39.51 19.33
C CYS B 128 6.39 -40.35 19.74
N SER B 129 6.27 -41.10 20.83
CA SER B 129 7.39 -41.94 21.24
C SER B 129 7.67 -43.01 20.20
N LEU B 130 6.61 -43.63 19.65
CA LEU B 130 6.81 -44.66 18.63
C LEU B 130 7.38 -44.04 17.36
N LEU B 131 6.96 -42.82 17.03
CA LEU B 131 7.53 -42.15 15.88
C LEU B 131 9.01 -41.86 16.08
N PHE B 132 9.38 -41.43 17.28
CA PHE B 132 10.80 -41.24 17.58
C PHE B 132 11.55 -42.56 17.44
N LEU B 133 10.93 -43.65 17.89
CA LEU B 133 11.55 -44.97 17.78
C LEU B 133 11.75 -45.35 16.32
N PHE B 134 10.78 -45.03 15.48
CA PHE B 134 10.89 -45.35 14.06
C PHE B 134 11.97 -44.51 13.40
N LYS B 135 12.03 -43.23 13.77
CA LYS B 135 13.08 -42.36 13.23
C LYS B 135 14.44 -42.90 13.61
N SER B 136 14.57 -43.39 14.84
CA SER B 136 15.81 -44.02 15.26
C SER B 136 16.11 -45.21 14.37
N LYS B 137 15.20 -46.18 14.35
CA LYS B 137 15.44 -47.42 13.64
C LYS B 137 15.28 -47.24 12.14
N SER B 138 14.21 -46.57 11.72
CA SER B 138 13.83 -46.46 10.31
C SER B 138 13.73 -45.00 9.93
N PRO B 139 14.86 -44.32 9.76
CA PRO B 139 14.80 -42.88 9.46
C PRO B 139 13.96 -42.58 8.24
N ALA B 140 14.07 -43.39 7.19
CA ALA B 140 13.31 -43.12 5.97
C ALA B 140 11.82 -43.36 6.16
N ILE B 141 11.47 -44.46 6.83
CA ILE B 141 10.05 -44.74 7.06
C ILE B 141 9.46 -43.64 7.93
N PHE B 142 10.24 -43.16 8.89
CA PHE B 142 9.79 -42.06 9.73
C PHE B 142 9.63 -40.79 8.93
N GLY B 143 10.52 -40.55 7.97
CA GLY B 143 10.37 -39.39 7.11
C GLY B 143 9.09 -39.46 6.31
N VAL B 144 8.76 -40.65 5.81
CA VAL B 144 7.51 -40.83 5.06
C VAL B 144 6.31 -40.56 5.96
N LEU B 145 6.35 -41.11 7.18
CA LEU B 145 5.24 -40.90 8.09
C LEU B 145 5.10 -39.44 8.47
N THR B 146 6.22 -38.75 8.66
CA THR B 146 6.19 -37.34 9.01
C THR B 146 5.68 -36.50 7.85
N LYS B 147 6.06 -36.85 6.62
CA LYS B 147 5.49 -36.16 5.47
C LYS B 147 3.98 -36.34 5.42
N GLU B 148 3.51 -37.57 5.70
CA GLU B 148 2.07 -37.81 5.72
C GLU B 148 1.41 -36.98 6.82
N LEU B 149 2.03 -36.90 7.98
CA LEU B 149 1.48 -36.12 9.08
C LEU B 149 1.41 -34.64 8.70
N LEU B 150 2.45 -34.13 8.05
CA LEU B 150 2.45 -32.73 7.65
C LEU B 150 1.37 -32.48 6.60
N GLN B 151 1.15 -33.44 5.71
CA GLN B 151 0.08 -33.30 4.73
C GLN B 151 -1.28 -33.30 5.42
N LEU B 152 -1.47 -34.16 6.41
CA LEU B 152 -2.71 -34.17 7.17
C LEU B 152 -2.91 -32.83 7.86
N PHE B 153 -1.83 -32.26 8.38
CA PHE B 153 -1.92 -30.94 9.01
C PHE B 153 -2.31 -29.89 7.96
N GLU B 154 -1.75 -29.99 6.77
CA GLU B 154 -2.08 -29.03 5.72
C GLU B 154 -3.54 -29.12 5.34
N ASP B 155 -4.06 -30.35 5.27
CA ASP B 155 -5.47 -30.53 4.95
C ASP B 155 -6.37 -30.03 6.05
N LEU B 156 -5.98 -30.24 7.32
CA LEU B 156 -6.78 -29.71 8.42
C LEU B 156 -6.78 -28.19 8.38
N VAL B 157 -5.62 -27.59 8.09
CA VAL B 157 -5.55 -26.14 8.01
C VAL B 157 -6.39 -25.63 6.84
N TYR B 158 -6.38 -26.37 5.73
CA TYR B 158 -7.22 -26.00 4.59
C TYR B 158 -8.69 -26.07 4.95
N LEU B 159 -9.09 -27.09 5.71
CA LEU B 159 -10.48 -27.19 6.12
C LEU B 159 -10.84 -26.03 7.04
N HIS B 160 -9.95 -25.68 7.95
CA HIS B 160 -10.20 -24.54 8.83
C HIS B 160 -10.31 -23.25 8.01
N ARG B 161 -9.46 -23.10 7.00
CA ARG B 161 -9.49 -21.92 6.16
C ARG B 161 -10.79 -21.84 5.38
N ARG B 162 -11.27 -22.97 4.86
CA ARG B 162 -12.53 -22.99 4.14
C ARG B 162 -13.69 -22.64 5.07
N ASN B 163 -13.65 -23.13 6.31
CA ASN B 163 -14.71 -22.81 7.25
C ASN B 163 -14.70 -21.32 7.60
N VAL B 164 -13.52 -20.77 7.87
CA VAL B 164 -13.44 -19.39 8.33
C VAL B 164 -13.71 -18.43 7.20
N MET B 165 -13.12 -18.66 6.03
CA MET B 165 -13.32 -17.77 4.90
C MET B 165 -14.79 -17.71 4.50
N GLY B 166 -15.57 -18.72 4.87
CA GLY B 166 -16.95 -18.82 4.47
C GLY B 166 -17.23 -19.79 3.34
N HIS B 167 -16.22 -20.44 2.79
CA HIS B 167 -16.45 -21.51 1.83
C HIS B 167 -17.16 -22.67 2.51
N ALA B 168 -17.62 -23.63 1.71
CA ALA B 168 -18.34 -24.76 2.25
C ALA B 168 -17.58 -25.38 3.41
N VAL B 169 -18.30 -25.62 4.51
CA VAL B 169 -17.62 -26.08 5.73
C VAL B 169 -17.03 -27.47 5.51
N GLU B 170 -17.78 -28.36 4.87
CA GLU B 170 -17.37 -29.75 4.69
C GLU B 170 -16.99 -30.36 6.03
N TRP B 171 -17.84 -30.12 7.03
CA TRP B 171 -17.54 -30.59 8.38
C TRP B 171 -17.31 -32.09 8.44
N PRO B 172 -18.10 -32.94 7.79
CA PRO B 172 -17.73 -34.36 7.66
C PRO B 172 -16.92 -34.62 6.41
N VAL B 173 -15.73 -35.22 6.56
CA VAL B 173 -14.85 -35.53 5.45
C VAL B 173 -13.93 -36.68 5.85
N VAL B 174 -13.56 -37.51 4.87
CA VAL B 174 -12.61 -38.57 5.17
C VAL B 174 -11.27 -37.99 5.57
N MET B 175 -10.81 -36.97 4.84
CA MET B 175 -9.52 -36.33 5.11
C MET B 175 -8.43 -37.38 5.22
N SER B 176 -8.54 -38.42 4.41
CA SER B 176 -7.65 -39.57 4.55
C SER B 176 -6.21 -39.16 4.32
N ARG B 177 -5.35 -39.58 5.24
CA ARG B 177 -3.92 -39.35 5.15
C ARG B 177 -3.23 -40.49 5.87
N PHE B 178 -2.08 -40.92 5.34
CA PHE B 178 -1.41 -42.09 5.86
C PHE B 178 -2.35 -43.30 5.85
N LEU B 179 -3.16 -43.39 4.79
CA LEU B 179 -4.11 -44.49 4.67
C LEU B 179 -3.37 -45.82 4.61
N SER B 180 -3.95 -46.83 5.26
CA SER B 180 -3.39 -48.17 5.31
C SER B 180 -4.42 -49.16 4.78
N GLN B 181 -3.98 -50.05 3.88
CA GLN B 181 -4.89 -51.04 3.34
C GLN B 181 -5.37 -52.03 4.40
N LEU B 182 -4.45 -52.49 5.27
CA LEU B 182 -4.83 -53.45 6.29
C LEU B 182 -5.88 -52.86 7.23
N ASP B 183 -5.76 -51.57 7.53
CA ASP B 183 -6.73 -50.90 8.39
C ASP B 183 -6.67 -51.45 9.81
N ALA B 192 -7.95 -48.28 9.95
CA ALA B 192 -9.39 -48.14 9.84
C ALA B 192 -9.79 -46.80 9.23
N PRO B 193 -11.09 -46.50 9.23
CA PRO B 193 -11.55 -45.25 8.65
C PRO B 193 -11.18 -44.04 9.51
N LEU B 194 -10.79 -42.96 8.84
CA LEU B 194 -10.39 -41.72 9.50
C LEU B 194 -11.60 -40.79 9.58
N GLN B 195 -12.18 -40.69 10.77
CA GLN B 195 -13.34 -39.84 10.96
C GLN B 195 -12.94 -38.37 10.98
N LEU B 196 -13.89 -37.51 10.59
CA LEU B 196 -13.71 -36.07 10.63
C LEU B 196 -14.66 -35.49 11.67
N MET B 197 -14.12 -34.65 12.55
CA MET B 197 -14.92 -34.02 13.57
C MET B 197 -15.67 -32.81 13.02
N SER B 198 -16.74 -32.42 13.72
CA SER B 198 -17.42 -31.19 13.40
C SER B 198 -16.48 -30.01 13.59
N MET B 199 -16.71 -28.95 12.83
CA MET B 199 -15.70 -27.90 12.65
C MET B 199 -14.93 -27.63 13.95
N GLN B 200 -15.63 -27.55 15.08
CA GLN B 200 -14.95 -27.30 16.34
C GLN B 200 -14.10 -28.50 16.77
N ASN B 201 -14.65 -29.70 16.66
CA ASN B 201 -13.88 -30.88 17.04
C ASN B 201 -12.71 -31.09 16.07
N LEU B 202 -12.89 -30.69 14.82
CA LEU B 202 -11.76 -30.64 13.90
C LEU B 202 -10.70 -29.68 14.40
N GLU B 203 -11.13 -28.54 14.97
CA GLU B 203 -10.17 -27.67 15.64
C GLU B 203 -9.45 -28.41 16.75
N PHE B 204 -10.17 -29.26 17.48
CA PHE B 204 -9.55 -30.02 18.57
C PHE B 204 -8.53 -31.02 18.03
N ILE B 205 -8.88 -31.72 16.96
CA ILE B 205 -7.96 -32.67 16.34
C ILE B 205 -6.73 -31.94 15.82
N GLU B 206 -6.93 -30.74 15.30
CA GLU B 206 -5.81 -29.92 14.87
C GLU B 206 -4.95 -29.50 16.05
N VAL B 207 -5.58 -29.24 17.20
CA VAL B 207 -4.81 -28.90 18.40
C VAL B 207 -3.94 -30.06 18.82
N THR B 208 -4.48 -31.27 18.75
CA THR B 208 -3.69 -32.45 19.08
C THR B 208 -2.54 -32.63 18.09
N LEU B 209 -2.82 -32.40 16.80
CA LEU B 209 -1.76 -32.49 15.81
C LEU B 209 -0.70 -31.44 16.07
N LEU B 210 -1.12 -30.25 16.52
CA LEU B 210 -0.17 -29.19 16.84
C LEU B 210 0.69 -29.57 18.04
N MET B 211 0.09 -30.24 19.02
CA MET B 211 0.88 -30.71 20.16
C MET B 211 1.91 -31.72 19.70
N VAL B 212 1.52 -32.64 18.83
CA VAL B 212 2.46 -33.64 18.33
C VAL B 212 3.57 -32.96 17.54
N LEU B 213 3.21 -32.00 16.69
CA LEU B 213 4.21 -31.29 15.91
C LEU B 213 5.15 -30.51 16.82
N THR B 214 4.63 -29.95 17.91
CA THR B 214 5.48 -29.26 18.86
C THR B 214 6.46 -30.22 19.49
N ARG B 215 6.01 -31.43 19.77
CA ARG B 215 6.89 -32.44 20.32
C ARG B 215 8.00 -32.78 19.32
N ILE B 216 7.65 -32.84 18.03
CA ILE B 216 8.56 -33.38 17.02
C ILE B 216 9.23 -32.29 16.20
N ILE B 217 9.11 -31.03 16.60
CA ILE B 217 9.57 -29.93 15.77
C ILE B 217 11.00 -30.15 15.30
N ALA B 218 11.89 -30.51 16.23
CA ALA B 218 13.31 -30.58 15.88
C ALA B 218 13.57 -31.63 14.81
N ILE B 219 12.92 -32.79 14.94
CA ILE B 219 13.13 -33.84 13.96
C ILE B 219 12.60 -33.42 12.60
N VAL B 220 11.52 -32.62 12.59
CA VAL B 220 10.86 -32.29 11.33
C VAL B 220 11.69 -31.30 10.53
N PHE B 221 12.22 -30.27 11.18
CA PHE B 221 12.78 -29.14 10.45
C PHE B 221 13.92 -29.57 9.54
N PHE B 222 13.75 -29.33 8.24
CA PHE B 222 14.73 -29.71 7.23
C PHE B 222 15.15 -28.53 6.36
N ARG B 223 14.69 -27.32 6.66
CA ARG B 223 14.93 -26.12 5.87
C ARG B 223 14.01 -26.06 4.65
N ARG B 224 13.21 -27.10 4.43
CA ARG B 224 12.19 -27.09 3.38
C ARG B 224 10.79 -27.30 3.93
N GLN B 225 10.59 -28.38 4.69
CA GLN B 225 9.37 -28.52 5.46
C GLN B 225 9.21 -27.38 6.44
N GLU B 226 10.31 -26.64 6.69
CA GLU B 226 10.23 -25.51 7.59
C GLU B 226 9.18 -24.53 7.13
N LEU B 227 9.09 -24.29 5.83
CA LEU B 227 8.06 -23.40 5.32
C LEU B 227 6.68 -23.98 5.60
N LEU B 228 6.53 -25.30 5.50
CA LEU B 228 5.24 -25.91 5.78
C LEU B 228 4.87 -25.77 7.25
N LEU B 229 5.84 -25.95 8.14
CA LEU B 229 5.57 -25.79 9.56
C LEU B 229 5.19 -24.35 9.85
N TRP B 230 5.92 -23.40 9.26
CA TRP B 230 5.58 -22.00 9.43
C TRP B 230 4.18 -21.72 8.91
N GLN B 231 3.78 -22.39 7.83
CA GLN B 231 2.45 -22.17 7.26
C GLN B 231 1.38 -22.70 8.19
N ILE B 232 1.57 -23.92 8.69
CA ILE B 232 0.57 -24.48 9.59
C ILE B 232 0.42 -23.58 10.81
N GLY B 233 1.54 -23.10 11.33
CA GLY B 233 1.49 -22.23 12.48
C GLY B 233 0.83 -20.90 12.20
N CYS B 234 1.17 -20.28 11.07
CA CYS B 234 0.64 -18.96 10.79
C CYS B 234 -0.86 -19.04 10.52
N VAL B 235 -1.29 -20.05 9.79
CA VAL B 235 -2.71 -20.23 9.55
C VAL B 235 -3.43 -20.51 10.85
N LEU B 236 -2.84 -21.33 11.72
CA LEU B 236 -3.48 -21.62 13.01
C LEU B 236 -3.59 -20.36 13.84
N LEU B 237 -2.61 -19.47 13.71
CA LEU B 237 -2.69 -18.19 14.40
C LEU B 237 -3.83 -17.35 13.83
N GLU B 238 -4.02 -17.42 12.51
CA GLU B 238 -5.04 -16.59 11.88
C GLU B 238 -6.43 -17.04 12.30
N TYR B 239 -6.64 -18.35 12.39
CA TYR B 239 -7.96 -18.89 12.70
C TYR B 239 -7.85 -19.98 13.75
N GLY B 240 -8.97 -20.22 14.41
CA GLY B 240 -9.09 -21.25 15.41
C GLY B 240 -9.42 -20.67 16.78
N SER B 241 -9.52 -21.56 17.75
CA SER B 241 -9.91 -21.15 19.08
C SER B 241 -8.86 -20.24 19.70
N PRO B 242 -9.27 -19.25 20.49
CA PRO B 242 -8.27 -18.40 21.14
C PRO B 242 -7.25 -19.20 21.92
N LYS B 243 -7.69 -20.26 22.59
CA LYS B 243 -6.76 -21.16 23.26
C LYS B 243 -5.97 -21.99 22.25
N ILE B 244 -6.65 -22.47 21.21
CA ILE B 244 -5.93 -23.13 20.13
C ILE B 244 -4.98 -22.15 19.49
N LYS B 245 -5.40 -20.89 19.36
CA LYS B 245 -4.51 -19.85 18.87
C LYS B 245 -3.29 -19.72 19.77
N SER B 246 -3.47 -19.89 21.08
CA SER B 246 -2.36 -19.75 22.00
C SER B 246 -1.38 -20.92 21.85
N LEU B 247 -1.91 -22.13 21.79
CA LEU B 247 -1.04 -23.28 21.55
C LEU B 247 -0.29 -23.12 20.24
N ALA B 248 -0.96 -22.56 19.23
CA ALA B 248 -0.30 -22.30 17.96
C ALA B 248 0.79 -21.26 18.11
N ILE B 249 0.54 -20.25 18.94
CA ILE B 249 1.56 -19.24 19.19
C ILE B 249 2.78 -19.89 19.81
N SER B 250 2.56 -20.86 20.69
CA SER B 250 3.67 -21.55 21.30
C SER B 250 4.45 -22.34 20.26
N PHE B 251 3.74 -23.04 19.38
CA PHE B 251 4.43 -23.80 18.35
C PHE B 251 5.24 -22.88 17.45
N LEU B 252 4.66 -21.74 17.09
CA LEU B 252 5.37 -20.78 16.27
C LEU B 252 6.59 -20.23 17.00
N THR B 253 6.48 -20.10 18.33
CA THR B 253 7.63 -19.60 19.08
C THR B 253 8.76 -20.61 19.05
N GLU B 254 8.43 -21.89 19.27
CA GLU B 254 9.45 -22.92 19.18
C GLU B 254 10.08 -22.94 17.81
N LEU B 255 9.27 -22.71 16.77
CA LEU B 255 9.79 -22.68 15.41
C LEU B 255 10.71 -21.48 15.22
N PHE B 256 10.36 -20.35 15.81
CA PHE B 256 11.18 -19.14 15.62
C PHE B 256 12.52 -19.30 16.31
N GLN B 257 12.54 -19.95 17.47
CA GLN B 257 13.81 -20.15 18.17
C GLN B 257 14.77 -20.94 17.30
N LEU B 258 14.27 -21.97 16.61
CA LEU B 258 15.08 -22.81 15.77
C LEU B 258 14.87 -22.41 14.30
N GLY B 259 15.88 -21.79 13.71
CA GLY B 259 15.86 -21.47 12.30
C GLY B 259 15.30 -20.12 11.93
N GLY B 260 14.89 -19.31 12.91
CA GLY B 260 14.41 -17.99 12.57
C GLY B 260 13.06 -18.04 11.90
N LEU B 261 12.66 -16.90 11.32
CA LEU B 261 11.39 -16.76 10.65
C LEU B 261 11.62 -16.50 9.16
N PRO B 262 11.21 -17.39 8.29
CA PRO B 262 11.43 -17.17 6.86
C PRO B 262 10.59 -16.01 6.35
N ALA B 263 11.18 -15.26 5.42
CA ALA B 263 10.54 -14.01 4.98
C ALA B 263 9.13 -14.26 4.50
N GLN B 264 8.92 -15.31 3.71
CA GLN B 264 7.56 -15.61 3.27
C GLN B 264 6.63 -15.84 4.44
N PRO B 265 7.01 -16.59 5.47
CA PRO B 265 6.15 -16.63 6.66
C PRO B 265 6.11 -15.31 7.40
N ALA B 266 7.15 -14.49 7.25
CA ALA B 266 7.34 -13.36 8.14
C ALA B 266 6.17 -12.39 8.09
N SER B 267 5.75 -12.00 6.89
CA SER B 267 4.72 -10.97 6.78
C SER B 267 3.45 -11.39 7.50
N THR B 268 3.01 -12.63 7.28
CA THR B 268 1.77 -13.09 7.88
C THR B 268 1.88 -13.21 9.39
N PHE B 269 3.02 -13.72 9.87
CA PHE B 269 3.20 -13.86 11.31
C PHE B 269 3.22 -12.49 11.99
N PHE B 270 3.88 -11.52 11.36
CA PHE B 270 3.94 -10.18 11.92
C PHE B 270 2.56 -9.54 11.93
N SER B 271 1.78 -9.78 10.88
CA SER B 271 0.42 -9.25 10.85
C SER B 271 -0.43 -9.90 11.93
N SER B 272 -0.28 -11.21 12.12
CA SER B 272 -1.04 -11.90 13.15
C SER B 272 -0.64 -11.41 14.53
N PHE B 273 0.65 -11.13 14.73
CA PHE B 273 1.10 -10.60 16.00
C PHE B 273 0.54 -9.22 16.25
N LEU B 274 0.49 -8.39 15.22
CA LEU B 274 -0.13 -7.08 15.37
C LEU B 274 -1.61 -7.22 15.72
N GLU B 275 -2.28 -8.17 15.07
CA GLU B 275 -3.70 -8.38 15.33
C GLU B 275 -3.93 -8.88 16.74
N LEU B 276 -3.06 -9.77 17.21
CA LEU B 276 -3.16 -10.27 18.58
C LEU B 276 -2.90 -9.14 19.58
N LEU B 277 -1.95 -8.26 19.27
CA LEU B 277 -1.69 -7.14 20.16
C LEU B 277 -2.91 -6.23 20.24
N LYS B 278 -3.56 -5.98 19.11
CA LYS B 278 -4.78 -5.18 19.13
C LYS B 278 -5.89 -5.89 19.90
N HIS B 279 -5.97 -7.21 19.76
CA HIS B 279 -7.04 -7.95 20.41
C HIS B 279 -6.81 -8.05 21.91
N LEU B 280 -5.56 -7.95 22.34
CA LEU B 280 -5.23 -8.21 23.74
C LEU B 280 -6.14 -7.42 24.67
N VAL B 281 -6.47 -6.19 24.30
CA VAL B 281 -7.38 -5.39 25.12
C VAL B 281 -8.75 -6.06 25.16
N GLU B 282 -9.27 -6.45 24.01
CA GLU B 282 -10.59 -7.06 23.92
C GLU B 282 -10.44 -8.58 23.96
N MET B 283 -10.08 -9.07 25.15
CA MET B 283 -9.91 -10.50 25.36
C MET B 283 -10.53 -10.90 26.69
N ASP B 284 -10.98 -12.15 26.76
CA ASP B 284 -11.55 -12.69 27.98
C ASP B 284 -10.45 -12.95 29.00
N THR B 285 -10.77 -12.70 30.26
CA THR B 285 -9.78 -12.89 31.32
C THR B 285 -9.27 -14.32 31.33
N ASP B 286 -10.16 -15.29 31.13
CA ASP B 286 -9.73 -16.66 30.93
C ASP B 286 -8.94 -16.80 29.63
N GLN B 287 -9.38 -16.11 28.58
CA GLN B 287 -8.61 -16.12 27.33
C GLN B 287 -7.25 -15.49 27.55
N LEU B 288 -7.19 -14.39 28.30
CA LEU B 288 -5.92 -13.76 28.59
C LEU B 288 -5.01 -14.71 29.36
N LYS B 289 -5.56 -15.46 30.31
CA LYS B 289 -4.75 -16.42 31.05
C LYS B 289 -4.25 -17.52 30.12
N LEU B 290 -5.09 -17.95 29.19
CA LEU B 290 -4.67 -18.99 28.26
C LEU B 290 -3.53 -18.51 27.38
N TYR B 291 -3.58 -17.27 26.93
CA TYR B 291 -2.62 -16.79 25.93
C TYR B 291 -1.42 -16.07 26.54
N GLU B 292 -1.42 -15.80 27.85
CA GLU B 292 -0.39 -14.95 28.42
C GLU B 292 0.99 -15.56 28.27
N GLU B 293 1.18 -16.77 28.79
CA GLU B 293 2.49 -17.36 28.85
C GLU B 293 3.02 -17.51 27.43
N PRO B 294 2.23 -18.07 26.52
CA PRO B 294 2.71 -18.15 25.14
C PRO B 294 2.91 -16.78 24.51
N LEU B 295 2.02 -15.84 24.81
CA LEU B 295 2.16 -14.51 24.25
C LEU B 295 3.46 -13.86 24.73
N SER B 296 3.75 -13.98 26.02
CA SER B 296 4.99 -13.41 26.53
C SER B 296 6.20 -14.12 25.94
N LYS B 297 6.11 -15.44 25.78
CA LYS B 297 7.24 -16.16 25.21
C LYS B 297 7.51 -15.68 23.79
N LEU B 298 6.46 -15.46 23.01
CA LEU B 298 6.62 -14.92 21.66
C LEU B 298 7.21 -13.52 21.70
N ILE B 299 6.71 -12.67 22.60
CA ILE B 299 7.21 -11.31 22.67
C ILE B 299 8.70 -11.31 22.96
N LYS B 300 9.13 -12.24 23.82
CA LYS B 300 10.54 -12.29 24.19
C LYS B 300 11.39 -12.86 23.05
N THR B 301 10.99 -14.01 22.52
CA THR B 301 11.80 -14.67 21.52
C THR B 301 11.89 -13.83 20.24
N LEU B 302 10.78 -13.24 19.84
CA LEU B 302 10.78 -12.40 18.63
C LEU B 302 11.56 -11.12 18.85
N PHE B 303 11.56 -10.61 20.08
CA PHE B 303 12.30 -9.40 20.43
C PHE B 303 13.21 -9.72 21.60
N PRO B 304 14.33 -10.39 21.35
CA PRO B 304 15.27 -10.67 22.44
C PRO B 304 15.98 -9.41 22.91
N PHE B 305 16.01 -9.21 24.22
CA PHE B 305 16.67 -8.04 24.79
C PHE B 305 18.13 -7.98 24.34
N GLU B 306 18.70 -9.14 24.01
CA GLU B 306 20.08 -9.20 23.56
C GLU B 306 20.27 -8.44 22.27
N ALA B 307 21.48 -7.91 22.08
CA ALA B 307 21.83 -7.24 20.85
C ALA B 307 21.74 -8.20 19.67
N GLU B 308 21.66 -7.64 18.47
CA GLU B 308 21.61 -8.35 17.19
C GLU B 308 20.24 -8.95 16.93
N ALA B 309 19.26 -8.74 17.80
CA ALA B 309 17.91 -9.17 17.50
C ALA B 309 17.30 -8.31 16.39
N TYR B 310 17.72 -7.05 16.31
CA TYR B 310 17.10 -6.12 15.38
C TYR B 310 17.22 -6.63 13.95
N ARG B 311 18.39 -7.15 13.60
CA ARG B 311 18.60 -7.60 12.23
C ARG B 311 17.62 -8.71 11.86
N ASN B 312 17.22 -9.52 12.83
CA ASN B 312 16.45 -10.72 12.50
C ASN B 312 15.11 -10.37 11.87
N ILE B 313 14.36 -9.46 12.48
CA ILE B 313 13.08 -9.04 11.93
C ILE B 313 13.29 -8.05 10.79
N GLU B 314 12.39 -8.06 9.83
CA GLU B 314 12.50 -7.15 8.69
C GLU B 314 12.27 -5.71 9.15
N PRO B 315 12.93 -4.74 8.51
CA PRO B 315 12.79 -3.35 8.98
C PRO B 315 11.35 -2.85 8.98
N VAL B 316 10.60 -3.14 7.91
CA VAL B 316 9.22 -2.69 7.83
C VAL B 316 8.38 -3.38 8.89
N TYR B 317 8.60 -4.67 9.09
CA TYR B 317 7.86 -5.38 10.12
C TYR B 317 8.10 -4.74 11.49
N LEU B 318 9.33 -4.33 11.76
CA LEU B 318 9.63 -3.73 13.05
C LEU B 318 8.96 -2.37 13.17
N ASN B 319 8.93 -1.61 12.07
CA ASN B 319 8.20 -0.35 12.11
C ASN B 319 6.73 -0.60 12.40
N MET B 320 6.18 -1.69 11.86
CA MET B 320 4.78 -2.00 12.11
C MET B 320 4.58 -2.37 13.57
N LEU B 321 5.55 -3.06 14.16
CA LEU B 321 5.49 -3.34 15.59
C LEU B 321 5.47 -2.04 16.37
N LEU B 322 6.32 -1.09 16.00
CA LEU B 322 6.32 0.19 16.69
C LEU B 322 4.98 0.90 16.56
N GLU B 323 4.37 0.81 15.37
CA GLU B 323 3.10 1.49 15.16
C GLU B 323 1.98 0.85 15.97
N LYS B 324 1.94 -0.48 15.99
CA LYS B 324 0.95 -1.16 16.80
C LYS B 324 1.15 -0.85 18.28
N LEU B 325 2.42 -0.71 18.69
CA LEU B 325 2.68 -0.34 20.08
C LEU B 325 2.19 1.08 20.36
N CYS B 326 2.36 1.98 19.39
CA CYS B 326 1.84 3.33 19.56
C CYS B 326 0.34 3.30 19.72
N VAL B 327 -0.34 2.46 18.94
CA VAL B 327 -1.78 2.34 19.06
C VAL B 327 -2.16 1.80 20.43
N MET B 328 -1.43 0.78 20.89
CA MET B 328 -1.74 0.19 22.19
C MET B 328 -1.57 1.21 23.31
N PHE B 329 -0.53 2.03 23.20
CA PHE B 329 -0.30 3.07 24.20
C PHE B 329 -1.41 4.11 24.16
N GLU B 330 -1.86 4.46 22.95
CA GLU B 330 -3.02 5.35 22.84
C GLU B 330 -4.26 4.70 23.44
N ASP B 331 -4.38 3.38 23.26
CA ASP B 331 -5.49 2.65 23.86
C ASP B 331 -5.37 2.56 25.37
N GLY B 332 -4.20 2.87 25.93
CA GLY B 332 -3.98 2.65 27.34
C GLY B 332 -4.03 1.17 27.69
N VAL B 333 -3.48 0.33 26.81
CA VAL B 333 -3.54 -1.11 27.02
C VAL B 333 -2.99 -1.48 28.40
N LEU B 334 -2.04 -0.69 28.89
CA LEU B 334 -1.53 -0.93 30.23
C LEU B 334 -2.66 -0.85 31.25
N MET B 335 -3.53 0.13 31.12
CA MET B 335 -4.68 0.22 32.02
C MET B 335 -5.70 -0.86 31.70
N ARG B 336 -5.92 -1.12 30.41
CA ARG B 336 -6.91 -2.12 30.02
C ARG B 336 -6.47 -3.52 30.42
N LEU B 337 -5.16 -3.78 30.36
CA LEU B 337 -4.67 -5.13 30.57
C LEU B 337 -5.00 -5.60 31.98
N LYS B 338 -5.61 -6.78 32.05
CA LYS B 338 -5.92 -7.43 33.31
C LYS B 338 -4.89 -8.50 33.69
N SER B 339 -3.83 -8.68 32.90
CA SER B 339 -2.79 -9.65 33.18
C SER B 339 -1.45 -8.94 33.27
N ASP B 340 -0.74 -9.14 34.39
CA ASP B 340 0.52 -8.45 34.57
C ASP B 340 1.56 -8.92 33.57
N LEU B 341 1.66 -10.23 33.37
CA LEU B 341 2.67 -10.76 32.48
C LEU B 341 2.51 -10.18 31.08
N LEU B 342 1.25 -9.99 30.64
CA LEU B 342 1.03 -9.37 29.34
C LEU B 342 1.47 -7.92 29.34
N LYS B 343 1.14 -7.18 30.40
CA LYS B 343 1.67 -5.83 30.53
C LYS B 343 3.18 -5.87 30.60
N ALA B 344 3.72 -6.89 31.23
CA ALA B 344 5.18 -7.03 31.30
C ALA B 344 5.77 -7.20 29.91
N ALA B 345 5.10 -7.97 29.06
CA ALA B 345 5.62 -8.20 27.72
C ALA B 345 5.47 -6.96 26.86
N LEU B 346 4.38 -6.21 27.03
CA LEU B 346 4.25 -4.95 26.34
C LEU B 346 5.39 -4.02 26.72
N CYS B 347 5.72 -3.97 28.01
CA CYS B 347 6.87 -3.19 28.46
C CYS B 347 8.15 -3.74 27.84
N HIS B 348 8.25 -5.07 27.69
CA HIS B 348 9.42 -5.66 27.07
C HIS B 348 9.57 -5.18 25.64
N LEU B 349 8.45 -5.07 24.92
CA LEU B 349 8.51 -4.55 23.56
C LEU B 349 8.95 -3.10 23.57
N LEU B 350 8.44 -2.32 24.51
CA LEU B 350 8.85 -0.93 24.61
C LEU B 350 10.35 -0.84 24.82
N GLN B 351 10.88 -1.72 25.67
CA GLN B 351 12.30 -1.67 25.96
C GLN B 351 13.11 -2.13 24.76
N TYR B 352 12.64 -3.16 24.06
CA TYR B 352 13.36 -3.64 22.89
C TYR B 352 13.44 -2.54 21.85
N PHE B 353 12.37 -1.76 21.70
CA PHE B 353 12.39 -0.66 20.75
C PHE B 353 13.27 0.47 21.24
N LEU B 354 13.32 0.67 22.56
CA LEU B 354 14.09 1.79 23.10
C LEU B 354 15.59 1.53 23.00
N LYS B 355 16.02 0.30 23.26
CA LYS B 355 17.43 0.00 23.50
C LYS B 355 18.04 -0.91 22.44
N PHE B 356 17.45 -2.06 22.18
CA PHE B 356 18.09 -3.07 21.35
C PHE B 356 17.83 -2.89 19.86
N VAL B 357 16.92 -2.00 19.48
CA VAL B 357 16.60 -1.73 18.09
C VAL B 357 17.27 -0.42 17.70
N PRO B 358 18.23 -0.43 16.79
CA PRO B 358 18.91 0.82 16.47
C PRO B 358 17.97 1.79 15.78
N ALA B 359 18.00 3.04 16.23
CA ALA B 359 17.21 4.07 15.59
C ALA B 359 17.70 4.30 14.18
N GLY B 360 16.78 4.42 13.24
CA GLY B 360 17.11 4.53 11.84
C GLY B 360 17.18 3.22 11.10
N TYR B 361 16.89 2.11 11.77
CA TYR B 361 16.76 0.81 11.12
C TYR B 361 15.30 0.38 10.97
N GLU B 362 14.54 0.38 12.06
CA GLU B 362 13.13 0.04 11.97
C GLU B 362 12.34 1.12 11.25
N SER B 363 12.72 2.37 11.48
CA SER B 363 12.07 3.52 10.86
C SER B 363 13.01 4.70 10.96
N ALA B 364 12.65 5.78 10.29
CA ALA B 364 13.46 6.99 10.35
C ALA B 364 13.52 7.52 11.77
N LEU B 365 14.58 8.27 12.07
CA LEU B 365 14.83 8.70 13.43
C LEU B 365 13.66 9.51 14.00
N GLN B 366 13.22 10.54 13.28
CA GLN B 366 12.22 11.44 13.83
C GLN B 366 10.92 10.71 14.11
N VAL B 367 10.53 9.79 13.23
CA VAL B 367 9.31 9.02 13.43
C VAL B 367 9.44 8.16 14.68
N ARG B 368 10.63 7.61 14.89
CA ARG B 368 10.86 6.82 16.10
C ARG B 368 10.73 7.68 17.33
N LYS B 369 11.29 8.89 17.29
CA LYS B 369 11.20 9.79 18.43
C LYS B 369 9.76 10.14 18.73
N VAL B 370 8.95 10.34 17.68
CA VAL B 370 7.55 10.71 17.87
C VAL B 370 6.78 9.55 18.51
N TYR B 371 6.94 8.35 17.96
CA TYR B 371 6.23 7.19 18.52
C TYR B 371 6.67 6.95 19.95
N VAL B 372 7.96 7.15 20.23
CA VAL B 372 8.48 6.95 21.57
C VAL B 372 7.92 8.01 22.51
N ARG B 373 7.78 9.25 22.04
CA ARG B 373 7.18 10.28 22.87
C ARG B 373 5.75 9.92 23.23
N ASN B 374 5.01 9.40 22.25
CA ASN B 374 3.63 8.98 22.53
C ASN B 374 3.59 7.84 23.54
N ILE B 375 4.48 6.85 23.36
CA ILE B 375 4.52 5.73 24.29
C ILE B 375 4.87 6.21 25.69
N CYS B 376 5.77 7.20 25.77
CA CYS B 376 6.17 7.73 27.07
C CYS B 376 5.04 8.50 27.73
N LYS B 377 4.27 9.24 26.93
CA LYS B 377 3.10 9.92 27.48
C LYS B 377 2.12 8.92 28.06
N ALA B 378 1.88 7.82 27.34
CA ALA B 378 1.00 6.79 27.87
C ALA B 378 1.60 6.17 29.12
N LEU B 379 2.92 5.99 29.14
CA LEU B 379 3.59 5.44 30.30
C LEU B 379 3.40 6.33 31.52
N LEU B 380 3.50 7.65 31.34
CA LEU B 380 3.26 8.54 32.47
C LEU B 380 1.82 8.47 32.91
N ASP B 381 0.89 8.38 31.96
CA ASP B 381 -0.52 8.26 32.30
C ASP B 381 -0.76 7.03 33.16
N VAL B 382 -0.09 5.93 32.85
CA VAL B 382 -0.16 4.75 33.71
C VAL B 382 0.55 5.01 35.03
N LEU B 383 1.61 5.82 34.98
CA LEU B 383 2.38 6.10 36.18
C LEU B 383 1.50 6.78 37.23
N GLY B 384 0.54 7.57 36.78
CA GLY B 384 -0.32 8.28 37.72
C GLY B 384 -0.92 7.35 38.76
N ILE B 385 -1.44 6.21 38.32
CA ILE B 385 -2.00 5.20 39.22
C ILE B 385 -1.44 3.85 38.79
N GLU B 386 -0.73 3.19 39.69
CA GLU B 386 0.05 2.01 39.34
C GLU B 386 -0.19 0.89 40.34
N VAL B 387 -0.41 -0.32 39.82
CA VAL B 387 -0.38 -1.51 40.67
C VAL B 387 1.06 -1.82 41.07
N ASP B 388 1.98 -1.81 40.11
CA ASP B 388 3.39 -2.06 40.39
C ASP B 388 4.23 -1.11 39.54
N ALA B 389 5.22 -0.50 40.19
CA ALA B 389 6.02 0.52 39.51
C ALA B 389 7.00 -0.12 38.54
N GLU B 390 7.47 -1.32 38.84
CA GLU B 390 8.58 -1.88 38.08
C GLU B 390 8.23 -1.94 36.60
N TYR B 391 6.98 -2.27 36.29
CA TYR B 391 6.59 -2.40 34.89
C TYR B 391 6.87 -1.11 34.13
N LEU B 392 6.41 0.02 34.66
CA LEU B 392 6.71 1.30 34.05
C LEU B 392 8.18 1.68 34.18
N LEU B 393 8.89 1.07 35.14
CA LEU B 393 10.21 1.57 35.49
C LEU B 393 11.19 1.44 34.33
N GLY B 394 11.29 0.26 33.75
CA GLY B 394 12.39 -0.05 32.85
C GLY B 394 12.41 0.82 31.61
N PRO B 395 11.28 0.87 30.91
CA PRO B 395 11.29 1.62 29.65
C PRO B 395 11.56 3.10 29.85
N LEU B 396 10.95 3.71 30.86
CA LEU B 396 11.25 5.09 31.17
C LEU B 396 12.74 5.24 31.43
N TYR B 397 13.34 4.23 32.05
CA TYR B 397 14.77 4.29 32.32
C TYR B 397 15.57 4.33 31.04
N ALA B 398 15.18 3.50 30.07
CA ALA B 398 15.92 3.47 28.81
C ALA B 398 15.75 4.77 28.05
N ALA B 399 14.55 5.34 28.08
CA ALA B 399 14.31 6.59 27.36
C ALA B 399 15.08 7.74 28.01
N LEU B 400 15.12 7.76 29.34
CA LEU B 400 15.92 8.76 30.03
C LEU B 400 17.38 8.59 29.68
N LYS B 401 17.84 7.35 29.54
CA LYS B 401 19.22 7.12 29.14
C LYS B 401 19.47 7.64 27.73
N MET B 402 18.49 7.46 26.84
CA MET B 402 18.65 7.95 25.47
C MET B 402 18.74 9.46 25.44
N GLU B 403 17.88 10.12 26.22
CA GLU B 403 17.96 11.58 26.31
C GLU B 403 19.26 12.00 26.96
N SER B 404 19.79 11.18 27.87
CA SER B 404 21.05 11.50 28.50
C SER B 404 22.19 11.43 27.48
N MET B 405 22.17 10.42 26.63
CA MET B 405 23.14 10.36 25.55
C MET B 405 22.99 11.55 24.62
N GLU B 406 21.76 11.98 24.37
CA GLU B 406 21.56 13.18 23.56
C GLU B 406 22.19 14.40 24.21
N ILE B 407 22.00 14.55 25.52
CA ILE B 407 22.61 15.67 26.23
C ILE B 407 24.12 15.58 26.17
N ILE B 408 24.65 14.35 26.27
CA ILE B 408 26.11 14.17 26.23
C ILE B 408 26.65 14.58 24.87
N GLU B 409 25.92 14.25 23.80
CA GLU B 409 26.32 14.69 22.47
C GLU B 409 26.27 16.21 22.38
N GLU B 410 25.27 16.81 23.03
CA GLU B 410 25.22 18.27 23.10
C GLU B 410 26.47 18.82 23.76
N ILE B 411 26.95 18.15 24.80
CA ILE B 411 28.18 18.57 25.47
C ILE B 411 29.38 18.29 24.58
N GLN B 412 29.35 17.17 23.85
CA GLN B 412 30.50 16.79 23.04
C GLN B 412 30.85 17.89 22.04
N CYS B 413 29.85 18.59 21.52
CA CYS B 413 30.04 19.66 20.55
C CYS B 413 29.63 21.00 21.18
N GLN B 414 30.47 22.01 21.00
CA GLN B 414 30.18 23.35 21.51
C GLN B 414 28.80 23.82 21.08
N ILE B 451 31.99 22.17 32.27
CA ILE B 451 30.99 21.31 32.88
C ILE B 451 29.97 22.15 33.63
N LYS B 452 28.95 22.60 32.92
CA LYS B 452 27.91 23.44 33.47
C LYS B 452 26.62 22.65 33.53
N HIS B 453 26.06 22.51 34.73
CA HIS B 453 24.91 21.64 34.93
C HIS B 453 23.68 22.21 34.22
N VAL B 454 22.95 21.33 33.54
CA VAL B 454 21.69 21.67 32.90
C VAL B 454 20.61 20.80 33.53
N ASP B 455 19.52 21.42 33.96
CA ASP B 455 18.48 20.69 34.67
C ASP B 455 17.86 19.63 33.78
N MET B 456 17.71 18.42 34.33
CA MET B 456 17.14 17.33 33.56
C MET B 456 15.69 17.63 33.17
N ASN B 457 14.89 18.10 34.12
CA ASN B 457 13.48 18.35 33.83
C ASN B 457 13.33 19.38 32.71
N GLN B 458 14.14 20.43 32.75
CA GLN B 458 14.10 21.41 31.66
C GLN B 458 14.64 20.81 30.37
N LYS B 459 15.65 19.95 30.47
CA LYS B 459 16.28 19.42 29.27
C LYS B 459 15.32 18.56 28.47
N SER B 460 14.51 17.74 29.15
CA SER B 460 13.68 16.73 28.51
C SER B 460 12.22 16.96 28.85
N ILE B 461 11.38 16.93 27.83
CA ILE B 461 9.94 17.13 28.04
C ILE B 461 9.38 16.01 28.91
N LEU B 462 9.80 14.77 28.64
CA LEU B 462 9.34 13.66 29.46
C LEU B 462 9.77 13.82 30.90
N TRP B 463 10.97 14.35 31.13
CA TRP B 463 11.47 14.49 32.50
C TRP B 463 10.68 15.55 33.25
N SER B 464 10.46 16.70 32.62
CA SER B 464 9.63 17.73 33.24
C SER B 464 8.22 17.20 33.46
N ALA B 465 7.73 16.38 32.54
CA ALA B 465 6.42 15.77 32.71
C ALA B 465 6.39 14.89 33.94
N LEU B 466 7.41 14.08 34.12
CA LEU B 466 7.49 13.23 35.31
C LEU B 466 7.53 14.08 36.56
N LYS B 467 8.27 15.19 36.52
CA LYS B 467 8.33 16.09 37.66
C LYS B 467 6.95 16.65 37.96
N GLN B 468 6.18 16.97 36.92
CA GLN B 468 4.84 17.49 37.12
C GLN B 468 3.95 16.43 37.74
N LYS B 469 4.05 15.19 37.26
CA LYS B 469 3.25 14.12 37.83
C LYS B 469 3.59 13.89 39.30
N ALA B 470 4.87 13.98 39.63
CA ALA B 470 5.27 13.76 41.02
C ALA B 470 4.81 14.89 41.92
N GLU B 471 5.02 16.13 41.48
CA GLU B 471 4.52 17.26 42.25
C GLU B 471 3.03 17.14 42.41
N SER B 472 2.33 16.62 41.40
CA SER B 472 0.89 16.45 41.50
C SER B 472 0.52 15.40 42.54
N LEU B 473 1.24 14.27 42.56
CA LEU B 473 0.93 13.25 43.55
C LEU B 473 1.15 13.77 44.96
N GLN B 474 2.27 14.48 45.16
CA GLN B 474 2.55 15.01 46.49
C GLN B 474 1.53 16.08 46.87
N ILE B 475 1.14 16.92 45.90
CA ILE B 475 0.17 17.96 46.16
C ILE B 475 -1.17 17.35 46.54
N SER B 476 -1.56 16.27 45.86
CA SER B 476 -2.83 15.64 46.19
C SER B 476 -2.79 15.02 47.58
N LEU B 477 -1.68 14.35 47.90
CA LEU B 477 -1.54 13.74 49.21
C LEU B 477 -1.62 14.79 50.31
N GLU B 478 -0.98 15.94 50.09
CA GLU B 478 -1.08 17.02 51.05
C GLU B 478 -2.48 17.60 51.06
N TYR B 479 -3.15 17.60 49.91
CA TYR B 479 -4.38 18.33 49.76
C TYR B 479 -5.53 17.67 50.50
N SER B 480 -5.62 16.34 50.41
CA SER B 480 -6.79 15.66 50.98
C SER B 480 -6.35 14.44 51.78
N GLY B 481 -7.12 14.15 52.84
CA GLY B 481 -6.92 12.92 53.57
C GLY B 481 -7.29 11.70 52.75
N LEU B 482 -8.42 11.76 52.06
CA LEU B 482 -8.74 10.71 51.10
C LEU B 482 -7.74 10.68 49.97
N LYS B 483 -7.37 11.86 49.46
CA LYS B 483 -6.23 11.96 48.54
C LYS B 483 -4.94 11.55 49.25
N ASN B 484 -4.85 11.83 50.55
CA ASN B 484 -3.74 11.30 51.33
C ASN B 484 -3.75 9.78 51.34
N PRO B 485 -4.90 9.11 51.42
CA PRO B 485 -4.93 7.63 51.38
C PRO B 485 -5.04 7.10 49.95
N VAL B 486 -3.97 7.28 49.18
CA VAL B 486 -3.89 6.71 47.84
C VAL B 486 -2.59 5.93 47.75
N ILE B 487 -2.64 4.64 48.06
CA ILE B 487 -1.43 3.83 48.05
C ILE B 487 -0.83 3.81 46.66
N GLU B 488 -1.68 3.77 45.64
CA GLU B 488 -1.19 3.76 44.26
C GLU B 488 -0.49 5.06 43.93
N MET B 489 -1.03 6.19 44.39
CA MET B 489 -0.37 7.46 44.14
C MET B 489 1.01 7.51 44.78
N LEU B 490 1.12 6.95 45.98
CA LEU B 490 2.42 6.89 46.64
C LEU B 490 3.36 5.99 45.86
N GLU B 491 2.84 4.87 45.35
CA GLU B 491 3.67 3.98 44.53
C GLU B 491 4.18 4.71 43.30
N GLY B 492 3.35 5.56 42.71
CA GLY B 492 3.78 6.32 41.55
C GLY B 492 4.84 7.34 41.90
N ILE B 493 4.64 8.07 42.99
CA ILE B 493 5.68 8.99 43.46
C ILE B 493 6.98 8.22 43.67
N ALA B 494 6.86 6.98 44.14
CA ALA B 494 8.04 6.18 44.44
C ALA B 494 8.75 5.77 43.17
N VAL B 495 8.00 5.36 42.15
CA VAL B 495 8.61 5.02 40.88
C VAL B 495 9.32 6.22 40.32
N VAL B 496 8.72 7.39 40.48
CA VAL B 496 9.36 8.61 40.01
C VAL B 496 10.68 8.82 40.74
N LEU B 497 10.68 8.61 42.05
CA LEU B 497 11.89 8.83 42.83
C LEU B 497 12.99 7.85 42.43
N GLN B 498 12.60 6.59 42.23
CA GLN B 498 13.59 5.56 41.88
C GLN B 498 14.20 5.82 40.52
N LEU B 499 13.36 6.17 39.54
CA LEU B 499 13.89 6.53 38.24
C LEU B 499 14.78 7.76 38.34
N THR B 500 14.40 8.70 39.20
CA THR B 500 15.22 9.88 39.39
C THR B 500 16.59 9.49 39.92
N ALA B 501 16.62 8.55 40.87
CA ALA B 501 17.88 8.13 41.44
C ALA B 501 18.73 7.39 40.41
N LEU B 502 18.09 6.55 39.60
CA LEU B 502 18.83 5.81 38.60
C LEU B 502 19.43 6.75 37.57
N CYS B 503 18.67 7.75 37.16
CA CYS B 503 19.21 8.74 36.22
C CYS B 503 20.33 9.53 36.85
N THR B 504 20.14 9.99 38.09
CA THR B 504 21.20 10.73 38.76
C THR B 504 22.45 9.87 38.85
N VAL B 505 22.28 8.56 38.92
CA VAL B 505 23.42 7.67 38.95
C VAL B 505 24.09 7.62 37.58
N HIS B 506 23.29 7.53 36.51
CA HIS B 506 23.82 7.23 35.19
C HIS B 506 23.64 8.32 34.14
N CYS B 507 22.73 9.28 34.36
CA CYS B 507 22.42 10.22 33.29
C CYS B 507 23.62 11.07 32.91
N SER B 508 24.38 11.53 33.90
CA SER B 508 25.43 12.51 33.63
C SER B 508 26.45 11.95 32.64
N HIS B 509 26.73 12.74 31.59
CA HIS B 509 27.74 12.32 30.63
C HIS B 509 29.09 12.15 31.31
N GLN B 510 29.43 13.06 32.23
CA GLN B 510 30.55 12.82 33.12
C GLN B 510 30.30 11.58 33.97
N ASN B 511 29.04 11.36 34.36
CA ASN B 511 28.68 10.08 34.96
C ASN B 511 28.85 8.95 33.93
N MET B 512 28.63 9.26 32.66
CA MET B 512 28.79 8.27 31.59
C MET B 512 30.26 7.98 31.33
N SER B 529 30.26 16.31 31.75
CA SER B 529 30.35 17.73 32.10
C SER B 529 29.08 18.17 32.84
N VAL B 530 28.07 18.57 32.08
CA VAL B 530 26.82 19.02 32.67
C VAL B 530 26.16 17.87 33.43
N VAL B 531 25.50 18.21 34.54
CA VAL B 531 24.75 17.25 35.34
C VAL B 531 23.29 17.65 35.30
N ILE B 532 22.41 16.65 35.14
CA ILE B 532 20.97 16.86 35.08
C ILE B 532 20.32 16.12 36.22
N THR B 533 19.61 16.84 37.08
CA THR B 533 18.84 16.25 38.16
C THR B 533 17.37 16.41 37.84
N TRP B 534 16.71 15.29 37.55
CA TRP B 534 15.30 15.33 37.21
C TRP B 534 14.49 15.96 38.34
N MET B 535 14.86 15.67 39.58
CA MET B 535 14.23 16.24 40.75
C MET B 535 15.28 16.98 41.56
N SER B 536 15.01 18.25 41.87
CA SER B 536 15.96 19.05 42.62
C SER B 536 15.95 18.64 44.09
N LEU B 537 17.04 19.00 44.77
CA LEU B 537 17.16 18.66 46.19
C LEU B 537 16.02 19.27 47.00
N ASP B 538 15.55 20.46 46.61
CA ASP B 538 14.36 21.01 47.24
C ASP B 538 13.13 20.17 46.95
N PHE B 539 13.05 19.62 45.73
CA PHE B 539 12.00 18.66 45.44
C PHE B 539 12.17 17.41 46.30
N TYR B 540 13.43 17.03 46.55
CA TYR B 540 13.69 15.93 47.47
C TYR B 540 13.21 16.28 48.87
N THR B 541 13.33 17.54 49.28
CA THR B 541 12.90 17.93 50.61
C THR B 541 11.38 17.95 50.71
N LYS B 542 10.70 18.43 49.67
CA LYS B 542 9.24 18.32 49.64
C LYS B 542 8.84 16.85 49.67
N VAL B 543 9.61 16.00 49.00
CA VAL B 543 9.39 14.57 49.09
C VAL B 543 9.61 14.10 50.52
N LEU B 544 10.55 14.72 51.23
CA LEU B 544 10.78 14.36 52.62
C LEU B 544 9.56 14.72 53.46
N LYS B 545 8.96 15.88 53.20
CA LYS B 545 7.73 16.25 53.87
C LYS B 545 6.62 15.24 53.56
N SER B 546 6.59 14.76 52.30
CA SER B 546 5.62 13.73 51.94
C SER B 546 5.90 12.44 52.69
N CYS B 547 7.17 12.13 52.90
CA CYS B 547 7.54 10.96 53.69
C CYS B 547 7.06 11.12 55.13
N ARG B 548 7.11 12.34 55.65
CA ARG B 548 6.57 12.58 56.99
C ARG B 548 5.06 12.36 57.00
N SER B 549 4.38 12.84 55.97
CA SER B 549 2.95 12.63 55.88
C SER B 549 2.64 11.14 55.85
N LEU B 550 3.44 10.37 55.12
CA LEU B 550 3.28 8.92 55.14
C LEU B 550 3.57 8.36 56.52
N LEU B 551 4.56 8.92 57.22
CA LEU B 551 4.80 8.56 58.60
C LEU B 551 3.54 8.76 59.43
N GLU B 552 2.70 9.70 59.03
CA GLU B 552 1.38 9.82 59.63
C GLU B 552 0.62 8.51 59.47
N SER B 553 -0.07 8.09 60.52
CA SER B 553 -0.68 6.77 60.55
C SER B 553 -1.79 6.65 59.51
N VAL B 554 -1.84 5.49 58.84
CA VAL B 554 -2.86 5.20 57.84
C VAL B 554 -3.96 4.30 58.39
N GLN B 555 -4.10 4.22 59.71
CA GLN B 555 -5.04 3.34 60.41
C GLN B 555 -4.51 1.92 60.50
N LYS B 556 -3.33 1.63 59.96
CA LYS B 556 -2.68 0.33 59.97
C LYS B 556 -3.28 -0.59 58.92
N LEU B 557 -4.28 -0.15 58.19
CA LEU B 557 -4.86 -1.01 57.15
C LEU B 557 -3.84 -1.29 56.05
N ASP B 558 -3.12 -0.26 55.61
CA ASP B 558 -2.07 -0.39 54.62
C ASP B 558 -0.70 -0.07 55.20
N LEU B 559 -0.56 -0.12 56.52
CA LEU B 559 0.68 0.28 57.17
C LEU B 559 1.88 -0.43 56.57
N GLU B 560 1.78 -1.74 56.36
CA GLU B 560 2.92 -2.49 55.84
C GLU B 560 3.26 -2.08 54.42
N ALA B 561 2.24 -1.92 53.57
CA ALA B 561 2.50 -1.51 52.20
C ALA B 561 3.00 -0.07 52.13
N THR B 562 2.44 0.80 52.97
CA THR B 562 2.97 2.14 53.08
C THR B 562 4.44 2.10 53.48
N ILE B 563 4.79 1.16 54.35
CA ILE B 563 6.18 1.01 54.78
C ILE B 563 7.04 0.59 53.61
N ASP B 564 6.54 -0.33 52.79
CA ASP B 564 7.30 -0.77 51.63
C ASP B 564 7.53 0.37 50.65
N LYS B 565 6.50 1.19 50.43
CA LYS B 565 6.65 2.31 49.52
C LYS B 565 7.62 3.34 50.08
N VAL B 566 7.51 3.62 51.38
CA VAL B 566 8.48 4.51 52.03
C VAL B 566 9.87 3.93 51.89
N VAL B 567 9.98 2.60 51.89
CA VAL B 567 11.27 1.96 51.76
C VAL B 567 11.85 2.21 50.38
N LYS B 568 11.01 2.08 49.35
CA LYS B 568 11.47 2.37 48.00
C LYS B 568 11.94 3.83 47.90
N ILE B 569 11.18 4.74 48.50
CA ILE B 569 11.56 6.15 48.46
C ILE B 569 12.88 6.36 49.20
N TYR B 570 13.03 5.68 50.33
CA TYR B 570 14.24 5.81 51.12
C TYR B 570 15.44 5.25 50.36
N ASP B 571 15.22 4.18 49.60
CA ASP B 571 16.30 3.61 48.80
C ASP B 571 16.70 4.57 47.70
N ALA B 572 15.73 5.28 47.12
CA ALA B 572 16.07 6.25 46.10
C ALA B 572 16.89 7.38 46.72
N LEU B 573 16.44 7.89 47.87
CA LEU B 573 17.21 8.90 48.56
C LEU B 573 18.60 8.38 48.93
N ILE B 574 18.70 7.08 49.22
CA ILE B 574 19.98 6.50 49.64
C ILE B 574 20.93 6.43 48.46
N TYR B 575 20.42 6.07 47.29
CA TYR B 575 21.26 6.11 46.09
C TYR B 575 21.70 7.52 45.81
N MET B 576 20.79 8.48 45.98
CA MET B 576 21.15 9.88 45.78
C MET B 576 22.25 10.29 46.76
N GLN B 577 22.19 9.77 47.99
CA GLN B 577 23.21 10.10 48.97
C GLN B 577 24.54 9.45 48.62
N VAL B 578 24.51 8.18 48.26
CA VAL B 578 25.72 7.49 47.86
C VAL B 578 26.38 8.23 46.71
N ASN B 579 25.57 8.83 45.84
CA ASN B 579 26.12 9.77 44.88
C ASN B 579 26.71 10.97 45.60
N SER B 580 25.95 11.54 46.53
CA SER B 580 26.41 12.58 47.43
C SER B 580 25.30 12.87 48.42
N SER B 581 25.67 13.06 49.69
CA SER B 581 24.68 13.23 50.72
C SER B 581 23.84 14.47 50.44
N PHE B 582 22.52 14.27 50.37
CA PHE B 582 21.65 15.38 50.03
C PHE B 582 21.72 16.48 51.07
N GLU B 583 21.65 16.13 52.35
CA GLU B 583 21.82 17.11 53.42
C GLU B 583 22.20 16.38 54.69
N ASP B 584 22.97 17.07 55.53
CA ASP B 584 23.41 16.46 56.78
C ASP B 584 22.23 16.27 57.72
N HIS B 585 21.40 17.30 57.86
CA HIS B 585 20.12 17.13 58.54
C HIS B 585 19.21 16.22 57.72
N ILE B 586 19.32 16.28 56.40
CA ILE B 586 18.59 15.33 55.57
C ILE B 586 19.09 13.92 55.83
N LEU B 587 20.41 13.78 56.01
CA LEU B 587 20.96 12.48 56.33
C LEU B 587 20.46 12.01 57.68
N GLU B 588 20.35 12.93 58.64
CA GLU B 588 19.86 12.57 59.96
C GLU B 588 18.39 12.15 59.90
N ASP B 589 17.56 12.91 59.20
CA ASP B 589 16.16 12.54 59.04
C ASP B 589 16.03 11.20 58.32
N LEU B 590 16.90 10.96 57.35
CA LEU B 590 16.87 9.69 56.63
C LEU B 590 17.21 8.54 57.56
N CYS B 591 18.25 8.70 58.38
CA CYS B 591 18.60 7.66 59.34
C CYS B 591 17.46 7.44 60.32
N GLY B 592 16.78 8.50 60.72
CA GLY B 592 15.67 8.35 61.65
C GLY B 592 14.54 7.56 61.04
N MET B 593 14.15 7.92 59.82
CA MET B 593 13.10 7.17 59.14
C MET B 593 13.51 5.71 58.96
N LEU B 594 14.79 5.47 58.66
CA LEU B 594 15.27 4.11 58.45
C LEU B 594 15.16 3.29 59.73
N SER B 595 15.49 3.89 60.87
CA SER B 595 15.45 3.18 62.14
C SER B 595 14.06 3.16 62.75
N LEU B 596 13.10 3.87 62.14
CA LEU B 596 11.78 3.98 62.73
C LEU B 596 11.15 2.63 63.10
N PRO B 597 11.23 1.60 62.28
CA PRO B 597 10.46 0.38 62.60
C PRO B 597 10.85 -0.26 63.92
N TRP B 598 12.15 -0.32 64.22
CA TRP B 598 12.63 -0.94 65.43
C TRP B 598 12.92 0.08 66.54
N ILE B 599 12.63 1.35 66.31
CA ILE B 599 12.99 2.38 67.28
C ILE B 599 12.31 2.11 68.62
N TYR B 600 11.03 1.72 68.60
CA TYR B 600 10.31 1.51 69.84
C TYR B 600 11.04 0.52 70.74
N SER B 601 11.60 -0.53 70.15
CA SER B 601 12.40 -1.47 70.94
C SER B 601 13.77 -0.88 71.27
N HIS B 602 14.33 -0.10 70.35
CA HIS B 602 15.68 0.44 70.52
C HIS B 602 15.70 1.80 71.20
N SER B 603 14.55 2.33 71.62
CA SER B 603 14.53 3.66 72.21
C SER B 603 15.44 3.73 73.43
N ASP B 604 15.52 2.66 74.20
CA ASP B 604 16.42 2.60 75.35
C ASP B 604 17.80 2.19 74.85
N ASP B 605 18.35 3.05 73.99
CA ASP B 605 19.65 2.86 73.39
C ASP B 605 20.48 4.12 73.56
N GLY B 606 21.78 3.94 73.78
CA GLY B 606 22.63 5.09 74.08
C GLY B 606 22.67 6.09 72.95
N CYS B 607 22.89 5.63 71.72
CA CYS B 607 22.86 6.52 70.58
C CYS B 607 21.44 7.03 70.32
N LEU B 608 20.44 6.19 70.56
CA LEU B 608 19.07 6.53 70.19
C LEU B 608 18.53 7.69 71.01
N LYS B 609 18.57 7.58 72.34
CA LYS B 609 18.02 8.63 73.19
C LYS B 609 18.66 9.97 72.87
N LEU B 610 19.96 9.96 72.58
CA LEU B 610 20.61 11.19 72.18
C LEU B 610 20.08 11.70 70.85
N THR B 611 19.71 10.78 69.95
CA THR B 611 19.34 11.18 68.61
C THR B 611 18.12 12.09 68.63
N THR B 612 18.24 13.25 67.97
CA THR B 612 17.11 14.17 67.90
C THR B 612 15.97 13.55 67.11
N PHE B 613 16.27 12.88 66.00
CA PHE B 613 15.23 12.19 65.25
C PHE B 613 14.51 11.19 66.14
N ALA B 614 15.25 10.56 67.05
CA ALA B 614 14.66 9.53 67.91
C ALA B 614 13.57 10.12 68.79
N ALA B 615 13.77 11.32 69.30
CA ALA B 615 12.81 11.89 70.23
C ALA B 615 11.44 12.03 69.59
N ASN B 616 11.36 12.78 68.49
CA ASN B 616 10.10 12.91 67.78
C ASN B 616 9.64 11.57 67.25
N LEU B 617 10.58 10.68 66.97
CA LEU B 617 10.25 9.44 66.28
C LEU B 617 9.50 8.50 67.20
N LEU B 618 9.85 8.51 68.49
CA LEU B 618 9.41 7.42 69.38
C LEU B 618 7.91 7.18 69.28
N THR B 619 7.13 8.26 69.22
CA THR B 619 5.69 8.11 69.17
C THR B 619 5.24 7.35 67.93
N LEU B 620 5.71 7.78 66.76
CA LEU B 620 5.33 7.08 65.52
C LEU B 620 5.88 5.66 65.52
N SER B 621 7.10 5.49 66.02
CA SER B 621 7.68 4.16 66.13
C SER B 621 6.76 3.25 66.92
N CYS B 622 6.09 3.82 67.92
CA CYS B 622 5.06 3.07 68.63
C CYS B 622 4.03 2.53 67.65
N ARG B 623 3.65 3.35 66.66
CA ARG B 623 2.81 2.87 65.58
C ARG B 623 3.63 2.11 64.54
N ILE B 624 4.82 2.61 64.23
CA ILE B 624 5.57 2.07 63.10
C ILE B 624 5.93 0.61 63.36
N SER B 625 6.18 0.26 64.62
CA SER B 625 6.63 -1.10 64.94
C SER B 625 5.62 -2.12 64.43
N ASP B 626 4.33 -1.85 64.60
CA ASP B 626 3.32 -2.76 64.09
C ASP B 626 3.37 -2.84 62.57
N SER B 627 3.57 -1.70 61.91
CA SER B 627 3.61 -1.69 60.45
C SER B 627 4.83 -2.44 59.93
N TYR B 628 5.94 -2.39 60.66
CA TYR B 628 7.15 -3.04 60.21
C TYR B 628 6.94 -4.55 60.11
N SER B 629 7.55 -5.15 59.10
CA SER B 629 7.44 -6.57 58.80
C SER B 629 8.84 -7.15 58.65
N PRO B 630 8.96 -8.48 58.69
CA PRO B 630 10.31 -9.07 58.67
C PRO B 630 11.10 -8.73 57.41
N GLN B 631 10.56 -9.00 56.22
CA GLN B 631 11.29 -8.68 55.00
C GLN B 631 11.47 -7.18 54.84
N ALA B 632 10.43 -6.42 55.16
CA ALA B 632 10.56 -4.97 55.16
C ALA B 632 11.61 -4.53 56.17
N GLN B 633 11.65 -5.18 57.33
CA GLN B 633 12.66 -4.84 58.32
C GLN B 633 14.06 -5.13 57.80
N SER B 634 14.20 -6.19 57.00
CA SER B 634 15.51 -6.51 56.44
C SER B 634 15.92 -5.46 55.41
N ARG B 635 14.98 -5.03 54.58
CA ARG B 635 15.26 -3.94 53.66
C ARG B 635 15.66 -2.69 54.45
N CYS B 636 14.99 -2.45 55.57
CA CYS B 636 15.33 -1.31 56.41
C CYS B 636 16.75 -1.44 56.94
N VAL B 637 17.14 -2.63 57.39
CA VAL B 637 18.48 -2.82 57.92
C VAL B 637 19.51 -2.59 56.84
N PHE B 638 19.21 -3.04 55.62
CA PHE B 638 20.14 -2.82 54.52
C PHE B 638 20.31 -1.32 54.27
N LEU B 639 19.20 -0.59 54.25
CA LEU B 639 19.29 0.85 54.05
C LEU B 639 20.09 1.50 55.16
N LEU B 640 19.93 1.00 56.40
CA LEU B 640 20.64 1.59 57.52
C LEU B 640 22.13 1.38 57.39
N THR B 641 22.54 0.19 56.97
CA THR B 641 23.94 -0.03 56.64
C THR B 641 24.38 0.93 55.55
N LEU B 642 23.47 1.23 54.62
CA LEU B 642 23.77 2.24 53.61
C LEU B 642 24.05 3.58 54.26
N PHE B 643 23.52 3.80 55.45
CA PHE B 643 23.64 5.11 56.08
C PHE B 643 25.09 5.56 56.09
N PRO B 644 25.38 6.81 55.74
CA PRO B 644 26.77 7.27 55.74
C PRO B 644 27.35 7.28 57.15
N ARG B 645 28.63 6.94 57.25
CA ARG B 645 29.27 6.82 58.55
C ARG B 645 29.33 8.17 59.26
N ARG B 646 29.51 9.24 58.49
CA ARG B 646 29.67 10.56 59.10
C ARG B 646 28.51 10.88 60.04
N ILE B 647 27.32 10.39 59.73
CA ILE B 647 26.10 10.72 60.45
C ILE B 647 25.60 9.50 61.22
N PHE B 648 25.33 9.68 62.51
CA PHE B 648 24.67 8.67 63.32
C PHE B 648 25.40 7.34 63.30
N LEU B 649 26.73 7.41 63.28
CA LEU B 649 27.53 6.18 63.17
C LEU B 649 27.25 5.24 64.33
N GLU B 650 27.09 5.77 65.54
CA GLU B 650 26.82 4.92 66.69
C GLU B 650 25.41 4.35 66.62
N TRP B 651 24.44 5.15 66.20
CA TRP B 651 23.11 4.61 65.92
C TRP B 651 23.21 3.50 64.90
N ARG B 652 24.11 3.65 63.93
CA ARG B 652 24.32 2.61 62.93
C ARG B 652 24.89 1.35 63.57
N THR B 653 25.85 1.51 64.47
CA THR B 653 26.43 0.35 65.12
C THR B 653 25.39 -0.39 65.94
N ALA B 654 24.53 0.35 66.62
CA ALA B 654 23.45 -0.27 67.38
C ALA B 654 22.47 -0.97 66.46
N VAL B 655 22.18 -0.37 65.31
CA VAL B 655 21.28 -1.00 64.36
C VAL B 655 21.88 -2.30 63.85
N TYR B 656 23.19 -2.32 63.65
CA TYR B 656 23.85 -3.55 63.22
C TYR B 656 23.79 -4.59 64.33
N ASN B 657 24.00 -4.17 65.57
CA ASN B 657 23.92 -5.11 66.68
C ASN B 657 22.54 -5.73 66.75
N TRP B 658 21.50 -4.92 66.62
CA TRP B 658 20.15 -5.46 66.50
C TRP B 658 20.05 -6.37 65.28
N ALA B 659 20.77 -6.02 64.23
CA ALA B 659 20.86 -6.90 63.07
C ALA B 659 21.55 -8.20 63.43
N LEU B 660 22.55 -8.11 64.31
CA LEU B 660 23.19 -9.33 64.80
C LEU B 660 22.17 -10.25 65.44
N GLN B 661 21.08 -9.69 65.96
CA GLN B 661 20.06 -10.50 66.60
C GLN B 661 19.50 -11.54 65.64
N SER B 662 19.26 -11.12 64.39
CA SER B 662 18.84 -12.04 63.34
C SER B 662 17.60 -12.83 63.76
N SER B 663 16.62 -12.14 64.35
CA SER B 663 15.36 -12.78 64.67
C SER B 663 14.67 -13.29 63.41
N HIS B 664 14.70 -12.50 62.34
CA HIS B 664 14.14 -12.90 61.05
C HIS B 664 15.26 -13.34 60.13
N GLU B 665 15.08 -14.49 59.49
CA GLU B 665 16.16 -15.08 58.71
C GLU B 665 16.55 -14.18 57.54
N VAL B 666 15.57 -13.72 56.77
CA VAL B 666 15.84 -12.73 55.74
C VAL B 666 16.39 -11.46 56.39
N ILE B 667 15.92 -11.16 57.59
CA ILE B 667 16.51 -10.08 58.37
C ILE B 667 17.96 -10.39 58.67
N ARG B 668 18.27 -11.64 59.00
CA ARG B 668 19.66 -12.00 59.23
C ARG B 668 20.50 -11.81 57.97
N ALA B 669 19.93 -12.13 56.81
CA ALA B 669 20.68 -12.00 55.57
C ALA B 669 20.96 -10.54 55.25
N SER B 670 19.94 -9.69 55.36
CA SER B 670 20.17 -8.28 55.16
C SER B 670 21.13 -7.74 56.21
N CYS B 671 21.09 -8.31 57.41
CA CYS B 671 22.03 -7.89 58.45
C CYS B 671 23.46 -8.20 58.03
N VAL B 672 23.68 -9.36 57.43
CA VAL B 672 25.01 -9.69 56.96
C VAL B 672 25.41 -8.72 55.85
N SER B 673 24.50 -8.49 54.91
CA SER B 673 24.79 -7.59 53.80
C SER B 673 25.18 -6.21 54.31
N GLY B 674 24.51 -5.75 55.36
CA GLY B 674 24.73 -4.39 55.83
C GLY B 674 25.94 -4.26 56.74
N PHE B 675 26.07 -5.16 57.70
CA PHE B 675 27.28 -5.17 58.51
C PHE B 675 28.51 -5.23 57.62
N PHE B 676 28.37 -5.87 56.45
CA PHE B 676 29.49 -5.92 55.50
C PHE B 676 30.04 -4.52 55.25
N ILE B 677 29.16 -3.53 55.11
CA ILE B 677 29.60 -2.14 54.92
C ILE B 677 29.95 -1.50 56.26
N LEU B 678 29.16 -1.78 57.30
CA LEU B 678 29.24 -0.98 58.52
C LEU B 678 30.55 -1.18 59.24
N LEU B 679 31.04 -2.43 59.26
CA LEU B 679 32.14 -2.78 60.14
C LEU B 679 33.37 -1.93 59.85
N GLN B 680 33.87 -1.95 58.62
CA GLN B 680 35.10 -1.24 58.31
C GLN B 680 34.94 0.25 58.53
N GLN B 681 33.74 0.78 58.28
CA GLN B 681 33.50 2.19 58.51
C GLN B 681 33.60 2.52 59.99
N GLN B 682 33.19 1.58 60.86
CA GLN B 682 33.12 1.91 62.27
C GLN B 682 34.51 2.18 62.85
N ASN B 683 35.39 1.19 62.83
CA ASN B 683 36.75 1.40 63.30
C ASN B 683 37.60 0.14 63.23
N SER B 684 38.90 0.27 63.51
CA SER B 684 39.82 -0.86 63.57
C SER B 684 39.77 -1.68 62.29
N CYS B 685 40.22 -1.09 61.19
CA CYS B 685 40.33 -1.84 59.94
C CYS B 685 41.16 -3.09 60.15
N ASN B 686 40.52 -4.24 59.97
CA ASN B 686 41.17 -5.51 60.28
C ASN B 686 40.29 -6.68 59.85
N ARG B 687 40.67 -7.90 60.25
CA ARG B 687 39.96 -9.10 59.82
C ARG B 687 38.48 -9.00 60.15
N VAL B 688 37.70 -9.82 59.43
CA VAL B 688 36.24 -9.73 59.52
C VAL B 688 35.82 -9.85 60.99
N PRO B 689 34.78 -9.14 61.42
CA PRO B 689 34.40 -9.21 62.83
C PRO B 689 34.16 -10.65 63.26
N LYS B 690 34.66 -10.99 64.44
CA LYS B 690 34.44 -12.33 64.97
C LYS B 690 32.96 -12.60 65.20
N ILE B 691 32.21 -11.56 65.55
CA ILE B 691 30.76 -11.73 65.75
C ILE B 691 30.09 -12.07 64.42
N LEU B 692 30.42 -11.32 63.36
CA LEU B 692 29.88 -11.63 62.06
C LEU B 692 30.37 -12.98 61.57
N ILE B 693 31.63 -13.30 61.85
CA ILE B 693 32.17 -14.60 61.47
C ILE B 693 31.37 -15.72 62.12
N ASP B 694 31.05 -15.57 63.41
CA ASP B 694 30.27 -16.58 64.11
C ASP B 694 28.87 -16.70 63.53
N LYS B 695 28.22 -15.56 63.30
CA LYS B 695 26.89 -15.61 62.69
C LYS B 695 26.93 -16.33 61.36
N VAL B 696 28.01 -16.13 60.60
CA VAL B 696 28.18 -16.83 59.33
C VAL B 696 28.40 -18.31 59.57
N LYS B 697 29.06 -18.64 60.68
CA LYS B 697 29.38 -20.04 60.96
C LYS B 697 28.16 -20.92 60.81
N ASP B 698 27.05 -20.51 61.40
CA ASP B 698 25.75 -21.14 61.14
C ASP B 698 24.68 -20.06 61.24
N ASP B 699 24.26 -19.53 60.09
CA ASP B 699 23.10 -18.66 60.06
C ASP B 699 22.01 -19.26 59.18
N SER B 700 22.36 -19.58 57.94
CA SER B 700 21.47 -20.30 57.05
C SER B 700 22.26 -20.67 55.81
N ASP B 701 21.71 -21.62 55.04
CA ASP B 701 22.32 -21.94 53.76
C ASP B 701 22.33 -20.72 52.85
N ILE B 702 21.20 -19.99 52.78
CA ILE B 702 21.15 -18.77 51.98
C ILE B 702 22.04 -17.71 52.60
N VAL B 703 22.00 -17.58 53.93
CA VAL B 703 22.86 -16.62 54.61
C VAL B 703 24.32 -16.94 54.33
N LYS B 704 24.65 -18.23 54.28
CA LYS B 704 26.01 -18.62 53.94
C LYS B 704 26.38 -18.11 52.55
N LYS B 705 25.47 -18.26 51.58
CA LYS B 705 25.77 -17.80 50.23
C LYS B 705 25.92 -16.30 50.16
N GLU B 706 25.07 -15.56 50.89
CA GLU B 706 25.17 -14.11 50.87
C GLU B 706 26.46 -13.66 51.52
N PHE B 707 26.86 -14.31 52.62
CA PHE B 707 28.12 -13.97 53.25
C PHE B 707 29.29 -14.27 52.31
N ALA B 708 29.19 -15.37 51.56
CA ALA B 708 30.24 -15.66 50.59
C ALA B 708 30.33 -14.57 49.54
N SER B 709 29.18 -14.14 49.02
CA SER B 709 29.18 -13.10 48.00
C SER B 709 29.78 -11.81 48.55
N ILE B 710 29.52 -11.51 49.83
CA ILE B 710 30.03 -10.29 50.43
C ILE B 710 31.53 -10.41 50.68
N LEU B 711 31.98 -11.61 51.04
CA LEU B 711 33.35 -11.78 51.52
C LEU B 711 34.36 -11.27 50.50
N GLY B 712 34.07 -11.41 49.21
CA GLY B 712 35.01 -10.96 48.21
C GLY B 712 35.31 -9.48 48.34
N GLN B 713 34.26 -8.66 48.40
CA GLN B 713 34.46 -7.23 48.57
C GLN B 713 34.98 -6.91 49.96
N LEU B 714 34.51 -7.65 50.96
CA LEU B 714 34.95 -7.40 52.33
C LEU B 714 36.46 -7.55 52.45
N VAL B 715 37.03 -8.51 51.71
CA VAL B 715 38.46 -8.74 51.77
C VAL B 715 39.20 -7.54 51.17
N CYS B 716 38.69 -7.01 50.07
CA CYS B 716 39.31 -5.85 49.46
C CYS B 716 39.18 -4.63 50.37
N THR B 717 38.07 -4.52 51.08
CA THR B 717 37.74 -3.35 51.89
C THR B 717 38.02 -3.56 53.38
N LEU B 718 38.63 -4.69 53.76
CA LEU B 718 38.90 -4.92 55.17
C LEU B 718 39.67 -3.74 55.77
N HIS B 719 40.73 -3.31 55.09
CA HIS B 719 41.48 -2.13 55.49
C HIS B 719 41.31 -0.96 54.52
N GLY B 720 40.61 -1.16 53.41
CA GLY B 720 40.46 -0.10 52.44
C GLY B 720 39.49 0.96 52.91
N MET B 721 39.71 2.20 52.44
CA MET B 721 38.80 3.29 52.75
C MET B 721 37.38 2.93 52.32
N PHE B 722 37.24 2.11 51.28
CA PHE B 722 35.94 1.61 50.85
C PHE B 722 35.05 2.75 50.39
N TYR B 723 35.61 3.65 49.57
CA TYR B 723 34.82 4.71 49.00
C TYR B 723 33.68 4.13 48.17
N LEU B 724 32.47 4.63 48.41
CA LEU B 724 31.30 4.09 47.74
C LEU B 724 31.43 4.26 46.24
N THR B 725 31.08 3.20 45.50
CA THR B 725 31.11 3.23 44.05
C THR B 725 29.74 2.81 43.52
N SER B 726 29.18 3.62 42.65
CA SER B 726 27.84 3.39 42.12
C SER B 726 27.95 3.03 40.64
N SER B 727 27.55 1.81 40.30
CA SER B 727 27.40 1.45 38.90
C SER B 727 26.11 2.03 38.33
N LEU B 728 26.09 2.21 37.01
CA LEU B 728 24.88 2.72 36.36
C LEU B 728 23.71 1.77 36.60
N THR B 729 23.92 0.47 36.41
CA THR B 729 22.93 -0.54 36.76
C THR B 729 21.62 -0.31 36.02
N GLU B 730 21.70 -0.17 34.71
CA GLU B 730 20.50 -0.02 33.89
C GLU B 730 19.53 -1.14 34.24
N PRO B 731 18.27 -0.84 34.52
CA PRO B 731 17.36 -1.87 35.05
C PRO B 731 16.70 -2.71 33.95
N PHE B 732 17.54 -3.29 33.09
CA PHE B 732 17.05 -4.23 32.08
C PHE B 732 16.53 -5.50 32.74
N SER B 733 17.32 -6.10 33.63
CA SER B 733 16.84 -7.10 34.58
C SER B 733 17.36 -6.67 35.96
N GLU B 734 16.60 -5.80 36.61
CA GLU B 734 17.03 -5.24 37.89
C GLU B 734 17.25 -6.36 38.91
N HIS B 735 18.32 -6.23 39.69
CA HIS B 735 18.63 -7.24 40.68
C HIS B 735 17.57 -7.30 41.77
N GLY B 736 17.08 -8.50 42.05
CA GLY B 736 16.03 -8.64 43.04
C GLY B 736 14.87 -7.74 42.70
N HIS B 737 14.35 -7.04 43.70
CA HIS B 737 13.45 -5.94 43.42
C HIS B 737 14.23 -4.79 42.81
N VAL B 738 13.54 -3.97 42.02
CA VAL B 738 14.17 -2.75 41.53
C VAL B 738 14.69 -1.96 42.72
N ASP B 739 13.97 -2.01 43.83
CA ASP B 739 14.48 -1.50 45.09
C ASP B 739 15.48 -2.48 45.70
N LEU B 740 16.26 -1.98 46.64
CA LEU B 740 17.49 -2.62 47.09
C LEU B 740 18.56 -2.38 46.03
N PHE B 741 18.27 -1.55 45.04
CA PHE B 741 19.29 -1.16 44.07
C PHE B 741 20.45 -0.47 44.77
N CYS B 742 20.14 0.38 45.75
CA CYS B 742 21.17 0.86 46.65
C CYS B 742 21.89 -0.30 47.32
N ARG B 743 21.16 -1.38 47.63
CA ARG B 743 21.79 -2.54 48.22
C ARG B 743 22.84 -3.14 47.28
N ASN B 744 22.50 -3.25 46.00
CA ASN B 744 23.44 -3.76 44.99
C ASN B 744 24.37 -2.62 44.54
N LEU B 745 25.27 -2.25 45.44
CA LEU B 745 26.28 -1.24 45.17
C LEU B 745 27.65 -1.80 45.56
N LYS B 746 28.70 -1.24 44.96
CA LYS B 746 30.08 -1.67 45.20
C LYS B 746 30.91 -0.49 45.69
N ALA B 747 31.70 -0.71 46.74
CA ALA B 747 32.59 0.30 47.28
C ALA B 747 34.03 -0.20 47.25
N THR B 748 34.95 0.65 46.79
CA THR B 748 36.35 0.28 46.65
C THR B 748 37.26 1.38 47.18
N SER B 749 38.31 0.98 47.89
CA SER B 749 39.34 1.92 48.32
C SER B 749 40.33 2.19 47.20
N GLN B 750 40.79 3.44 47.10
CA GLN B 750 41.72 3.80 46.05
C GLN B 750 43.06 3.08 46.20
N HIS B 751 43.63 3.07 47.41
CA HIS B 751 44.96 2.55 47.64
C HIS B 751 44.98 1.09 48.08
N GLU B 752 43.83 0.50 48.39
CA GLU B 752 43.80 -0.88 48.83
C GLU B 752 44.39 -1.80 47.76
N CYS B 753 44.11 -1.51 46.49
CA CYS B 753 44.71 -2.30 45.41
C CYS B 753 46.22 -2.25 45.50
N SER B 754 46.76 -1.14 46.02
CA SER B 754 48.21 -0.99 46.10
C SER B 754 48.82 -2.12 46.92
N SER B 755 48.18 -2.47 48.04
CA SER B 755 48.68 -3.53 48.92
C SER B 755 47.64 -4.63 48.99
N SER B 756 48.02 -5.83 48.56
CA SER B 756 47.12 -6.96 48.65
C SER B 756 46.81 -7.31 50.11
N GLN B 757 47.84 -7.27 50.97
CA GLN B 757 47.66 -7.48 52.40
C GLN B 757 46.94 -8.80 52.70
N LEU B 758 47.31 -9.86 52.00
CA LEU B 758 46.69 -11.15 52.23
C LEU B 758 46.87 -11.59 53.68
N LYS B 759 45.77 -12.02 54.29
CA LYS B 759 45.77 -12.57 55.63
C LYS B 759 45.18 -13.98 55.58
N ALA B 760 45.97 -14.96 56.00
CA ALA B 760 45.52 -16.35 55.93
C ALA B 760 44.33 -16.59 56.85
N SER B 761 44.39 -16.10 58.09
CA SER B 761 43.29 -16.31 59.02
C SER B 761 41.99 -15.75 58.44
N VAL B 762 42.09 -14.63 57.72
CA VAL B 762 40.92 -14.10 57.04
C VAL B 762 40.39 -15.12 56.05
N CYS B 763 41.29 -15.73 55.27
CA CYS B 763 40.90 -16.86 54.45
C CYS B 763 40.40 -18.01 55.31
N LYS B 764 40.99 -18.19 56.48
CA LYS B 764 40.53 -19.23 57.39
C LYS B 764 39.09 -19.03 57.81
N PRO B 765 38.64 -17.82 58.14
CA PRO B 765 37.20 -17.66 58.45
C PRO B 765 36.32 -17.95 57.26
N PHE B 766 36.74 -17.52 56.07
CA PHE B 766 35.97 -17.85 54.87
C PHE B 766 35.91 -19.36 54.66
N LEU B 767 37.00 -20.06 54.96
CA LEU B 767 37.00 -21.51 54.82
C LEU B 767 36.06 -22.15 55.83
N PHE B 768 36.06 -21.65 57.07
CA PHE B 768 35.11 -22.12 58.06
C PHE B 768 33.69 -21.88 57.58
N LEU B 769 33.48 -20.78 56.87
CA LEU B 769 32.18 -20.53 56.26
C LEU B 769 31.88 -21.58 55.18
N LEU B 770 32.90 -21.99 54.44
CA LEU B 770 32.69 -22.92 53.33
C LEU B 770 32.25 -24.28 53.86
N LYS B 771 31.31 -24.90 53.14
CA LYS B 771 30.79 -26.22 53.49
C LYS B 771 31.10 -27.18 52.35
N LYS B 772 31.61 -28.37 52.69
CA LYS B 772 32.00 -29.33 51.66
C LYS B 772 30.85 -29.62 50.71
N LYS B 773 29.65 -29.81 51.25
CA LYS B 773 28.44 -29.99 50.46
C LYS B 773 27.35 -28.97 50.76
N ILE B 774 27.24 -28.51 52.01
CA ILE B 774 26.13 -27.64 52.39
C ILE B 774 26.20 -26.32 51.63
N PRO B 775 27.35 -25.72 51.46
CA PRO B 775 27.40 -24.40 50.81
C PRO B 775 27.62 -24.51 49.32
N SER B 776 27.41 -25.69 48.76
CA SER B 776 27.90 -25.97 47.41
C SER B 776 27.59 -24.87 46.41
N PRO B 777 26.36 -24.41 46.26
CA PRO B 777 26.16 -23.22 45.42
C PRO B 777 26.78 -21.98 46.04
N VAL B 778 26.68 -21.86 47.37
CA VAL B 778 27.39 -20.81 48.06
C VAL B 778 28.89 -20.94 47.81
N LYS B 779 29.36 -22.17 47.70
CA LYS B 779 30.77 -22.40 47.38
C LYS B 779 31.09 -21.90 45.98
N LEU B 780 30.18 -22.12 45.03
CA LEU B 780 30.43 -21.64 43.68
C LEU B 780 30.47 -20.12 43.65
N ALA B 781 29.58 -19.50 44.40
CA ALA B 781 29.60 -18.04 44.51
C ALA B 781 30.88 -17.59 45.19
N PHE B 782 31.35 -18.38 46.15
CA PHE B 782 32.59 -18.05 46.85
C PHE B 782 33.78 -18.11 45.89
N ILE B 783 33.79 -19.09 45.00
CA ILE B 783 34.83 -19.15 43.99
C ILE B 783 34.72 -17.96 43.04
N ASP B 784 33.49 -17.59 42.70
CA ASP B 784 33.29 -16.43 41.83
C ASP B 784 33.89 -15.18 42.45
N ASN B 785 33.67 -14.98 43.75
CA ASN B 785 34.26 -13.84 44.43
C ASN B 785 35.77 -14.01 44.56
N LEU B 786 36.22 -15.24 44.79
CA LEU B 786 37.64 -15.50 44.92
C LEU B 786 38.39 -15.09 43.66
N HIS B 787 37.73 -15.18 42.52
CA HIS B 787 38.36 -14.72 41.29
C HIS B 787 38.80 -13.27 41.43
N HIS B 788 37.93 -12.42 41.98
CA HIS B 788 38.30 -11.02 42.21
C HIS B 788 39.28 -10.89 43.36
N LEU B 789 39.09 -11.68 44.42
CA LEU B 789 39.90 -11.52 45.61
C LEU B 789 41.36 -11.86 45.35
N CYS B 790 41.62 -12.83 44.48
CA CYS B 790 42.96 -13.37 44.32
C CYS B 790 43.93 -12.29 43.87
N LYS B 791 43.51 -11.42 42.95
CA LYS B 791 44.41 -10.38 42.46
C LYS B 791 44.99 -9.58 43.62
N HIS B 792 44.19 -9.35 44.65
CA HIS B 792 44.67 -8.68 45.86
C HIS B 792 45.12 -9.74 46.87
N LEU B 793 46.18 -10.44 46.50
CA LEU B 793 46.82 -11.43 47.37
C LEU B 793 48.29 -11.06 47.54
N ASP B 794 48.69 -10.86 48.79
CA ASP B 794 50.03 -10.38 49.07
C ASP B 794 51.11 -11.35 48.58
N PHE B 795 50.88 -12.65 48.75
CA PHE B 795 51.85 -13.69 48.43
C PHE B 795 53.01 -13.71 49.41
N ARG B 796 52.95 -12.90 50.47
CA ARG B 796 53.97 -12.86 51.50
C ARG B 796 53.62 -13.75 52.68
N GLU B 797 52.59 -14.59 52.54
CA GLU B 797 52.18 -15.44 53.64
C GLU B 797 53.31 -16.38 54.03
N ASP B 798 53.35 -16.73 55.31
CA ASP B 798 54.29 -17.73 55.76
C ASP B 798 53.93 -19.08 55.15
N GLU B 799 54.88 -20.01 55.22
CA GLU B 799 54.65 -21.34 54.66
C GLU B 799 53.38 -21.95 55.23
N THR B 800 53.07 -21.64 56.50
CA THR B 800 51.82 -22.09 57.07
C THR B 800 50.63 -21.40 56.42
N ASP B 801 50.73 -20.10 56.15
CA ASP B 801 49.63 -19.37 55.54
C ASP B 801 49.47 -19.73 54.06
N VAL B 802 50.59 -19.84 53.34
CA VAL B 802 50.53 -20.35 51.99
C VAL B 802 50.01 -21.77 51.99
N LYS B 803 50.39 -22.56 53.00
CA LYS B 803 49.82 -23.88 53.17
C LYS B 803 48.31 -23.78 53.36
N ALA B 804 47.85 -22.74 54.04
CA ALA B 804 46.41 -22.57 54.27
C ALA B 804 45.69 -22.25 52.97
N VAL B 805 46.28 -21.38 52.15
CA VAL B 805 45.67 -21.06 50.87
C VAL B 805 45.65 -22.29 49.97
N LEU B 806 46.73 -23.07 49.99
CA LEU B 806 46.76 -24.30 49.21
C LEU B 806 45.73 -25.29 49.72
N GLY B 807 45.49 -25.30 51.03
CA GLY B 807 44.41 -26.11 51.57
C GLY B 807 43.06 -25.65 51.07
N THR B 808 42.87 -24.34 50.99
CA THR B 808 41.64 -23.83 50.39
C THR B 808 41.49 -24.31 48.95
N LEU B 809 42.59 -24.30 48.20
CA LEU B 809 42.53 -24.75 46.80
C LEU B 809 42.23 -26.24 46.71
N LEU B 810 42.86 -27.03 47.58
CA LEU B 810 42.65 -28.47 47.56
C LEU B 810 41.21 -28.79 47.95
N ASN B 811 40.66 -28.04 48.90
CA ASN B 811 39.25 -28.19 49.21
C ASN B 811 38.40 -27.81 48.01
N LEU B 812 38.79 -26.76 47.29
CA LEU B 812 38.06 -26.38 46.09
C LEU B 812 38.02 -27.53 45.11
N MET B 813 39.12 -28.28 45.02
CA MET B 813 39.17 -29.44 44.14
C MET B 813 38.31 -30.58 44.69
N GLU B 814 38.26 -30.72 46.01
CA GLU B 814 37.64 -31.89 46.61
C GLU B 814 36.12 -31.83 46.49
N ASP B 815 35.57 -30.63 46.39
CA ASP B 815 34.13 -30.46 46.50
C ASP B 815 33.42 -31.46 45.59
N PRO B 816 32.33 -32.07 46.06
CA PRO B 816 31.68 -33.11 45.24
C PRO B 816 31.16 -32.58 43.92
N ASP B 817 30.58 -31.38 43.91
CA ASP B 817 29.97 -30.86 42.69
C ASP B 817 31.02 -30.73 41.60
N LYS B 818 30.79 -31.43 40.48
CA LYS B 818 31.72 -31.34 39.36
C LYS B 818 31.74 -29.93 38.82
N ASP B 819 30.57 -29.30 38.73
CA ASP B 819 30.53 -27.88 38.41
C ASP B 819 31.33 -27.08 39.44
N VAL B 820 31.28 -27.51 40.70
CA VAL B 820 32.07 -26.85 41.73
C VAL B 820 33.54 -26.92 41.36
N ARG B 821 34.01 -28.09 40.94
CA ARG B 821 35.42 -28.25 40.60
C ARG B 821 35.79 -27.45 39.38
N VAL B 822 34.90 -27.40 38.39
CA VAL B 822 35.19 -26.63 37.17
C VAL B 822 35.30 -25.15 37.53
N ALA B 823 34.41 -24.66 38.37
CA ALA B 823 34.52 -23.29 38.85
C ALA B 823 35.81 -23.10 39.62
N PHE B 824 36.23 -24.12 40.38
CA PHE B 824 37.47 -24.02 41.13
C PHE B 824 38.65 -23.83 40.21
N SER B 825 38.67 -24.55 39.08
CA SER B 825 39.76 -24.37 38.12
C SER B 825 39.67 -23.01 37.46
N GLY B 826 38.46 -22.57 37.13
CA GLY B 826 38.31 -21.27 36.52
C GLY B 826 38.89 -20.17 37.39
N ASN B 827 38.58 -20.20 38.69
CA ASN B 827 39.19 -19.26 39.62
C ASN B 827 40.68 -19.54 39.80
N ILE B 828 41.07 -20.81 39.68
CA ILE B 828 42.48 -21.18 39.83
C ILE B 828 43.31 -20.46 38.80
N LYS B 829 42.73 -20.19 37.63
CA LYS B 829 43.46 -19.41 36.64
C LYS B 829 43.87 -18.05 37.18
N HIS B 830 42.89 -17.32 37.73
CA HIS B 830 43.16 -16.01 38.31
C HIS B 830 44.09 -16.13 39.50
N ILE B 831 43.99 -17.23 40.26
CA ILE B 831 44.83 -17.38 41.45
C ILE B 831 46.28 -17.57 41.04
N LEU B 832 46.53 -18.46 40.08
CA LEU B 832 47.88 -18.67 39.59
C LEU B 832 48.46 -17.38 39.03
N GLU B 833 47.63 -16.60 38.34
CA GLU B 833 48.07 -15.26 38.00
C GLU B 833 48.39 -14.47 39.25
N SER B 834 47.61 -14.69 40.32
CA SER B 834 47.73 -13.91 41.53
C SER B 834 49.00 -14.25 42.29
N LEU B 835 49.36 -15.53 42.32
CA LEU B 835 50.54 -15.93 43.08
C LEU B 835 51.73 -15.11 42.62
N ASP B 836 52.43 -14.53 43.60
CA ASP B 836 53.51 -13.60 43.25
C ASP B 836 54.49 -14.25 42.28
N SER B 837 54.80 -15.52 42.51
CA SER B 837 55.66 -16.28 41.61
C SER B 837 55.28 -17.75 41.72
N GLU B 838 55.65 -18.51 40.70
CA GLU B 838 55.45 -19.96 40.72
C GLU B 838 56.50 -20.53 41.67
N ASP B 839 56.26 -20.35 42.96
CA ASP B 839 57.23 -20.75 43.96
C ASP B 839 57.51 -22.24 43.83
N GLY B 840 58.80 -22.59 43.85
CA GLY B 840 59.17 -23.99 43.74
C GLY B 840 58.58 -24.83 44.85
N PHE B 841 58.63 -24.34 46.08
CA PHE B 841 57.93 -25.00 47.16
C PHE B 841 56.43 -24.96 46.95
N ILE B 842 55.91 -23.83 46.49
CA ILE B 842 54.48 -23.73 46.19
C ILE B 842 54.13 -24.67 45.05
N LYS B 843 54.99 -24.75 44.04
CA LYS B 843 54.75 -25.67 42.93
C LYS B 843 54.74 -27.11 43.42
N GLU B 844 55.64 -27.43 44.36
CA GLU B 844 55.70 -28.79 44.88
C GLU B 844 54.45 -29.11 45.67
N LEU B 845 53.96 -28.15 46.45
CA LEU B 845 52.71 -28.36 47.18
C LEU B 845 51.54 -28.56 46.22
N PHE B 846 51.52 -27.80 45.12
CA PHE B 846 50.46 -27.97 44.14
C PHE B 846 50.52 -29.35 43.51
N VAL B 847 51.72 -29.80 43.15
CA VAL B 847 51.90 -31.14 42.59
C VAL B 847 51.46 -32.19 43.60
N LEU B 848 51.75 -31.96 44.88
CA LEU B 848 51.34 -32.92 45.90
C LEU B 848 49.84 -32.98 46.04
N ARG B 849 49.17 -31.82 45.99
CA ARG B 849 47.72 -31.82 46.03
C ARG B 849 47.15 -32.55 44.84
N MET B 850 47.73 -32.34 43.66
CA MET B 850 47.28 -33.05 42.47
C MET B 850 47.49 -34.56 42.63
N LYS B 851 48.59 -34.95 43.25
CA LYS B 851 48.87 -36.37 43.44
C LYS B 851 47.86 -36.99 44.40
N GLU B 852 47.57 -36.30 45.50
CA GLU B 852 46.57 -36.80 46.42
C GLU B 852 45.22 -36.93 45.72
N ALA B 853 44.90 -35.96 44.86
CA ALA B 853 43.64 -36.02 44.14
C ALA B 853 43.59 -37.20 43.18
N TYR B 854 44.66 -37.40 42.41
CA TYR B 854 44.69 -38.52 41.48
C TYR B 854 44.62 -39.85 42.21
N THR B 855 45.24 -39.92 43.39
CA THR B 855 45.17 -41.15 44.18
C THR B 855 43.77 -41.39 44.69
N HIS B 856 43.12 -40.34 45.19
CA HIS B 856 41.73 -40.47 45.59
C HIS B 856 40.87 -40.86 44.40
N ALA B 857 41.24 -40.41 43.21
CA ALA B 857 40.51 -40.77 42.00
C ALA B 857 40.64 -42.26 41.70
N GLN B 858 41.88 -42.76 41.67
CA GLN B 858 42.09 -44.18 41.45
C GLN B 858 41.37 -45.00 42.52
N ILE B 859 41.35 -44.51 43.75
CA ILE B 859 40.60 -45.19 44.80
C ILE B 859 39.11 -45.18 44.47
N SER B 860 38.61 -44.04 44.00
CA SER B 860 37.21 -43.95 43.61
C SER B 860 36.92 -44.85 42.43
N ARG B 861 37.85 -44.93 41.48
CA ARG B 861 37.58 -45.59 40.21
C ARG B 861 36.37 -44.95 39.56
N ASN B 862 36.22 -43.64 39.75
CA ASN B 862 35.07 -42.88 39.28
C ASN B 862 35.50 -42.04 38.09
N ASN B 863 34.85 -42.28 36.94
CA ASN B 863 35.16 -41.51 35.75
C ASN B 863 34.91 -40.03 35.98
N GLU B 864 33.90 -39.69 36.77
CA GLU B 864 33.56 -38.29 36.98
C GLU B 864 34.67 -37.57 37.75
N LEU B 865 35.18 -38.19 38.81
CA LEU B 865 36.29 -37.60 39.54
C LEU B 865 37.51 -37.51 38.65
N LYS B 866 37.70 -38.51 37.79
CA LYS B 866 38.78 -38.45 36.82
C LYS B 866 38.62 -37.24 35.90
N ASP B 867 37.39 -36.97 35.48
CA ASP B 867 37.15 -35.83 34.59
C ASP B 867 37.40 -34.53 35.34
N THR B 868 37.01 -34.46 36.60
CA THR B 868 37.26 -33.25 37.39
C THR B 868 38.75 -33.00 37.52
N LEU B 869 39.52 -34.05 37.81
CA LEU B 869 40.97 -33.90 37.89
C LEU B 869 41.56 -33.51 36.54
N ILE B 870 41.00 -34.05 35.46
CA ILE B 870 41.51 -33.72 34.13
C ILE B 870 41.28 -32.25 33.83
N LEU B 871 40.09 -31.75 34.16
CA LEU B 871 39.81 -30.33 33.99
C LEU B 871 40.72 -29.50 34.87
N THR B 872 41.05 -30.00 36.06
CA THR B 872 41.97 -29.28 36.93
C THR B 872 43.34 -29.17 36.28
N THR B 873 43.84 -30.28 35.72
CA THR B 873 45.11 -30.24 35.03
C THR B 873 45.05 -29.30 33.85
N GLY B 874 43.90 -29.26 33.17
CA GLY B 874 43.74 -28.37 32.04
C GLY B 874 43.80 -26.92 32.44
N ASP B 875 43.15 -26.57 33.54
CA ASP B 875 43.24 -25.21 34.06
C ASP B 875 44.68 -24.89 34.44
N ILE B 876 45.39 -25.86 35.02
CA ILE B 876 46.77 -25.63 35.39
C ILE B 876 47.59 -25.31 34.14
N GLY B 877 47.37 -26.07 33.07
CA GLY B 877 48.09 -25.81 31.83
C GLY B 877 47.72 -24.48 31.22
N ARG B 878 46.42 -24.15 31.24
CA ARG B 878 45.99 -22.84 30.77
C ARG B 878 46.71 -21.75 31.54
N ALA B 879 47.00 -22.01 32.82
CA ALA B 879 47.86 -21.10 33.57
C ALA B 879 49.27 -21.08 32.96
N ALA B 880 49.86 -22.26 32.74
CA ALA B 880 51.21 -22.38 32.22
C ALA B 880 52.17 -21.44 32.95
N LYS B 881 52.14 -21.47 34.27
CA LYS B 881 52.88 -20.52 35.09
C LYS B 881 54.09 -21.20 35.70
N GLY B 882 55.28 -20.72 35.34
CA GLY B 882 56.51 -21.20 35.95
C GLY B 882 56.59 -22.70 35.99
N ASP B 883 57.05 -23.23 37.13
CA ASP B 883 57.10 -24.68 37.31
C ASP B 883 55.71 -25.28 37.21
N LEU B 884 54.70 -24.52 37.64
CA LEU B 884 53.31 -24.96 37.50
C LEU B 884 53.01 -25.33 36.05
N VAL B 885 53.59 -24.58 35.10
CA VAL B 885 53.48 -24.98 33.70
C VAL B 885 54.07 -26.37 33.51
N PRO B 886 55.27 -26.67 34.01
CA PRO B 886 55.76 -28.05 33.88
C PRO B 886 54.90 -29.05 34.62
N PHE B 887 54.36 -28.69 35.79
CA PHE B 887 53.54 -29.63 36.54
C PHE B 887 52.26 -29.95 35.80
N ALA B 888 51.65 -28.94 35.19
CA ALA B 888 50.43 -29.17 34.42
C ALA B 888 50.73 -29.95 33.16
N LEU B 889 51.88 -29.70 32.53
CA LEU B 889 52.31 -30.57 31.44
C LEU B 889 52.45 -32.01 31.91
N LEU B 890 52.95 -32.19 33.14
CA LEU B 890 53.07 -33.53 33.70
C LEU B 890 51.71 -34.16 33.90
N HIS B 891 50.72 -33.37 34.31
CA HIS B 891 49.36 -33.90 34.47
C HIS B 891 48.76 -34.27 33.13
N LEU B 892 48.99 -33.46 32.11
CA LEU B 892 48.54 -33.81 30.76
C LEU B 892 49.20 -35.11 30.31
N LEU B 893 50.50 -35.25 30.58
CA LEU B 893 51.19 -36.49 30.28
C LEU B 893 50.61 -37.64 31.09
N HIS B 894 50.20 -37.35 32.32
CA HIS B 894 49.60 -38.38 33.16
C HIS B 894 48.33 -38.91 32.54
N CYS B 895 47.46 -38.01 32.09
CA CYS B 895 46.25 -38.44 31.42
C CYS B 895 46.57 -39.19 30.13
N LEU B 896 47.57 -38.69 29.37
CA LEU B 896 47.86 -39.27 28.07
C LEU B 896 48.42 -40.67 28.20
N LEU B 897 49.45 -40.85 29.03
CA LEU B 897 49.89 -42.19 29.41
C LEU B 897 48.73 -42.99 29.96
N SER B 898 47.85 -42.34 30.73
CA SER B 898 46.59 -42.99 31.07
C SER B 898 45.71 -43.15 29.84
N LYS B 899 45.87 -42.25 28.87
CA LYS B 899 45.18 -42.34 27.59
C LYS B 899 43.70 -42.58 27.82
N SER B 900 43.18 -42.07 28.93
CA SER B 900 41.78 -42.29 29.26
C SER B 900 40.93 -41.75 28.12
N ALA B 901 39.96 -42.55 27.69
CA ALA B 901 39.23 -42.20 26.50
C ALA B 901 38.71 -40.77 26.58
N SER B 902 38.22 -40.38 27.76
CA SER B 902 37.87 -38.98 27.97
C SER B 902 39.11 -38.11 28.01
N VAL B 903 40.17 -38.59 28.65
CA VAL B 903 41.35 -37.76 28.86
C VAL B 903 41.99 -37.44 27.51
N SER B 904 42.00 -38.41 26.61
CA SER B 904 42.71 -38.25 25.35
C SER B 904 42.22 -37.02 24.61
N GLY B 905 43.17 -36.28 24.01
CA GLY B 905 42.87 -35.05 23.32
C GLY B 905 42.69 -33.85 24.21
N ALA B 906 42.32 -34.06 25.47
CA ALA B 906 42.32 -32.95 26.42
C ALA B 906 43.72 -32.39 26.56
N ALA B 907 44.73 -33.27 26.53
CA ALA B 907 46.11 -32.83 26.49
C ALA B 907 46.37 -32.00 25.24
N TYR B 908 45.76 -32.38 24.12
CA TYR B 908 45.89 -31.57 22.92
C TYR B 908 45.34 -30.18 23.17
N THR B 909 44.17 -30.09 23.81
CA THR B 909 43.71 -28.80 24.29
C THR B 909 44.71 -28.22 25.27
N GLU B 910 45.37 -29.08 26.04
CA GLU B 910 46.31 -28.60 27.04
C GLU B 910 47.42 -27.77 26.40
N ILE B 911 48.04 -28.28 25.34
CA ILE B 911 49.02 -27.48 24.64
C ILE B 911 48.35 -26.25 24.07
N ARG B 912 47.10 -26.39 23.66
CA ARG B 912 46.33 -25.24 23.20
C ARG B 912 46.15 -24.25 24.35
N ALA B 913 45.81 -24.75 25.54
CA ALA B 913 45.79 -23.87 26.71
C ALA B 913 47.17 -23.30 26.98
N LEU B 914 48.22 -24.09 26.73
CA LEU B 914 49.56 -23.56 26.79
C LEU B 914 49.75 -22.47 25.76
N VAL B 915 49.22 -22.68 24.57
CA VAL B 915 49.29 -21.67 23.53
C VAL B 915 48.26 -21.99 22.45
N GLN B 928 59.80 -26.57 27.82
CA GLN B 928 60.33 -27.42 28.89
C GLN B 928 59.26 -28.41 29.35
N TYR B 929 58.01 -27.96 29.33
CA TYR B 929 56.92 -28.83 29.73
C TYR B 929 56.89 -30.08 28.86
N LYS B 930 57.02 -29.91 27.55
CA LYS B 930 57.03 -31.05 26.64
C LYS B 930 58.21 -31.96 26.94
N LYS B 931 59.35 -31.39 27.33
CA LYS B 931 60.49 -32.24 27.66
C LYS B 931 60.21 -33.09 28.89
N PRO B 932 59.62 -32.56 29.95
CA PRO B 932 59.09 -33.45 30.98
C PRO B 932 58.17 -34.50 30.39
N ILE B 933 57.47 -34.15 29.31
CA ILE B 933 56.58 -35.11 28.66
C ILE B 933 57.37 -36.28 28.09
N CYS B 934 58.51 -36.00 27.47
CA CYS B 934 59.34 -37.08 26.99
C CYS B 934 59.87 -37.90 28.16
N GLN B 935 60.14 -37.23 29.26
CA GLN B 935 60.61 -37.97 30.43
C GLN B 935 59.52 -38.90 30.94
N PHE B 936 58.29 -38.41 30.91
CA PHE B 936 57.15 -39.24 31.31
C PHE B 936 56.94 -40.36 30.31
N LEU B 937 57.32 -40.13 29.05
CA LEU B 937 57.29 -41.20 28.08
C LEU B 937 58.33 -42.25 28.46
N VAL B 938 59.48 -41.80 28.94
CA VAL B 938 60.48 -42.73 29.44
C VAL B 938 59.90 -43.50 30.61
N GLU B 939 59.12 -42.81 31.42
CA GLU B 939 58.44 -43.46 32.53
C GLU B 939 57.47 -44.50 32.00
N SER B 940 56.84 -44.20 30.88
CA SER B 940 55.91 -45.15 30.27
C SER B 940 56.68 -46.38 29.79
N LEU B 941 57.88 -46.16 29.27
CA LEU B 941 58.71 -47.27 28.83
C LEU B 941 59.12 -48.13 30.02
N HIS B 942 59.43 -47.49 31.15
CA HIS B 942 59.79 -48.24 32.35
C HIS B 942 58.61 -49.06 32.86
N SER B 943 57.41 -48.47 32.83
CA SER B 943 56.22 -49.21 33.24
C SER B 943 55.96 -50.39 32.31
N SER B 944 56.15 -50.19 31.00
CA SER B 944 55.99 -51.28 30.06
C SER B 944 57.00 -52.39 30.33
N GLN B 945 58.25 -52.03 30.61
CA GLN B 945 59.25 -53.02 30.99
C GLN B 945 58.82 -53.77 32.25
N MET B 946 58.21 -53.05 33.20
CA MET B 946 57.64 -53.72 34.36
C MET B 946 56.58 -54.73 33.94
N THR B 947 55.74 -54.36 32.98
CA THR B 947 54.77 -55.32 32.45
C THR B 947 55.47 -56.48 31.76
N ALA B 948 56.55 -56.19 31.03
CA ALA B 948 57.30 -57.21 30.32
C ALA B 948 58.63 -56.66 29.83
N TRP C 301 -11.30 -13.09 8.85
CA TRP C 301 -10.26 -12.53 8.00
C TRP C 301 -10.78 -11.31 7.24
N ARG C 302 -11.33 -10.37 7.99
CA ARG C 302 -11.85 -9.14 7.39
C ARG C 302 -10.74 -8.32 6.73
N GLN C 303 -9.56 -8.30 7.35
CA GLN C 303 -8.46 -7.48 6.83
C GLN C 303 -8.09 -7.90 5.42
N ARG C 304 -8.13 -9.19 5.14
CA ARG C 304 -7.91 -9.78 3.83
C ARG C 304 -6.43 -9.79 3.47
N SER C 305 -5.54 -9.33 4.36
CA SER C 305 -4.10 -9.38 4.12
C SER C 305 -3.74 -8.70 2.79
N ASN C 306 -4.37 -7.55 2.53
CA ASN C 306 -4.09 -6.84 1.28
C ASN C 306 -2.60 -6.51 1.16
N THR C 307 -1.99 -6.06 2.25
CA THR C 307 -0.55 -5.80 2.24
C THR C 307 0.23 -7.06 1.96
N GLN C 308 -0.22 -8.19 2.50
CA GLN C 308 0.42 -9.45 2.15
C GLN C 308 0.34 -9.68 0.65
N GLY C 309 -0.81 -9.34 0.05
CA GLY C 309 -0.87 -9.26 -1.39
C GLY C 309 0.19 -8.34 -1.95
N SER C 310 0.57 -7.30 -1.19
CA SER C 310 1.69 -6.47 -1.59
C SER C 310 2.99 -7.25 -1.53
N ILE C 311 3.79 -7.16 -2.58
CA ILE C 311 5.08 -7.84 -2.56
C ILE C 311 6.08 -6.89 -1.94
N LEU C 312 6.03 -6.79 -0.62
CA LEU C 312 6.96 -5.97 0.14
C LEU C 312 7.15 -4.61 -0.54
N ILE C 313 6.05 -4.06 -1.05
CA ILE C 313 6.12 -2.81 -1.79
C ILE C 313 6.95 -1.79 -1.02
N ASN C 314 6.88 -1.84 0.29
CA ASN C 314 7.77 -1.03 1.11
C ASN C 314 9.19 -1.58 1.07
N LEU C 315 9.33 -2.91 1.12
CA LEU C 315 10.66 -3.51 1.08
C LEU C 315 11.38 -3.11 -0.20
N LEU C 316 10.64 -3.00 -1.30
CA LEU C 316 11.24 -2.49 -2.53
C LEU C 316 11.72 -1.06 -2.34
N LEU C 317 10.89 -0.19 -1.77
CA LEU C 317 11.25 1.20 -1.52
C LEU C 317 11.79 1.33 -0.09
N LYS C 318 13.07 1.00 0.06
CA LYS C 318 13.79 1.17 1.32
C LYS C 318 15.26 1.39 1.01
N GLN C 319 16.03 1.67 2.06
CA GLN C 319 17.47 1.79 1.91
C GLN C 319 18.02 0.50 1.31
N PRO C 320 19.28 0.52 0.86
CA PRO C 320 19.83 -0.67 0.22
C PRO C 320 19.64 -1.91 1.08
N LEU C 321 19.02 -2.94 0.49
CA LEU C 321 18.89 -4.21 1.18
C LEU C 321 20.25 -4.76 1.55
N ILE C 322 21.22 -4.63 0.65
CA ILE C 322 22.61 -4.84 1.07
C ILE C 322 23.00 -3.73 2.03
N PRO C 323 23.69 -4.01 3.13
CA PRO C 323 24.00 -2.94 4.07
C PRO C 323 25.08 -2.05 3.50
N GLY C 324 24.83 -0.75 3.55
CA GLY C 324 25.79 0.20 3.05
C GLY C 324 25.73 0.36 1.54
N SER C 325 26.48 1.34 1.07
CA SER C 325 26.69 1.71 -0.32
C SER C 325 25.52 2.52 -0.88
N SER C 326 24.45 2.74 -0.12
CA SER C 326 23.38 3.66 -0.53
C SER C 326 22.89 3.34 -1.93
N LEU C 327 22.63 2.06 -2.20
CA LEU C 327 22.20 1.67 -3.53
C LEU C 327 20.88 2.33 -3.90
N SER C 328 19.93 2.41 -2.96
CA SER C 328 18.74 3.21 -3.19
C SER C 328 17.90 2.70 -4.36
N LEU C 329 17.23 1.57 -4.18
CA LEU C 329 16.44 1.01 -5.29
C LEU C 329 15.69 2.08 -6.04
N CYS C 330 15.25 3.14 -5.37
CA CYS C 330 14.69 4.28 -6.09
C CYS C 330 15.74 4.95 -6.96
N HIS C 331 16.96 5.09 -6.46
CA HIS C 331 17.97 5.76 -7.25
C HIS C 331 18.28 4.94 -8.49
N LEU C 332 18.22 3.63 -8.34
CA LEU C 332 18.41 2.75 -9.48
C LEU C 332 17.26 2.87 -10.47
N LEU C 333 16.03 2.83 -9.98
CA LEU C 333 14.88 2.98 -10.86
C LEU C 333 14.95 4.30 -11.62
N SER C 334 15.54 5.31 -11.00
CA SER C 334 15.66 6.64 -11.58
C SER C 334 17.04 6.93 -12.14
N SER C 335 17.96 5.98 -12.05
CA SER C 335 19.34 6.21 -12.41
C SER C 335 19.51 6.58 -13.87
N SER C 336 20.31 7.61 -14.13
CA SER C 336 20.66 7.97 -15.50
C SER C 336 21.71 7.04 -16.08
N SER C 337 22.70 6.66 -15.27
CA SER C 337 23.73 5.71 -15.71
C SER C 337 23.66 4.44 -14.89
N SER C 369 24.28 -3.16 -19.44
CA SER C 369 24.72 -4.44 -20.00
C SER C 369 24.79 -4.34 -21.51
N PHE C 370 23.64 -4.50 -22.15
CA PHE C 370 23.48 -4.24 -23.56
C PHE C 370 22.17 -3.51 -23.73
N SER C 371 22.02 -2.85 -24.87
CA SER C 371 20.88 -1.97 -25.07
C SER C 371 20.83 -0.94 -23.94
N LEU C 372 22.00 -0.38 -23.64
CA LEU C 372 22.07 0.62 -22.57
C LEU C 372 21.08 1.74 -22.84
N SER C 373 21.02 2.20 -24.08
CA SER C 373 19.90 3.02 -24.48
C SER C 373 18.61 2.22 -24.31
N ALA C 374 17.59 2.87 -23.76
CA ALA C 374 16.33 2.26 -23.39
C ALA C 374 16.45 1.54 -22.06
N LEU C 375 17.60 1.66 -21.40
CA LEU C 375 17.62 1.38 -19.98
C LEU C 375 16.53 2.20 -19.28
N ARG C 376 16.27 3.40 -19.78
CA ARG C 376 15.22 4.21 -19.19
C ARG C 376 13.84 3.66 -19.54
N GLU C 377 13.71 3.02 -20.70
CA GLU C 377 12.45 2.35 -21.02
C GLU C 377 12.21 1.19 -20.08
N ALA C 378 13.26 0.43 -19.78
CA ALA C 378 13.14 -0.58 -18.74
C ALA C 378 12.77 0.05 -17.41
N GLN C 379 13.35 1.20 -17.11
CA GLN C 379 13.01 1.89 -15.87
C GLN C 379 11.52 2.19 -15.84
N ASN C 380 10.96 2.63 -16.97
CA ASN C 380 9.55 2.92 -17.03
C ASN C 380 8.73 1.66 -16.82
N LEU C 381 9.20 0.54 -17.37
CA LEU C 381 8.54 -0.73 -17.10
C LEU C 381 8.50 -0.98 -15.60
N ALA C 382 9.60 -0.66 -14.92
CA ALA C 382 9.66 -0.92 -13.49
C ALA C 382 8.74 0.00 -12.71
N PHE C 383 8.63 1.26 -13.12
CA PHE C 383 7.72 2.16 -12.42
C PHE C 383 6.29 1.69 -12.58
N THR C 384 5.95 1.24 -13.79
CA THR C 384 4.64 0.63 -13.96
C THR C 384 4.48 -0.56 -13.04
N GLY C 385 5.54 -1.35 -12.90
CA GLY C 385 5.47 -2.51 -12.04
C GLY C 385 5.25 -2.14 -10.58
N LEU C 386 5.92 -1.08 -10.13
CA LEU C 386 5.77 -0.65 -8.75
C LEU C 386 4.35 -0.17 -8.50
N ASN C 387 3.81 0.63 -9.42
CA ASN C 387 2.43 1.07 -9.27
C ASN C 387 1.50 -0.13 -9.20
N LEU C 388 1.72 -1.13 -10.05
CA LEU C 388 0.84 -2.28 -10.06
C LEU C 388 0.96 -3.05 -8.75
N VAL C 389 2.18 -3.25 -8.27
CA VAL C 389 2.39 -3.98 -7.03
C VAL C 389 1.69 -3.27 -5.89
N ALA C 390 1.77 -1.94 -5.87
CA ALA C 390 1.07 -1.19 -4.84
C ALA C 390 -0.43 -1.42 -4.94
N ARG C 391 -0.95 -1.44 -6.16
CA ARG C 391 -2.37 -1.60 -6.40
C ARG C 391 -2.78 -3.06 -6.44
N ASN C 392 -1.82 -3.97 -6.50
CA ASN C 392 -2.08 -5.37 -6.79
C ASN C 392 -2.09 -6.14 -5.48
N GLU C 393 -3.21 -6.79 -5.20
CA GLU C 393 -3.34 -7.66 -4.05
C GLU C 393 -3.89 -9.00 -4.56
N CYS C 394 -3.00 -9.83 -5.09
CA CYS C 394 -3.37 -11.20 -5.43
C CYS C 394 -3.61 -12.00 -4.17
N SER C 395 -2.78 -11.80 -3.14
CA SER C 395 -3.00 -12.41 -1.84
C SER C 395 -4.01 -11.55 -1.09
N ARG C 396 -5.27 -11.70 -1.48
CA ARG C 396 -6.37 -10.96 -0.89
C ARG C 396 -7.35 -11.94 -0.24
N ASP C 397 -7.85 -11.57 0.94
CA ASP C 397 -8.76 -12.43 1.69
C ASP C 397 -8.16 -13.82 1.88
N GLY C 398 -6.87 -13.86 2.22
CA GLY C 398 -6.18 -15.10 2.48
C GLY C 398 -5.56 -15.77 1.27
N ASP C 399 -5.54 -15.10 0.12
CA ASP C 399 -4.94 -15.65 -1.08
C ASP C 399 -5.55 -17.01 -1.43
N PRO C 400 -6.88 -17.12 -1.49
CA PRO C 400 -7.47 -18.42 -1.86
C PRO C 400 -7.15 -18.85 -3.27
N ALA C 401 -7.13 -17.91 -4.22
CA ALA C 401 -6.73 -18.25 -5.58
C ALA C 401 -5.31 -18.81 -5.60
N GLU C 402 -4.44 -18.29 -4.74
CA GLU C 402 -3.12 -18.88 -4.58
C GLU C 402 -3.26 -20.33 -4.14
N GLY C 403 -2.60 -21.24 -4.87
CA GLY C 403 -2.66 -22.65 -4.55
C GLY C 403 -1.46 -23.39 -5.10
N GLY C 404 -1.12 -24.47 -4.42
CA GLY C 404 0.05 -25.25 -4.78
C GLY C 404 0.61 -25.96 -3.55
N ARG C 405 1.61 -26.80 -3.81
CA ARG C 405 2.24 -27.55 -2.73
C ARG C 405 3.08 -26.63 -1.85
N ARG C 406 3.74 -25.64 -2.44
CA ARG C 406 4.65 -24.78 -1.69
C ARG C 406 3.92 -24.06 -0.57
N ALA C 407 4.59 -23.95 0.56
CA ALA C 407 4.02 -23.21 1.68
C ALA C 407 4.17 -21.72 1.48
N PHE C 408 3.25 -20.97 2.06
CA PHE C 408 3.22 -19.51 1.94
C PHE C 408 3.28 -19.10 0.47
N PRO C 409 2.40 -19.63 -0.37
CA PRO C 409 2.43 -19.27 -1.78
C PRO C 409 2.33 -17.76 -1.93
N LEU C 410 3.38 -17.17 -2.49
CA LEU C 410 3.40 -15.72 -2.65
C LEU C 410 2.30 -15.30 -3.61
N CYS C 411 1.76 -14.11 -3.36
CA CYS C 411 0.75 -13.58 -4.26
C CYS C 411 1.33 -13.46 -5.66
N GLN C 412 0.47 -13.67 -6.67
CA GLN C 412 0.98 -13.68 -8.04
C GLN C 412 1.79 -12.44 -8.32
N LEU C 413 1.23 -11.28 -8.01
CA LEU C 413 1.93 -10.00 -8.14
C LEU C 413 2.50 -9.85 -9.54
N PRO C 414 1.70 -10.06 -10.58
CA PRO C 414 2.22 -9.98 -11.94
C PRO C 414 2.91 -8.67 -12.23
N GLY C 415 2.49 -7.59 -11.58
CA GLY C 415 3.16 -6.32 -11.79
C GLY C 415 4.61 -6.39 -11.37
N ALA C 416 4.90 -7.16 -10.32
CA ALA C 416 6.27 -7.26 -9.84
C ALA C 416 7.20 -7.70 -10.96
N VAL C 417 6.68 -8.52 -11.87
CA VAL C 417 7.50 -9.07 -12.93
C VAL C 417 8.16 -7.97 -13.72
N HIS C 418 7.44 -6.88 -13.97
CA HIS C 418 7.98 -5.83 -14.83
C HIS C 418 9.28 -5.31 -14.26
N PHE C 419 9.46 -5.43 -12.95
CA PHE C 419 10.71 -4.98 -12.35
C PHE C 419 11.89 -5.74 -12.93
N LEU C 420 11.64 -6.97 -13.36
CA LEU C 420 12.75 -7.85 -13.69
C LEU C 420 13.56 -7.38 -14.87
N PRO C 421 12.98 -6.78 -15.92
CA PRO C 421 13.84 -6.30 -17.00
C PRO C 421 14.87 -5.31 -16.52
N LEU C 422 14.48 -4.40 -15.63
CA LEU C 422 15.44 -3.44 -15.11
C LEU C 422 16.56 -4.15 -14.36
N VAL C 423 16.19 -5.08 -13.48
CA VAL C 423 17.21 -5.84 -12.76
C VAL C 423 18.15 -6.50 -13.76
N GLN C 424 17.59 -7.04 -14.84
CA GLN C 424 18.42 -7.66 -15.86
C GLN C 424 19.44 -6.67 -16.38
N PHE C 425 19.04 -5.41 -16.51
CA PHE C 425 19.94 -4.43 -17.10
C PHE C 425 21.23 -4.31 -16.28
N PHE C 426 21.11 -3.98 -15.00
CA PHE C 426 22.31 -3.78 -14.19
C PHE C 426 23.00 -5.12 -13.91
N ILE C 427 22.22 -6.19 -13.75
CA ILE C 427 22.82 -7.49 -13.54
C ILE C 427 23.71 -7.83 -14.72
N GLY C 428 23.25 -7.47 -15.91
CA GLY C 428 24.04 -7.69 -17.09
C GLY C 428 25.24 -6.76 -17.14
N LEU C 429 25.10 -5.58 -16.55
CA LEU C 429 26.26 -4.69 -16.47
C LEU C 429 27.37 -5.36 -15.68
N HIS C 430 27.01 -5.95 -14.54
CA HIS C 430 27.99 -6.69 -13.74
C HIS C 430 28.51 -7.89 -14.50
N CYS C 431 27.60 -8.63 -15.15
CA CYS C 431 28.02 -9.77 -15.95
C CYS C 431 29.00 -9.35 -17.02
N GLN C 432 28.81 -8.16 -17.57
CA GLN C 432 29.65 -7.67 -18.64
C GLN C 432 31.02 -7.34 -18.12
N ALA C 433 31.06 -6.71 -16.95
CA ALA C 433 32.33 -6.52 -16.28
C ALA C 433 33.03 -7.86 -16.09
N LEU C 434 32.27 -8.89 -15.71
CA LEU C 434 32.86 -10.20 -15.51
C LEU C 434 33.40 -10.76 -16.82
N GLN C 435 32.68 -10.54 -17.91
CA GLN C 435 33.15 -11.01 -19.21
C GLN C 435 34.48 -10.37 -19.55
N ASP C 436 34.60 -9.07 -19.28
CA ASP C 436 35.88 -8.41 -19.42
C ASP C 436 36.89 -9.01 -18.44
N LEU C 437 38.11 -9.23 -18.92
CA LEU C 437 39.18 -9.78 -18.11
C LEU C 437 39.58 -8.80 -17.04
N SER C 467 37.44 -1.81 -13.50
CA SER C 467 37.47 -0.36 -13.55
C SER C 467 36.21 0.23 -12.94
N VAL C 468 35.05 -0.24 -13.40
CA VAL C 468 33.78 0.27 -12.90
C VAL C 468 33.38 -0.56 -11.70
N CYS C 469 33.95 -0.22 -10.54
CA CYS C 469 33.55 -0.87 -9.31
C CYS C 469 32.17 -0.42 -8.87
N ILE C 470 31.91 0.89 -8.95
CA ILE C 470 30.60 1.40 -8.59
C ILE C 470 29.53 0.75 -9.45
N LEU C 471 29.87 0.50 -10.72
CA LEU C 471 28.95 -0.19 -11.61
C LEU C 471 28.55 -1.53 -10.99
N GLU C 472 29.51 -2.25 -10.43
CA GLU C 472 29.19 -3.50 -9.77
C GLU C 472 28.31 -3.27 -8.55
N GLY C 473 28.47 -2.12 -7.89
CA GLY C 473 27.67 -1.85 -6.71
C GLY C 473 26.19 -1.76 -7.04
N PHE C 474 25.85 -1.07 -8.12
CA PHE C 474 24.47 -1.05 -8.57
C PHE C 474 24.01 -2.46 -8.90
N SER C 475 24.91 -3.27 -9.45
CA SER C 475 24.58 -4.64 -9.76
C SER C 475 24.23 -5.42 -8.49
N VAL C 476 24.95 -5.14 -7.41
CA VAL C 476 24.66 -5.82 -6.15
C VAL C 476 23.31 -5.36 -5.63
N THR C 477 23.04 -4.06 -5.73
CA THR C 477 21.72 -3.56 -5.33
C THR C 477 20.64 -4.27 -6.12
N ALA C 478 20.90 -4.54 -7.40
CA ALA C 478 19.89 -5.19 -8.22
C ALA C 478 19.74 -6.65 -7.81
N LEU C 479 20.85 -7.30 -7.48
CA LEU C 479 20.74 -8.63 -6.92
C LEU C 479 19.83 -8.61 -5.71
N SER C 480 19.93 -7.55 -4.90
CA SER C 480 19.07 -7.44 -3.73
C SER C 480 17.62 -7.23 -4.13
N ILE C 481 17.39 -6.43 -5.17
CA ILE C 481 16.03 -6.20 -5.64
C ILE C 481 15.43 -7.50 -6.13
N LEU C 482 16.23 -8.31 -6.82
CA LEU C 482 15.75 -9.60 -7.26
C LEU C 482 15.49 -10.50 -6.07
N GLN C 483 16.28 -10.34 -5.02
CA GLN C 483 16.08 -11.11 -3.82
C GLN C 483 14.73 -10.79 -3.20
N HIS C 484 14.43 -9.51 -3.08
CA HIS C 484 13.13 -9.11 -2.55
C HIS C 484 12.01 -9.56 -3.47
N LEU C 485 12.26 -9.58 -4.78
CA LEU C 485 11.23 -9.98 -5.72
C LEU C 485 10.93 -11.48 -5.61
N VAL C 486 11.97 -12.30 -5.52
CA VAL C 486 11.75 -13.73 -5.34
C VAL C 486 10.95 -13.98 -4.08
N CYS C 487 11.10 -13.10 -3.10
CA CYS C 487 10.37 -13.20 -1.84
C CYS C 487 9.07 -12.42 -1.94
N HIS C 488 7.98 -13.06 -1.56
CA HIS C 488 6.65 -12.49 -1.54
C HIS C 488 6.05 -12.35 -2.93
N SER C 489 6.78 -12.71 -4.00
CA SER C 489 6.27 -12.56 -5.36
C SER C 489 6.23 -13.91 -6.04
N GLY C 490 5.00 -14.40 -6.30
CA GLY C 490 4.86 -15.67 -6.98
C GLY C 490 5.17 -15.57 -8.47
N ALA C 491 4.70 -14.51 -9.11
CA ALA C 491 4.88 -14.40 -10.55
C ALA C 491 6.35 -14.42 -10.92
N VAL C 492 7.19 -13.76 -10.12
CA VAL C 492 8.61 -13.73 -10.43
C VAL C 492 9.19 -15.13 -10.36
N VAL C 493 8.77 -15.91 -9.35
CA VAL C 493 9.29 -17.26 -9.21
C VAL C 493 8.83 -18.12 -10.37
N SER C 494 7.56 -17.99 -10.74
CA SER C 494 7.03 -18.79 -11.85
C SER C 494 7.74 -18.45 -13.15
N LEU C 495 7.96 -17.16 -13.39
CA LEU C 495 8.65 -16.76 -14.60
C LEU C 495 10.06 -17.30 -14.62
N LEU C 496 10.79 -17.11 -13.52
CA LEU C 496 12.17 -17.59 -13.48
C LEU C 496 12.23 -19.09 -13.69
N LEU C 497 11.24 -19.81 -13.17
CA LEU C 497 11.19 -21.25 -13.36
C LEU C 497 10.91 -21.60 -14.81
N SER C 498 9.92 -20.93 -15.40
CA SER C 498 9.52 -21.26 -16.76
C SER C 498 10.68 -21.04 -17.73
N GLY C 499 11.51 -20.06 -17.45
CA GLY C 499 12.63 -19.74 -18.32
C GLY C 499 12.21 -19.45 -19.75
N GLN C 533 20.18 -22.11 -23.21
CA GLN C 533 18.85 -22.47 -23.66
C GLN C 533 17.97 -21.24 -23.85
N GLY C 534 18.53 -20.06 -23.56
CA GLY C 534 17.72 -18.85 -23.57
C GLY C 534 16.56 -18.96 -22.62
N GLN C 535 16.75 -19.67 -21.51
CA GLN C 535 15.71 -19.91 -20.52
C GLN C 535 16.08 -19.16 -19.25
N HIS C 536 15.18 -18.30 -18.79
CA HIS C 536 15.38 -17.53 -17.58
C HIS C 536 16.71 -16.76 -17.70
N PRO C 537 16.80 -15.85 -18.66
CA PRO C 537 18.08 -15.20 -18.92
C PRO C 537 18.69 -14.60 -17.68
N LEU C 538 17.85 -14.04 -16.82
CA LEU C 538 18.35 -13.53 -15.55
C LEU C 538 18.89 -14.67 -14.70
N LEU C 539 18.29 -15.86 -14.81
CA LEU C 539 18.82 -17.00 -14.08
C LEU C 539 20.21 -17.35 -14.57
N LYS C 540 20.43 -17.30 -15.88
CA LYS C 540 21.75 -17.54 -16.41
C LYS C 540 22.70 -16.45 -15.97
N MET C 541 22.21 -15.22 -15.88
CA MET C 541 23.06 -14.13 -15.45
C MET C 541 23.48 -14.30 -14.01
N LEU C 542 22.55 -14.73 -13.15
CA LEU C 542 22.90 -15.06 -11.78
C LEU C 542 23.94 -16.18 -11.75
N LEU C 543 23.78 -17.19 -12.60
CA LEU C 543 24.74 -18.28 -12.63
C LEU C 543 26.12 -17.81 -13.07
N HIS C 544 26.17 -17.03 -14.15
CA HIS C 544 27.45 -16.56 -14.67
C HIS C 544 28.11 -15.60 -13.70
N LEU C 545 27.32 -14.77 -13.04
CA LEU C 545 27.85 -13.87 -12.02
C LEU C 545 28.43 -14.67 -10.86
N LEU C 546 27.67 -15.63 -10.37
CA LEU C 546 28.14 -16.51 -9.32
C LEU C 546 29.46 -17.15 -9.72
N ALA C 547 29.57 -17.58 -10.97
CA ALA C 547 30.80 -18.19 -11.43
C ALA C 547 31.94 -17.19 -11.43
N PHE C 548 31.73 -16.01 -12.03
CA PHE C 548 32.78 -15.00 -12.08
C PHE C 548 33.28 -14.69 -10.68
N SER C 549 32.38 -14.66 -9.70
CA SER C 549 32.79 -14.47 -8.32
C SER C 549 33.54 -15.68 -7.79
N SER C 550 33.11 -16.89 -8.18
CA SER C 550 33.72 -18.09 -7.63
C SER C 550 35.23 -18.07 -7.79
N ALA C 551 35.71 -17.44 -8.86
CA ALA C 551 37.14 -17.38 -9.16
C ALA C 551 37.59 -15.92 -9.20
N ALA C 552 38.69 -15.63 -8.53
CA ALA C 552 39.31 -14.31 -8.58
C ALA C 552 38.28 -13.23 -8.30
N THR C 553 37.39 -13.51 -7.34
CA THR C 553 36.25 -12.63 -7.11
C THR C 553 36.69 -11.21 -6.79
N GLY C 554 37.75 -11.06 -5.99
CA GLY C 554 38.06 -9.78 -5.43
C GLY C 554 37.01 -9.41 -4.40
N HIS C 555 37.21 -8.25 -3.78
CA HIS C 555 36.29 -7.83 -2.73
C HIS C 555 34.90 -7.54 -3.29
N LEU C 556 34.84 -6.97 -4.48
CA LEU C 556 33.54 -6.63 -5.07
C LEU C 556 32.71 -7.88 -5.29
N GLN C 557 33.29 -8.89 -5.94
CA GLN C 557 32.54 -10.09 -6.26
C GLN C 557 32.08 -10.80 -5.00
N ALA C 558 32.88 -10.72 -3.93
CA ALA C 558 32.58 -11.48 -2.72
C ALA C 558 31.16 -11.23 -2.24
N SER C 559 30.79 -9.96 -2.05
CA SER C 559 29.43 -9.66 -1.63
C SER C 559 28.43 -10.07 -2.70
N VAL C 560 28.81 -9.88 -3.97
CA VAL C 560 27.95 -10.31 -5.07
C VAL C 560 27.70 -11.80 -4.97
N LEU C 561 28.72 -12.57 -4.62
CA LEU C 561 28.51 -13.99 -4.40
C LEU C 561 27.40 -14.20 -3.37
N THR C 562 27.49 -13.52 -2.25
CA THR C 562 26.53 -13.74 -1.16
C THR C 562 25.12 -13.40 -1.60
N GLN C 563 24.94 -12.21 -2.19
CA GLN C 563 23.62 -11.78 -2.57
C GLN C 563 23.03 -12.67 -3.66
N CYS C 564 23.82 -13.00 -4.67
CA CYS C 564 23.31 -13.85 -5.73
C CYS C 564 22.96 -15.22 -5.18
N LEU C 565 23.70 -15.66 -4.16
CA LEU C 565 23.36 -16.92 -3.53
C LEU C 565 22.02 -16.81 -2.83
N LYS C 566 21.79 -15.68 -2.17
CA LYS C 566 20.50 -15.45 -1.53
C LYS C 566 19.38 -15.57 -2.55
N VAL C 567 19.59 -14.97 -3.72
CA VAL C 567 18.53 -15.00 -4.73
C VAL C 567 18.35 -16.42 -5.25
N LEU C 568 19.45 -17.10 -5.57
CA LEU C 568 19.36 -18.42 -6.14
C LEU C 568 18.66 -19.37 -5.18
N VAL C 569 18.89 -19.17 -3.88
CA VAL C 569 18.26 -20.04 -2.90
C VAL C 569 16.78 -19.70 -2.76
N LYS C 570 16.45 -18.43 -2.70
CA LYS C 570 15.04 -18.06 -2.56
C LYS C 570 14.25 -18.52 -3.77
N LEU C 571 14.78 -18.26 -4.97
CA LEU C 571 14.10 -18.70 -6.18
C LEU C 571 13.86 -20.19 -6.11
N ALA C 572 14.74 -20.91 -5.44
CA ALA C 572 14.57 -22.35 -5.29
C ALA C 572 13.50 -22.67 -4.27
N GLU C 573 13.49 -21.98 -3.13
CA GLU C 573 12.54 -22.31 -2.08
C GLU C 573 11.11 -22.11 -2.55
N ASN C 574 10.83 -20.96 -3.18
CA ASN C 574 9.51 -20.74 -3.74
C ASN C 574 9.22 -21.75 -4.84
N THR C 575 10.25 -22.21 -5.54
CA THR C 575 10.06 -23.13 -6.65
C THR C 575 9.57 -24.49 -6.16
N SER C 576 8.95 -25.21 -7.08
CA SER C 576 8.56 -26.59 -6.85
C SER C 576 9.73 -27.54 -7.04
N CYS C 577 9.46 -28.82 -6.81
CA CYS C 577 10.46 -29.85 -7.05
C CYS C 577 10.89 -29.86 -8.51
N ASP C 578 9.94 -29.75 -9.41
CA ASP C 578 10.25 -29.74 -10.84
C ASP C 578 11.28 -28.68 -11.17
N PHE C 579 11.13 -27.49 -10.59
CA PHE C 579 12.08 -26.42 -10.84
C PHE C 579 13.50 -26.86 -10.49
N LEU C 580 13.64 -27.67 -9.44
CA LEU C 580 14.95 -28.07 -8.99
C LEU C 580 15.71 -28.79 -10.07
N PRO C 581 15.08 -29.66 -10.86
CA PRO C 581 15.81 -30.21 -12.02
C PRO C 581 16.41 -29.11 -12.87
N ARG C 582 15.79 -27.93 -12.89
CA ARG C 582 16.28 -26.85 -13.74
C ARG C 582 17.45 -26.12 -13.09
N PHE C 583 17.47 -26.09 -11.76
CA PHE C 583 18.56 -25.48 -11.01
C PHE C 583 19.75 -26.42 -10.81
N GLN C 584 19.63 -27.67 -11.22
CA GLN C 584 20.79 -28.56 -11.11
C GLN C 584 22.03 -27.93 -11.74
N CYS C 585 21.84 -27.06 -12.72
CA CYS C 585 22.98 -26.36 -13.30
C CYS C 585 23.64 -25.45 -12.28
N VAL C 586 22.85 -24.75 -11.48
CA VAL C 586 23.42 -23.97 -10.39
C VAL C 586 24.12 -24.91 -9.42
N PHE C 587 23.61 -26.13 -9.29
CA PHE C 587 24.33 -27.14 -8.52
C PHE C 587 25.72 -27.35 -9.09
N GLN C 588 25.84 -27.24 -10.42
CA GLN C 588 27.17 -27.31 -11.03
C GLN C 588 28.04 -26.14 -10.61
N VAL C 589 27.44 -24.97 -10.39
CA VAL C 589 28.22 -23.78 -10.05
C VAL C 589 28.68 -23.82 -8.60
N LEU C 590 27.90 -24.49 -7.76
CA LEU C 590 28.14 -24.44 -6.31
C LEU C 590 29.55 -24.88 -5.87
N PRO C 591 30.16 -25.90 -6.46
CA PRO C 591 31.41 -26.42 -5.87
C PRO C 591 32.44 -25.34 -5.63
N LYS C 592 32.59 -24.40 -6.55
CA LYS C 592 33.60 -23.39 -6.36
C LYS C 592 33.34 -22.61 -5.09
N CYS C 593 32.08 -22.36 -4.79
CA CYS C 593 31.75 -21.70 -3.54
C CYS C 593 32.09 -22.58 -2.37
N LEU C 594 32.02 -23.90 -2.57
CA LEU C 594 32.37 -24.79 -1.46
C LEU C 594 33.83 -24.66 -1.04
N SER C 595 34.68 -24.05 -1.87
CA SER C 595 36.11 -24.06 -1.62
C SER C 595 36.43 -23.43 -0.25
N PRO C 596 37.57 -23.82 0.32
CA PRO C 596 37.96 -23.20 1.60
C PRO C 596 38.17 -21.70 1.50
N GLU C 597 38.66 -21.23 0.36
CA GLU C 597 38.85 -19.80 0.20
C GLU C 597 37.50 -19.09 0.27
N THR C 598 36.44 -19.77 -0.12
CA THR C 598 35.13 -19.14 -0.13
C THR C 598 34.74 -18.69 1.27
N PRO C 599 34.21 -17.49 1.42
CA PRO C 599 33.82 -17.01 2.76
C PRO C 599 32.76 -17.90 3.41
N LEU C 600 32.63 -17.74 4.72
CA LEU C 600 31.65 -18.50 5.48
C LEU C 600 30.21 -18.15 5.12
N PRO C 601 29.85 -16.89 4.93
CA PRO C 601 28.42 -16.58 4.70
C PRO C 601 27.89 -17.17 3.42
N SER C 602 28.63 -16.97 2.34
CA SER C 602 28.19 -17.51 1.06
C SER C 602 28.01 -19.00 1.16
N VAL C 603 28.90 -19.68 1.86
CA VAL C 603 28.82 -21.13 1.93
C VAL C 603 27.67 -21.55 2.83
N LEU C 604 27.29 -20.69 3.79
CA LEU C 604 26.09 -20.98 4.58
C LEU C 604 24.86 -20.92 3.70
N LEU C 605 24.74 -19.85 2.92
CA LEU C 605 23.65 -19.77 1.97
C LEU C 605 23.69 -20.98 1.05
N ALA C 606 24.89 -21.43 0.72
CA ALA C 606 25.05 -22.54 -0.20
C ALA C 606 24.60 -23.85 0.43
N VAL C 607 24.88 -24.06 1.71
CA VAL C 607 24.42 -25.27 2.36
C VAL C 607 22.91 -25.32 2.36
N GLU C 608 22.28 -24.19 2.70
CA GLU C 608 20.83 -24.16 2.68
C GLU C 608 20.31 -24.46 1.28
N LEU C 609 20.97 -23.89 0.28
CA LEU C 609 20.55 -24.10 -1.10
C LEU C 609 20.71 -25.56 -1.50
N LEU C 610 21.84 -26.16 -1.13
CA LEU C 610 22.09 -27.54 -1.47
C LEU C 610 21.02 -28.42 -0.88
N SER C 611 20.57 -28.10 0.33
CA SER C 611 19.49 -28.89 0.91
C SER C 611 18.20 -28.71 0.14
N LEU C 612 17.83 -27.46 -0.15
CA LEU C 612 16.58 -27.23 -0.85
C LEU C 612 16.56 -27.98 -2.16
N LEU C 613 17.69 -28.01 -2.85
CA LEU C 613 17.82 -28.81 -4.06
C LEU C 613 17.68 -30.29 -3.74
N ALA C 614 18.32 -30.72 -2.67
CA ALA C 614 18.35 -32.13 -2.31
C ALA C 614 16.96 -32.67 -2.07
N ASP C 615 16.01 -31.79 -1.78
CA ASP C 615 14.63 -32.25 -1.69
C ASP C 615 14.21 -33.00 -2.96
N HIS C 616 14.63 -32.50 -4.12
CA HIS C 616 14.35 -33.19 -5.38
C HIS C 616 15.26 -34.41 -5.54
N ASP C 617 14.67 -35.50 -6.03
CA ASP C 617 15.44 -36.74 -6.13
C ASP C 617 16.64 -36.58 -7.04
N GLN C 618 16.45 -35.97 -8.21
CA GLN C 618 17.56 -35.84 -9.14
C GLN C 618 18.68 -35.01 -8.54
N LEU C 619 18.33 -33.89 -7.90
CA LEU C 619 19.35 -33.12 -7.20
C LEU C 619 19.98 -33.97 -6.10
N ALA C 620 19.20 -34.87 -5.50
CA ALA C 620 19.77 -35.75 -4.49
C ALA C 620 20.91 -36.56 -5.04
N PRO C 621 20.77 -37.28 -6.16
CA PRO C 621 21.96 -37.91 -6.75
C PRO C 621 23.04 -36.88 -7.01
N GLN C 622 22.65 -35.64 -7.33
CA GLN C 622 23.65 -34.59 -7.51
C GLN C 622 24.39 -34.33 -6.22
N LEU C 623 23.69 -34.40 -5.08
CA LEU C 623 24.30 -34.11 -3.75
C LEU C 623 25.71 -34.71 -3.79
N CYS C 624 25.85 -35.91 -4.35
CA CYS C 624 27.18 -36.53 -4.56
C CYS C 624 27.23 -36.99 -6.02
N SER C 625 27.37 -36.04 -6.95
CA SER C 625 27.43 -36.36 -8.39
C SER C 625 28.68 -37.23 -8.61
N HIS C 626 29.78 -36.91 -7.92
CA HIS C 626 31.06 -37.66 -8.06
C HIS C 626 31.25 -38.51 -6.79
N SER C 627 31.39 -39.82 -6.96
CA SER C 627 31.55 -40.75 -5.81
C SER C 627 32.85 -40.43 -5.08
N GLU C 628 33.92 -40.14 -5.81
CA GLU C 628 35.25 -39.91 -5.18
C GLU C 628 35.16 -38.70 -4.25
N GLY C 629 34.44 -37.65 -4.65
CA GLY C 629 34.38 -36.40 -3.85
C GLY C 629 33.00 -35.78 -3.88
N CYS C 630 32.23 -35.91 -2.78
CA CYS C 630 30.95 -35.24 -2.67
C CYS C 630 31.17 -33.75 -2.54
N LEU C 631 30.23 -32.98 -3.08
CA LEU C 631 30.13 -31.59 -2.64
C LEU C 631 29.99 -31.55 -1.11
N LEU C 632 29.32 -32.55 -0.55
CA LEU C 632 29.30 -32.70 0.90
C LEU C 632 30.70 -32.91 1.46
N LEU C 633 31.58 -33.53 0.68
CA LEU C 633 32.96 -33.69 1.16
C LEU C 633 33.60 -32.32 1.37
N LEU C 634 33.41 -31.44 0.40
CA LEU C 634 33.90 -30.08 0.54
C LEU C 634 33.23 -29.39 1.71
N LEU C 635 31.95 -29.66 1.93
CA LEU C 635 31.24 -29.00 3.01
C LEU C 635 31.80 -29.43 4.36
N TYR C 636 32.06 -30.72 4.51
CA TYR C 636 32.70 -31.20 5.75
C TYR C 636 34.05 -30.57 5.91
N MET C 637 34.77 -30.40 4.81
CA MET C 637 36.10 -29.82 4.91
C MET C 637 36.02 -28.36 5.36
N TYR C 638 35.03 -27.63 4.85
CA TYR C 638 34.84 -26.25 5.29
C TYR C 638 34.41 -26.20 6.75
N ILE C 639 33.63 -27.19 7.19
CA ILE C 639 33.18 -27.24 8.57
C ILE C 639 34.37 -27.47 9.51
N THR C 640 35.20 -28.46 9.19
CA THR C 640 36.36 -28.74 10.02
C THR C 640 37.40 -27.65 9.90
N SER C 641 37.69 -27.24 8.67
CA SER C 641 38.84 -26.38 8.43
C SER C 641 38.69 -25.06 9.17
N ARG C 642 37.46 -24.63 9.42
CA ARG C 642 37.18 -23.33 10.00
C ARG C 642 38.03 -22.28 9.27
N PRO C 643 38.08 -22.33 7.94
CA PRO C 643 39.08 -21.55 7.20
C PRO C 643 38.91 -20.05 7.36
N ASP C 644 37.68 -19.56 7.35
CA ASP C 644 37.43 -18.12 7.43
C ASP C 644 37.56 -17.70 8.88
N ARG C 645 38.69 -17.09 9.21
CA ARG C 645 38.90 -16.59 10.57
C ARG C 645 37.94 -15.45 10.87
N VAL C 646 37.68 -14.58 9.90
CA VAL C 646 36.88 -13.40 10.15
C VAL C 646 35.53 -13.77 10.75
N ALA C 647 34.99 -14.91 10.35
CA ALA C 647 33.68 -15.31 10.82
C ALA C 647 33.66 -15.42 12.33
N LEU C 648 32.59 -14.90 12.95
CA LEU C 648 32.42 -15.03 14.39
C LEU C 648 31.94 -16.43 14.74
N GLU C 649 32.19 -16.81 15.99
CA GLU C 649 31.86 -18.17 16.41
C GLU C 649 30.40 -18.48 16.20
N THR C 650 29.54 -17.49 16.43
CA THR C 650 28.10 -17.70 16.24
C THR C 650 27.80 -18.04 14.79
N GLN C 651 28.50 -17.39 13.85
CA GLN C 651 28.31 -17.73 12.45
C GLN C 651 28.72 -19.17 12.19
N TRP C 652 29.81 -19.62 12.82
CA TRP C 652 30.20 -21.01 12.68
C TRP C 652 29.10 -21.92 13.21
N LEU C 653 28.47 -21.51 14.31
CA LEU C 653 27.36 -22.29 14.85
C LEU C 653 26.23 -22.37 13.84
N GLN C 654 25.98 -21.26 13.14
CA GLN C 654 24.89 -21.21 12.18
C GLN C 654 25.18 -22.16 11.03
N LEU C 655 26.41 -22.14 10.52
CA LEU C 655 26.80 -23.08 9.49
C LEU C 655 26.67 -24.50 10.00
N GLU C 656 26.96 -24.70 11.29
CA GLU C 656 26.88 -26.03 11.86
C GLU C 656 25.45 -26.56 11.85
N GLN C 657 24.50 -25.77 12.32
CA GLN C 657 23.13 -26.26 12.35
C GLN C 657 22.60 -26.43 10.95
N GLU C 658 23.01 -25.55 10.03
CA GLU C 658 22.61 -25.72 8.64
C GLU C 658 23.09 -27.06 8.09
N VAL C 659 24.35 -27.42 8.36
CA VAL C 659 24.86 -28.68 7.84
C VAL C 659 24.20 -29.83 8.55
N VAL C 660 23.84 -29.65 9.82
CA VAL C 660 23.09 -30.68 10.52
C VAL C 660 21.78 -30.92 9.78
N TRP C 661 21.13 -29.83 9.39
CA TRP C 661 19.88 -29.94 8.66
C TRP C 661 20.08 -30.62 7.31
N LEU C 662 21.20 -30.31 6.64
CA LEU C 662 21.46 -30.93 5.35
C LEU C 662 21.73 -32.42 5.48
N LEU C 663 22.55 -32.80 6.46
CA LEU C 663 22.80 -34.21 6.72
C LEU C 663 21.52 -34.92 7.07
N ALA C 664 20.59 -34.22 7.74
CA ALA C 664 19.31 -34.83 8.06
C ALA C 664 18.46 -35.01 6.81
N LYS C 665 18.33 -33.96 6.00
CA LYS C 665 17.52 -34.05 4.80
C LYS C 665 18.01 -35.15 3.90
N LEU C 666 19.34 -35.26 3.73
CA LEU C 666 19.89 -36.42 3.05
C LEU C 666 19.58 -37.68 3.83
N GLY C 667 19.48 -37.58 5.15
CA GLY C 667 19.12 -38.73 5.96
C GLY C 667 17.82 -39.36 5.50
N VAL C 668 16.84 -38.54 5.19
CA VAL C 668 15.58 -39.03 4.64
C VAL C 668 15.65 -39.04 3.12
N GLN C 669 16.20 -40.11 2.57
CA GLN C 669 16.25 -40.25 1.13
C GLN C 669 14.85 -40.41 0.55
N SER C 670 13.94 -41.00 1.32
CA SER C 670 12.60 -41.28 0.85
C SER C 670 11.60 -41.29 2.00
N CYS C 680 31.59 -42.66 1.07
CA CYS C 680 32.66 -42.09 0.22
C CYS C 680 33.86 -41.64 1.03
N GLN C 681 34.84 -41.01 0.40
CA GLN C 681 35.92 -40.32 1.13
C GLN C 681 35.07 -39.30 1.87
N CYS C 682 34.00 -38.82 1.22
CA CYS C 682 33.03 -37.85 1.79
C CYS C 682 32.38 -38.46 3.06
N ASN C 683 32.05 -39.76 3.18
CA ASN C 683 31.35 -40.38 4.37
C ASN C 683 32.22 -40.47 5.65
N VAL C 684 33.36 -41.15 5.68
CA VAL C 684 34.35 -41.21 6.75
C VAL C 684 34.76 -39.81 7.17
N GLU C 685 34.97 -38.92 6.21
CA GLU C 685 35.25 -37.54 6.54
C GLU C 685 34.05 -36.90 7.23
N VAL C 686 32.86 -37.29 6.81
CA VAL C 686 31.65 -36.76 7.43
C VAL C 686 31.65 -37.07 8.92
N VAL C 687 32.01 -38.30 9.26
CA VAL C 687 31.97 -38.69 10.67
C VAL C 687 33.09 -37.99 11.43
N ARG C 688 34.26 -37.85 10.82
CA ARG C 688 35.34 -37.12 11.47
C ARG C 688 34.92 -35.69 11.76
N ALA C 689 34.27 -35.05 10.79
CA ALA C 689 33.85 -33.67 10.94
C ALA C 689 32.72 -33.56 11.96
N LEU C 690 31.80 -34.52 11.94
CA LEU C 690 30.71 -34.50 12.89
C LEU C 690 31.22 -34.64 14.31
N THR C 691 32.17 -35.54 14.52
CA THR C 691 32.69 -35.72 15.87
C THR C 691 33.43 -34.47 16.34
N VAL C 692 34.21 -33.84 15.46
CA VAL C 692 34.93 -32.65 15.89
C VAL C 692 33.97 -31.50 16.19
N MET C 693 32.93 -31.36 15.37
CA MET C 693 31.95 -30.30 15.61
C MET C 693 31.23 -30.54 16.92
N LEU C 694 30.78 -31.78 17.13
CA LEU C 694 30.13 -32.13 18.38
C LEU C 694 31.08 -31.89 19.53
N HIS C 695 32.37 -32.14 19.31
CA HIS C 695 33.36 -31.96 20.37
C HIS C 695 33.49 -30.50 20.74
N ARG C 696 33.59 -29.62 19.75
CA ARG C 696 33.73 -28.20 20.05
C ARG C 696 32.49 -27.68 20.77
N GLN C 697 31.32 -28.02 20.24
CA GLN C 697 30.10 -27.53 20.84
C GLN C 697 29.90 -28.09 22.24
N TRP C 698 30.14 -29.39 22.41
CA TRP C 698 29.94 -30.02 23.70
C TRP C 698 30.96 -29.52 24.71
N LEU C 699 32.16 -29.19 24.27
CA LEU C 699 33.12 -28.60 25.20
C LEU C 699 32.62 -27.26 25.68
N THR C 700 32.16 -26.44 24.74
CA THR C 700 31.60 -25.15 25.11
C THR C 700 30.47 -25.30 26.11
N VAL C 701 29.61 -26.29 25.91
CA VAL C 701 28.49 -26.49 26.82
C VAL C 701 29.00 -27.00 28.16
N ARG C 702 29.95 -27.93 28.13
CA ARG C 702 30.39 -28.61 29.34
C ARG C 702 31.03 -27.64 30.30
N ARG C 703 31.92 -26.78 29.80
CA ARG C 703 32.62 -25.87 30.70
C ARG C 703 31.62 -25.08 31.52
N ALA C 704 30.46 -24.79 30.96
CA ALA C 704 29.47 -23.93 31.59
C ALA C 704 28.50 -24.76 32.41
N GLY C 705 28.57 -24.59 33.73
CA GLY C 705 27.54 -25.16 34.58
C GLY C 705 26.20 -24.47 34.41
N GLY C 706 26.22 -23.17 34.10
CA GLY C 706 25.02 -22.40 33.96
C GLY C 706 24.18 -22.80 32.77
N PRO C 707 22.85 -22.68 32.90
CA PRO C 707 21.98 -23.08 31.80
C PRO C 707 22.15 -22.16 30.62
N PRO C 708 21.81 -22.64 29.41
CA PRO C 708 22.00 -21.79 28.20
C PRO C 708 20.94 -20.70 28.09
N ARG C 709 21.10 -19.66 28.91
CA ARG C 709 20.15 -18.57 28.90
C ARG C 709 20.17 -17.83 27.57
N THR C 710 21.37 -17.51 27.07
CA THR C 710 21.46 -16.76 25.83
C THR C 710 21.01 -17.59 24.65
N ASP C 711 20.51 -16.90 23.63
CA ASP C 711 19.93 -17.59 22.48
C ASP C 711 20.95 -18.49 21.81
N GLN C 712 22.19 -18.04 21.68
CA GLN C 712 23.15 -18.82 20.91
C GLN C 712 23.53 -20.10 21.65
N GLN C 713 23.62 -20.05 22.97
CA GLN C 713 23.79 -21.27 23.73
C GLN C 713 22.59 -22.20 23.57
N ARG C 714 21.40 -21.63 23.45
CA ARG C 714 20.22 -22.46 23.23
C ARG C 714 20.34 -23.18 21.89
N ARG C 715 20.73 -22.44 20.86
CA ARG C 715 21.01 -23.04 19.57
C ARG C 715 22.08 -24.11 19.73
N THR C 716 23.00 -23.88 20.65
CA THR C 716 24.10 -24.81 20.85
C THR C 716 23.62 -26.13 21.42
N VAL C 717 22.77 -26.06 22.45
CA VAL C 717 22.21 -27.27 23.02
C VAL C 717 21.39 -28.01 21.98
N ARG C 718 20.66 -27.25 21.17
CA ARG C 718 19.83 -27.88 20.13
C ARG C 718 20.70 -28.60 19.12
N CYS C 719 21.77 -27.94 18.65
CA CYS C 719 22.64 -28.58 17.68
C CYS C 719 23.36 -29.76 18.31
N LEU C 720 23.63 -29.69 19.61
CA LEU C 720 24.19 -30.86 20.26
C LEU C 720 23.23 -32.03 20.17
N ARG C 721 21.95 -31.77 20.45
CA ARG C 721 20.96 -32.83 20.33
C ARG C 721 20.91 -33.39 18.91
N ASP C 722 20.80 -32.52 17.92
CA ASP C 722 20.54 -33.02 16.57
C ASP C 722 21.77 -33.71 16.00
N THR C 723 22.96 -33.16 16.26
CA THR C 723 24.19 -33.84 15.85
C THR C 723 24.28 -35.19 16.52
N VAL C 724 23.80 -35.28 17.77
CA VAL C 724 23.71 -36.57 18.42
C VAL C 724 22.86 -37.52 17.58
N LEU C 725 21.74 -37.02 17.08
CA LEU C 725 20.86 -37.88 16.29
C LEU C 725 21.53 -38.31 15.00
N LEU C 726 22.19 -37.37 14.32
CA LEU C 726 22.88 -37.72 13.08
C LEU C 726 23.94 -38.78 13.34
N LEU C 727 24.66 -38.66 14.46
CA LEU C 727 25.67 -39.66 14.79
C LEU C 727 25.01 -41.01 15.04
N HIS C 728 23.88 -41.01 15.75
CA HIS C 728 23.20 -42.26 16.04
C HIS C 728 22.74 -42.93 14.75
N GLY C 729 22.25 -42.14 13.81
CA GLY C 729 21.83 -42.70 12.54
C GLY C 729 22.99 -43.25 11.74
N LEU C 730 24.09 -42.50 11.68
CA LEU C 730 25.27 -43.00 10.98
C LEU C 730 25.76 -44.29 11.61
N SER C 731 25.64 -44.37 12.93
CA SER C 731 26.07 -45.58 13.63
C SER C 731 25.17 -46.76 13.28
N GLN C 732 23.86 -46.56 13.35
CA GLN C 732 22.94 -47.65 13.08
C GLN C 732 23.07 -48.13 11.65
N LYS C 733 23.23 -47.19 10.70
CA LYS C 733 23.29 -47.59 9.29
C LYS C 733 24.45 -48.56 9.06
N ASP C 734 25.58 -48.36 9.73
CA ASP C 734 26.76 -49.15 9.40
C ASP C 734 27.76 -49.12 10.55
N LYS C 735 28.75 -50.01 10.47
CA LYS C 735 29.92 -49.96 11.36
C LYS C 735 31.08 -49.15 10.79
N LEU C 736 31.01 -48.75 9.51
CA LEU C 736 32.12 -48.03 8.90
C LEU C 736 32.46 -46.78 9.67
N PHE C 737 31.46 -46.20 10.35
CA PHE C 737 31.72 -44.97 11.11
C PHE C 737 32.79 -45.20 12.17
N MET C 738 32.77 -46.37 12.82
CA MET C 738 33.68 -46.61 13.92
C MET C 738 35.12 -46.62 13.43
N MET C 739 35.38 -47.32 12.32
CA MET C 739 36.71 -47.28 11.74
C MET C 739 37.06 -45.87 11.30
N HIS C 740 36.14 -45.22 10.58
CA HIS C 740 36.32 -43.82 10.25
C HIS C 740 36.43 -42.98 11.52
N CYS C 741 35.75 -43.40 12.58
CA CYS C 741 35.86 -42.69 13.85
C CYS C 741 37.24 -42.86 14.47
N VAL C 742 37.96 -43.89 14.07
CA VAL C 742 39.19 -44.29 14.78
C VAL C 742 40.16 -43.12 14.90
N GLU C 743 40.40 -42.41 13.80
CA GLU C 743 41.48 -41.42 13.83
C GLU C 743 41.18 -40.30 14.80
N VAL C 744 39.91 -39.90 14.92
CA VAL C 744 39.48 -38.96 15.95
C VAL C 744 38.70 -39.67 17.04
N LEU C 745 38.84 -41.00 17.16
CA LEU C 745 38.02 -41.78 18.08
C LEU C 745 38.13 -41.26 19.50
N HIS C 746 39.31 -40.79 19.91
CA HIS C 746 39.49 -40.35 21.29
C HIS C 746 38.68 -39.09 21.56
N GLN C 747 38.82 -38.10 20.69
CA GLN C 747 38.03 -36.88 20.85
C GLN C 747 36.54 -37.22 20.83
N PHE C 748 36.16 -38.18 20.00
CA PHE C 748 34.76 -38.54 19.92
C PHE C 748 34.25 -39.14 21.21
N ASP C 749 34.96 -40.14 21.73
CA ASP C 749 34.50 -40.81 22.94
C ASP C 749 34.61 -39.90 24.13
N GLN C 750 35.46 -38.88 24.04
CA GLN C 750 35.49 -37.88 25.10
C GLN C 750 34.26 -36.97 25.03
N VAL C 751 33.94 -36.48 23.84
CA VAL C 751 32.87 -35.50 23.71
C VAL C 751 31.52 -36.16 23.95
N MET C 752 31.34 -37.36 23.42
CA MET C 752 30.01 -37.95 23.37
C MET C 752 29.41 -38.17 24.74
N PRO C 753 30.14 -38.70 25.72
CA PRO C 753 29.54 -38.86 27.06
C PRO C 753 29.10 -37.53 27.64
N GLY C 754 29.88 -36.47 27.41
CA GLY C 754 29.57 -35.21 28.03
C GLY C 754 28.32 -34.57 27.45
N VAL C 755 28.24 -34.51 26.13
CA VAL C 755 27.01 -34.06 25.49
C VAL C 755 25.87 -34.97 25.90
N SER C 756 26.15 -36.26 26.08
CA SER C 756 25.11 -37.21 26.45
C SER C 756 24.51 -36.87 27.80
N MET C 757 25.36 -36.55 28.77
CA MET C 757 24.85 -36.21 30.09
C MET C 757 24.16 -34.86 30.07
N LEU C 758 24.71 -33.89 29.34
CA LEU C 758 24.03 -32.61 29.22
C LEU C 758 22.65 -32.79 28.63
N ILE C 759 22.51 -33.71 27.69
CA ILE C 759 21.22 -34.07 27.14
C ILE C 759 20.36 -34.73 28.20
N ARG C 760 20.94 -35.69 28.91
CA ARG C 760 20.25 -36.38 29.98
C ARG C 760 19.63 -35.41 30.94
N GLY C 761 20.30 -34.29 31.18
CA GLY C 761 19.77 -33.24 32.02
C GLY C 761 18.90 -32.28 31.25
N LEU C 762 17.86 -32.80 30.59
CA LEU C 762 16.97 -31.97 29.81
C LEU C 762 15.53 -32.43 29.94
N PRO C 763 14.57 -31.51 30.07
CA PRO C 763 13.16 -31.91 29.95
C PRO C 763 12.76 -32.23 28.53
N ASP C 764 13.30 -31.48 27.56
CA ASP C 764 12.86 -31.59 26.17
C ASP C 764 13.23 -32.90 25.52
N VAL C 765 14.05 -33.73 26.18
CA VAL C 765 14.64 -34.88 25.53
C VAL C 765 13.57 -35.70 24.80
N THR C 766 13.89 -36.09 23.57
CA THR C 766 13.13 -37.14 22.93
C THR C 766 13.53 -38.49 23.48
N ASP C 767 12.56 -39.40 23.50
CA ASP C 767 12.94 -40.81 23.61
C ASP C 767 13.89 -41.16 22.49
N CYS C 768 13.68 -40.58 21.32
CA CYS C 768 14.54 -40.85 20.18
C CYS C 768 15.98 -40.43 20.45
N GLU C 769 16.18 -39.23 21.00
CA GLU C 769 17.53 -38.72 21.17
C GLU C 769 18.22 -39.43 22.31
N GLU C 770 17.49 -39.72 23.37
CA GLU C 770 18.07 -40.51 24.46
C GLU C 770 18.48 -41.87 23.94
N ALA C 771 17.65 -42.49 23.11
CA ALA C 771 18.00 -43.78 22.54
C ALA C 771 19.20 -43.66 21.61
N ALA C 772 19.28 -42.54 20.89
CA ALA C 772 20.40 -42.31 20.00
C ALA C 772 21.70 -42.28 20.79
N LEU C 773 21.69 -41.63 21.94
CA LEU C 773 22.85 -41.71 22.83
C LEU C 773 23.05 -43.14 23.30
N ASP C 774 21.98 -43.79 23.75
CA ASP C 774 22.09 -45.12 24.34
C ASP C 774 22.81 -46.07 23.40
N ASP C 775 22.56 -45.94 22.10
CA ASP C 775 23.21 -46.80 21.13
C ASP C 775 24.71 -46.66 21.25
N LEU C 776 25.19 -45.42 21.22
CA LEU C 776 26.58 -45.08 21.47
C LEU C 776 26.70 -44.69 22.95
N CYS C 777 27.68 -43.89 23.35
CA CYS C 777 27.87 -43.48 24.74
C CYS C 777 28.38 -44.66 25.55
N ALA C 778 29.30 -45.41 24.96
CA ALA C 778 30.00 -46.48 25.66
C ALA C 778 31.50 -46.20 25.51
N ALA C 779 31.98 -45.32 26.38
CA ALA C 779 33.39 -44.94 26.45
C ALA C 779 33.88 -45.20 27.87
N GLU C 780 34.81 -46.15 28.01
CA GLU C 780 35.38 -46.42 29.33
C GLU C 780 36.08 -45.18 29.89
N THR C 781 36.73 -44.39 29.04
CA THR C 781 37.50 -43.21 29.46
C THR C 781 38.63 -43.58 30.41
N ASP C 782 39.09 -44.83 30.37
CA ASP C 782 40.23 -45.25 31.17
C ASP C 782 41.03 -46.26 30.38
N VAL C 783 42.17 -45.82 29.82
CA VAL C 783 43.03 -46.79 29.15
C VAL C 783 43.62 -47.78 30.17
N GLU C 784 43.80 -47.34 31.41
CA GLU C 784 44.13 -48.20 32.57
C GLU C 784 45.63 -48.44 32.76
N ASP C 785 46.50 -47.52 32.36
CA ASP C 785 47.94 -47.73 32.52
C ASP C 785 48.32 -47.83 34.00
N PRO C 786 49.57 -48.22 34.29
CA PRO C 786 50.05 -48.14 35.67
C PRO C 786 49.98 -46.72 36.21
N GLU C 787 49.66 -46.62 37.50
CA GLU C 787 49.54 -45.30 38.12
C GLU C 787 50.89 -44.63 38.31
N VAL C 788 51.93 -45.42 38.59
CA VAL C 788 53.23 -44.83 38.89
C VAL C 788 53.70 -44.01 37.68
N GLU C 789 54.30 -42.87 37.96
CA GLU C 789 54.93 -41.97 36.98
C GLU C 789 53.92 -41.22 36.11
N CYS C 790 52.65 -41.14 36.52
CA CYS C 790 51.68 -40.23 35.91
C CYS C 790 51.11 -39.33 37.00
N GLY C 791 51.16 -38.03 36.79
CA GLY C 791 50.67 -37.10 37.78
C GLY C 791 50.84 -35.63 37.44
N TRP D 301 -14.92 1.12 6.16
CA TRP D 301 -14.64 2.17 5.19
C TRP D 301 -13.15 2.22 4.86
N ARG D 302 -12.36 1.42 5.58
CA ARG D 302 -10.91 1.45 5.40
C ARG D 302 -10.51 0.95 4.02
N GLN D 303 -11.18 -0.09 3.52
CA GLN D 303 -10.76 -0.70 2.26
C GLN D 303 -10.81 0.29 1.11
N ARG D 304 -11.94 1.00 0.97
CA ARG D 304 -11.98 2.08 -0.01
C ARG D 304 -10.93 3.14 0.34
N SER D 305 -10.77 3.39 1.63
CA SER D 305 -9.70 4.26 2.09
C SER D 305 -8.33 3.70 1.75
N ASN D 306 -8.17 2.38 1.85
CA ASN D 306 -6.90 1.77 1.47
C ASN D 306 -6.62 1.97 -0.01
N THR D 307 -7.65 1.85 -0.83
CA THR D 307 -7.49 2.17 -2.25
C THR D 307 -7.04 3.61 -2.43
N GLN D 308 -7.64 4.53 -1.68
CA GLN D 308 -7.21 5.93 -1.76
C GLN D 308 -5.74 6.07 -1.39
N GLY D 309 -5.31 5.35 -0.36
CA GLY D 309 -3.92 5.46 0.06
C GLY D 309 -2.97 4.91 -0.98
N SER D 310 -3.32 3.76 -1.56
CA SER D 310 -2.53 3.23 -2.66
C SER D 310 -2.48 4.23 -3.80
N ILE D 311 -3.57 4.96 -4.02
CA ILE D 311 -3.59 5.99 -5.05
C ILE D 311 -2.58 7.08 -4.72
N LEU D 312 -2.51 7.47 -3.44
CA LEU D 312 -1.51 8.44 -3.05
C LEU D 312 -0.11 7.92 -3.34
N ILE D 313 0.10 6.64 -3.06
CA ILE D 313 1.41 6.04 -3.32
C ILE D 313 1.71 6.08 -4.81
N ASN D 314 0.69 5.85 -5.63
CA ASN D 314 0.89 5.82 -7.07
C ASN D 314 1.22 7.21 -7.59
N LEU D 315 0.49 8.22 -7.14
CA LEU D 315 0.85 9.58 -7.52
C LEU D 315 2.29 9.88 -7.14
N LEU D 316 2.69 9.46 -5.94
CA LEU D 316 4.08 9.60 -5.57
C LEU D 316 4.97 8.82 -6.54
N LEU D 317 4.42 7.81 -7.19
CA LEU D 317 5.23 6.88 -7.97
C LEU D 317 5.54 7.40 -9.37
N LYS D 318 4.59 8.08 -10.01
CA LYS D 318 4.58 8.18 -11.47
C LYS D 318 5.95 8.58 -12.01
N GLN D 319 6.25 8.05 -13.19
CA GLN D 319 7.58 8.27 -13.77
C GLN D 319 7.86 9.74 -14.06
N PRO D 320 7.14 10.40 -14.95
CA PRO D 320 7.23 11.86 -14.97
C PRO D 320 6.16 12.48 -14.08
N LEU D 321 6.56 13.27 -13.10
CA LEU D 321 5.59 13.96 -12.26
C LEU D 321 4.94 15.09 -13.03
N ILE D 322 5.74 15.85 -13.76
CA ILE D 322 5.26 16.88 -14.67
C ILE D 322 5.72 16.49 -16.06
N PRO D 323 4.85 16.47 -17.07
CA PRO D 323 5.26 15.93 -18.37
C PRO D 323 6.40 16.73 -18.96
N GLY D 324 7.33 16.02 -19.59
CA GLY D 324 8.53 16.63 -20.09
C GLY D 324 9.55 16.96 -19.04
N SER D 325 9.31 16.59 -17.79
CA SER D 325 10.17 16.92 -16.67
C SER D 325 11.00 15.69 -16.34
N SER D 326 12.32 15.85 -16.41
CA SER D 326 13.22 14.72 -16.21
C SER D 326 13.09 14.14 -14.81
N LEU D 327 13.09 15.00 -13.80
CA LEU D 327 13.16 14.52 -12.43
C LEU D 327 11.90 13.75 -12.07
N SER D 328 12.07 12.69 -11.29
CA SER D 328 10.99 11.86 -10.81
C SER D 328 11.10 11.70 -9.29
N LEU D 329 10.00 11.26 -8.68
CA LEU D 329 9.96 11.26 -7.23
C LEU D 329 11.13 10.49 -6.65
N CYS D 330 11.39 9.29 -7.15
CA CYS D 330 12.53 8.55 -6.65
C CYS D 330 13.82 9.30 -6.90
N HIS D 331 13.86 10.07 -7.98
CA HIS D 331 15.04 10.84 -8.27
C HIS D 331 15.29 11.84 -7.15
N LEU D 332 14.23 12.44 -6.64
CA LEU D 332 14.36 13.35 -5.52
C LEU D 332 14.77 12.62 -4.26
N LEU D 333 14.09 11.50 -3.97
CA LEU D 333 14.31 10.84 -2.70
C LEU D 333 15.75 10.38 -2.57
N SER D 334 16.34 9.94 -3.67
CA SER D 334 17.75 9.60 -3.73
C SER D 334 18.35 10.36 -4.90
N SER D 335 19.31 11.22 -4.61
CA SER D 335 19.71 12.23 -5.56
C SER D 335 21.22 12.38 -5.59
N SER D 336 21.71 12.81 -6.76
CA SER D 336 23.11 13.19 -6.88
C SER D 336 23.44 14.42 -6.05
N SER D 337 22.49 15.35 -5.96
CA SER D 337 22.62 16.61 -5.23
C SER D 337 23.47 17.63 -5.97
N GLU D 338 23.63 17.48 -7.28
CA GLU D 338 24.46 18.40 -8.03
C GLU D 338 23.96 19.83 -7.87
N SER D 339 24.90 20.76 -7.74
CA SER D 339 24.57 22.15 -7.49
C SER D 339 25.75 23.06 -7.79
N TYR D 366 18.38 26.05 -0.33
CA TYR D 366 19.59 26.79 0.02
C TYR D 366 20.69 25.85 0.52
N ASP D 367 21.83 25.89 -0.18
CA ASP D 367 22.96 25.03 0.17
C ASP D 367 23.55 25.44 1.52
N GLY D 368 23.67 26.74 1.76
CA GLY D 368 24.10 27.20 3.08
C GLY D 368 23.11 26.83 4.16
N SER D 369 21.82 26.96 3.87
CA SER D 369 20.80 26.50 4.80
C SER D 369 20.83 24.99 4.92
N PHE D 370 21.05 24.29 3.82
CA PHE D 370 20.83 22.85 3.74
C PHE D 370 22.13 22.13 3.44
N SER D 371 22.52 21.24 4.34
CA SER D 371 23.64 20.35 4.10
C SER D 371 23.22 19.17 3.24
N LEU D 372 24.17 18.67 2.46
CA LEU D 372 23.92 17.45 1.71
C LEU D 372 23.54 16.33 2.65
N SER D 373 24.15 16.32 3.82
CA SER D 373 23.70 15.42 4.88
C SER D 373 22.30 15.79 5.36
N ALA D 374 21.99 17.09 5.38
CA ALA D 374 20.63 17.49 5.73
C ALA D 374 19.65 16.98 4.69
N LEU D 375 20.02 17.11 3.41
CA LEU D 375 19.24 16.50 2.35
C LEU D 375 19.13 15.00 2.57
N ARG D 376 20.20 14.36 3.02
CA ARG D 376 20.19 12.91 3.19
C ARG D 376 19.23 12.48 4.30
N GLU D 377 19.27 13.18 5.43
CA GLU D 377 18.39 12.80 6.53
C GLU D 377 16.94 13.06 6.14
N ALA D 378 16.67 14.19 5.49
CA ALA D 378 15.31 14.41 5.03
C ALA D 378 14.90 13.34 4.03
N GLN D 379 15.86 12.88 3.21
CA GLN D 379 15.59 11.82 2.26
C GLN D 379 15.16 10.55 2.97
N ASN D 380 15.83 10.24 4.08
CA ASN D 380 15.44 9.06 4.85
C ASN D 380 14.06 9.23 5.46
N LEU D 381 13.78 10.42 5.98
CA LEU D 381 12.44 10.67 6.51
C LEU D 381 11.41 10.44 5.41
N ALA D 382 11.74 10.87 4.20
CA ALA D 382 10.82 10.70 3.08
C ALA D 382 10.63 9.23 2.74
N PHE D 383 11.71 8.44 2.78
CA PHE D 383 11.57 7.03 2.48
C PHE D 383 10.64 6.36 3.46
N THR D 384 10.88 6.60 4.75
CA THR D 384 10.00 6.04 5.76
C THR D 384 8.57 6.49 5.53
N GLY D 385 8.41 7.75 5.12
CA GLY D 385 7.07 8.26 4.89
C GLY D 385 6.39 7.59 3.72
N LEU D 386 7.14 7.33 2.65
CA LEU D 386 6.54 6.70 1.48
C LEU D 386 6.08 5.30 1.83
N ASN D 387 6.91 4.55 2.55
CA ASN D 387 6.51 3.22 2.96
C ASN D 387 5.29 3.28 3.88
N LEU D 388 5.25 4.27 4.76
CA LEU D 388 4.12 4.41 5.67
C LEU D 388 2.85 4.72 4.90
N VAL D 389 2.92 5.67 3.98
CA VAL D 389 1.75 6.06 3.22
C VAL D 389 1.21 4.88 2.44
N ALA D 390 2.12 4.10 1.85
CA ALA D 390 1.69 2.89 1.17
C ALA D 390 0.97 1.94 2.13
N ARG D 391 1.54 1.74 3.32
CA ARG D 391 0.93 0.81 4.25
C ARG D 391 -0.42 1.32 4.75
N ASN D 392 -0.57 2.64 4.81
CA ASN D 392 -1.68 3.23 5.56
C ASN D 392 -3.00 3.10 4.83
N GLU D 393 -4.08 3.12 5.62
CA GLU D 393 -5.44 3.23 5.12
C GLU D 393 -5.97 4.61 5.47
N CYS D 394 -6.71 5.22 4.54
CA CYS D 394 -7.21 6.57 4.75
C CYS D 394 -8.27 6.60 5.84
N SER D 395 -8.24 7.65 6.65
CA SER D 395 -9.30 7.85 7.65
C SER D 395 -10.60 8.31 6.99
N ARG D 396 -10.51 9.24 6.05
CA ARG D 396 -11.69 9.74 5.35
C ARG D 396 -12.73 10.26 6.34
N GLU D 402 -16.38 16.81 10.55
CA GLU D 402 -15.25 17.26 9.74
C GLU D 402 -15.72 17.74 8.35
N GLY D 403 -17.02 17.58 8.07
CA GLY D 403 -17.51 17.95 6.75
C GLY D 403 -17.26 19.40 6.42
N GLY D 404 -17.51 20.29 7.39
CA GLY D 404 -17.16 21.69 7.20
C GLY D 404 -15.66 21.88 7.07
N ARG D 405 -14.89 21.13 7.85
CA ARG D 405 -13.44 21.27 7.82
C ARG D 405 -12.88 20.87 6.46
N ARG D 406 -13.43 19.81 5.88
CA ARG D 406 -12.95 19.29 4.59
C ARG D 406 -14.11 19.31 3.61
N ALA D 407 -13.91 20.01 2.50
CA ALA D 407 -14.93 20.06 1.47
C ALA D 407 -15.26 18.66 0.99
N PHE D 408 -14.25 17.84 0.78
CA PHE D 408 -14.38 16.46 0.41
C PHE D 408 -13.56 15.63 1.37
N PRO D 409 -14.08 14.48 1.81
CA PRO D 409 -13.36 13.70 2.81
C PRO D 409 -11.96 13.36 2.32
N LEU D 410 -10.98 13.54 3.21
CA LEU D 410 -9.59 13.31 2.89
C LEU D 410 -9.03 12.28 3.86
N CYS D 411 -7.94 11.63 3.45
CA CYS D 411 -7.37 10.57 4.25
C CYS D 411 -6.86 11.07 5.59
N GLN D 412 -6.21 12.24 5.59
CA GLN D 412 -5.37 12.64 6.71
C GLN D 412 -4.24 11.64 6.87
N LEU D 413 -3.67 11.24 5.73
CA LEU D 413 -2.66 10.18 5.74
C LEU D 413 -1.38 10.68 6.41
N PRO D 414 -0.85 9.93 7.38
CA PRO D 414 0.35 10.41 8.09
C PRO D 414 1.58 10.54 7.20
N GLY D 415 1.84 9.55 6.36
CA GLY D 415 3.10 9.52 5.63
C GLY D 415 3.39 10.82 4.92
N ALA D 416 2.34 11.53 4.53
CA ALA D 416 2.53 12.77 3.80
C ALA D 416 3.41 13.73 4.59
N VAL D 417 3.21 13.77 5.90
CA VAL D 417 3.92 14.74 6.71
C VAL D 417 5.40 14.39 6.76
N HIS D 418 5.72 13.10 6.86
CA HIS D 418 7.11 12.69 6.75
C HIS D 418 7.67 13.06 5.40
N PHE D 419 6.79 13.13 4.38
CA PHE D 419 7.26 13.48 3.05
C PHE D 419 7.59 14.97 2.96
N LEU D 420 6.84 15.80 3.67
CA LEU D 420 6.90 17.24 3.44
C LEU D 420 8.31 17.83 3.53
N PRO D 421 9.17 17.39 4.44
CA PRO D 421 10.46 18.09 4.61
C PRO D 421 11.41 17.95 3.43
N LEU D 422 11.38 16.81 2.75
CA LEU D 422 12.26 16.67 1.59
C LEU D 422 11.95 17.73 0.56
N VAL D 423 10.69 17.81 0.17
CA VAL D 423 10.24 18.84 -0.74
C VAL D 423 10.54 20.21 -0.15
N GLN D 424 10.58 20.29 1.18
CA GLN D 424 10.93 21.56 1.80
C GLN D 424 12.36 21.96 1.45
N PHE D 425 13.28 21.01 1.60
CA PHE D 425 14.67 21.31 1.28
C PHE D 425 14.81 21.62 -0.20
N PHE D 426 14.11 20.88 -1.04
CA PHE D 426 14.18 21.14 -2.47
C PHE D 426 13.65 22.54 -2.79
N ILE D 427 12.51 22.91 -2.22
CA ILE D 427 11.89 24.18 -2.54
C ILE D 427 12.77 25.32 -2.06
N GLY D 428 13.35 25.17 -0.87
CA GLY D 428 14.37 26.12 -0.46
C GLY D 428 15.49 26.17 -1.47
N LEU D 429 15.77 25.05 -2.11
CA LEU D 429 16.60 25.08 -3.29
C LEU D 429 15.84 25.83 -4.37
N HIS D 430 16.53 26.77 -5.00
CA HIS D 430 15.98 27.74 -5.94
C HIS D 430 15.25 28.86 -5.20
N CYS D 431 14.94 28.69 -3.93
CA CYS D 431 14.58 29.85 -3.12
C CYS D 431 15.84 30.65 -2.81
N GLN D 432 16.90 29.93 -2.50
CA GLN D 432 18.20 30.57 -2.37
C GLN D 432 18.58 31.23 -3.68
N ALA D 433 18.26 30.61 -4.79
CA ALA D 433 18.58 31.20 -6.08
C ALA D 433 17.77 32.47 -6.31
N LEU D 434 16.52 32.50 -5.84
CA LEU D 434 15.78 33.75 -5.89
C LEU D 434 16.49 34.81 -5.07
N GLN D 435 16.95 34.45 -3.88
CA GLN D 435 17.72 35.38 -3.08
C GLN D 435 18.95 35.88 -3.84
N ASP D 436 19.61 34.98 -4.56
CA ASP D 436 20.82 35.36 -5.29
C ASP D 436 20.50 36.30 -6.43
N LEU D 437 19.56 35.91 -7.29
CA LEU D 437 19.10 36.81 -8.34
C LEU D 437 18.75 38.16 -7.75
N ALA D 438 18.33 38.17 -6.48
CA ALA D 438 18.23 39.43 -5.76
C ALA D 438 19.60 40.07 -5.60
N ALA D 439 20.59 39.29 -5.17
CA ALA D 439 21.91 39.85 -4.91
C ALA D 439 22.49 40.47 -6.18
N ALA D 440 22.30 39.80 -7.32
CA ALA D 440 22.73 40.38 -8.58
C ALA D 440 22.00 41.69 -8.85
N LYS D 441 20.78 41.80 -8.35
CA LYS D 441 19.99 43.01 -8.51
C LYS D 441 20.43 44.08 -7.52
N PRO D 464 25.49 29.71 -9.89
CA PRO D 464 25.29 30.31 -11.21
C PRO D 464 23.87 30.15 -11.72
N GLU D 465 23.52 30.87 -12.79
CA GLU D 465 22.16 30.83 -13.30
C GLU D 465 21.77 29.43 -13.76
N ASP D 466 22.71 28.72 -14.39
CA ASP D 466 22.43 27.35 -14.81
C ASP D 466 22.21 26.45 -13.60
N SER D 467 22.96 26.68 -12.53
CA SER D 467 22.65 26.03 -11.26
C SER D 467 21.24 26.40 -10.82
N VAL D 468 20.84 27.65 -11.07
CA VAL D 468 19.47 28.05 -10.80
C VAL D 468 18.51 27.16 -11.57
N CYS D 469 18.82 26.89 -12.84
CA CYS D 469 17.96 26.07 -13.67
C CYS D 469 17.87 24.65 -13.12
N ILE D 470 18.99 24.10 -12.67
CA ILE D 470 19.00 22.74 -12.16
C ILE D 470 18.17 22.64 -10.89
N LEU D 471 18.46 23.51 -9.93
CA LEU D 471 17.66 23.56 -8.72
C LEU D 471 16.20 23.75 -9.09
N GLU D 472 15.95 24.46 -10.18
CA GLU D 472 14.58 24.74 -10.56
C GLU D 472 13.88 23.51 -11.08
N GLY D 473 14.58 22.69 -11.85
CA GLY D 473 13.99 21.44 -12.29
C GLY D 473 13.64 20.57 -11.11
N PHE D 474 14.60 20.39 -10.21
CA PHE D 474 14.34 19.58 -9.03
C PHE D 474 13.19 20.17 -8.23
N SER D 475 13.15 21.49 -8.10
CA SER D 475 12.17 22.14 -7.26
C SER D 475 10.78 22.08 -7.86
N VAL D 476 10.67 22.22 -9.18
CA VAL D 476 9.36 22.13 -9.82
C VAL D 476 8.82 20.73 -9.66
N THR D 477 9.68 19.73 -9.85
CA THR D 477 9.24 18.36 -9.59
C THR D 477 8.76 18.23 -8.16
N ALA D 478 9.53 18.76 -7.21
CA ALA D 478 9.17 18.63 -5.82
C ALA D 478 7.84 19.31 -5.52
N LEU D 479 7.63 20.50 -6.09
CA LEU D 479 6.40 21.22 -5.83
C LEU D 479 5.22 20.46 -6.39
N SER D 480 5.42 19.79 -7.53
CA SER D 480 4.39 18.91 -8.05
C SER D 480 4.09 17.79 -7.06
N ILE D 481 5.14 17.28 -6.43
CA ILE D 481 4.90 16.23 -5.43
C ILE D 481 4.11 16.81 -4.27
N LEU D 482 4.41 18.04 -3.89
CA LEU D 482 3.64 18.70 -2.84
C LEU D 482 2.20 18.82 -3.28
N GLN D 483 1.98 19.01 -4.58
CA GLN D 483 0.63 19.12 -5.11
C GLN D 483 -0.10 17.79 -4.97
N HIS D 484 0.54 16.70 -5.37
CA HIS D 484 -0.11 15.41 -5.25
C HIS D 484 -0.38 15.09 -3.79
N LEU D 485 0.54 15.45 -2.91
CA LEU D 485 0.41 15.12 -1.50
C LEU D 485 -0.71 15.90 -0.85
N VAL D 486 -0.79 17.20 -1.16
CA VAL D 486 -1.80 18.04 -0.51
C VAL D 486 -3.19 17.56 -0.89
N CYS D 487 -3.36 17.08 -2.11
CA CYS D 487 -4.70 16.81 -2.60
C CYS D 487 -5.28 15.56 -1.95
N HIS D 488 -4.52 14.48 -1.93
CA HIS D 488 -5.08 13.17 -1.66
C HIS D 488 -4.84 12.68 -0.24
N SER D 489 -4.04 13.40 0.54
CA SER D 489 -3.80 13.02 1.93
C SER D 489 -4.44 14.01 2.88
N GLY D 490 -4.21 15.30 2.67
CA GLY D 490 -4.83 16.33 3.47
C GLY D 490 -4.20 16.55 4.82
N ALA D 491 -3.39 15.61 5.30
CA ALA D 491 -2.63 15.86 6.51
C ALA D 491 -1.60 16.95 6.27
N VAL D 492 -0.96 16.93 5.11
CA VAL D 492 -0.16 18.08 4.71
C VAL D 492 -1.02 19.32 4.67
N VAL D 493 -2.28 19.16 4.25
CA VAL D 493 -3.19 20.30 4.20
C VAL D 493 -3.42 20.84 5.60
N SER D 494 -3.75 19.98 6.55
CA SER D 494 -3.99 20.45 7.91
C SER D 494 -2.74 21.09 8.48
N LEU D 495 -1.59 20.44 8.31
CA LEU D 495 -0.36 21.00 8.84
C LEU D 495 -0.11 22.38 8.30
N LEU D 496 -0.18 22.54 6.97
CA LEU D 496 0.08 23.85 6.39
C LEU D 496 -0.92 24.88 6.86
N LEU D 497 -2.20 24.49 6.95
CA LEU D 497 -3.21 25.39 7.49
C LEU D 497 -2.86 25.75 8.92
N SER D 498 -2.20 24.85 9.63
CA SER D 498 -1.72 25.17 10.96
C SER D 498 -0.72 26.32 10.89
N GLY D 499 -0.86 27.24 11.84
CA GLY D 499 0.00 28.41 11.90
C GLY D 499 0.97 28.30 13.08
N VAL D 500 2.23 28.64 12.82
CA VAL D 500 3.21 28.71 13.89
C VAL D 500 2.78 29.75 14.91
N GLY D 501 2.08 30.79 14.47
CA GLY D 501 1.53 31.79 15.35
C GLY D 501 0.30 32.45 14.75
N GLY D 534 2.48 33.57 12.65
CA GLY D 534 3.36 32.54 12.13
C GLY D 534 2.67 31.61 11.16
N GLN D 535 3.41 31.16 10.16
CA GLN D 535 2.88 30.22 9.19
C GLN D 535 3.87 29.08 9.02
N HIS D 536 3.33 27.91 8.73
CA HIS D 536 4.16 26.75 8.52
C HIS D 536 5.19 27.05 7.43
N PRO D 537 6.42 26.53 7.53
CA PRO D 537 7.47 26.99 6.63
C PRO D 537 7.16 26.77 5.17
N LEU D 538 6.68 25.58 4.79
CA LEU D 538 6.37 25.34 3.39
C LEU D 538 5.43 26.39 2.85
N LEU D 539 4.43 26.80 3.65
CA LEU D 539 3.52 27.84 3.18
C LEU D 539 4.29 29.10 2.83
N LYS D 540 5.12 29.58 3.76
CA LYS D 540 5.88 30.81 3.50
C LYS D 540 6.83 30.62 2.34
N MET D 541 7.41 29.43 2.21
CA MET D 541 8.44 29.21 1.20
C MET D 541 7.83 29.17 -0.18
N LEU D 542 6.82 28.34 -0.38
CA LEU D 542 6.14 28.31 -1.67
C LEU D 542 5.55 29.67 -1.98
N LEU D 543 5.08 30.38 -0.97
CA LEU D 543 4.51 31.67 -1.23
C LEU D 543 5.56 32.63 -1.74
N HIS D 544 6.73 32.63 -1.11
CA HIS D 544 7.83 33.45 -1.60
C HIS D 544 8.23 33.02 -3.00
N LEU D 545 8.15 31.72 -3.28
CA LEU D 545 8.52 31.23 -4.60
C LEU D 545 7.55 31.73 -5.65
N LEU D 546 6.25 31.62 -5.36
CA LEU D 546 5.26 32.12 -6.29
C LEU D 546 5.39 33.61 -6.46
N ALA D 547 5.80 34.31 -5.41
CA ALA D 547 5.97 35.75 -5.51
C ALA D 547 7.14 36.08 -6.41
N PHE D 548 8.25 35.40 -6.24
CA PHE D 548 9.40 35.64 -7.08
C PHE D 548 9.08 35.32 -8.53
N SER D 549 8.24 34.29 -8.74
CA SER D 549 7.88 33.89 -10.08
C SER D 549 6.97 34.92 -10.75
N SER D 550 5.90 35.32 -10.05
CA SER D 550 5.01 36.32 -10.61
C SER D 550 5.74 37.63 -10.82
N ALA D 551 6.80 37.87 -10.04
CA ALA D 551 7.57 39.10 -10.17
C ALA D 551 8.19 39.21 -11.56
N ALA D 552 8.91 38.19 -11.98
CA ALA D 552 9.54 38.16 -13.29
C ALA D 552 9.13 36.86 -13.96
N THR D 553 8.60 36.94 -15.17
CA THR D 553 8.13 35.76 -15.88
C THR D 553 9.26 35.16 -16.68
N GLY D 554 10.27 34.68 -15.95
CA GLY D 554 11.23 33.77 -16.54
C GLY D 554 10.56 32.45 -16.86
N HIS D 555 11.08 31.78 -17.88
CA HIS D 555 10.42 30.56 -18.34
C HIS D 555 10.27 29.58 -17.19
N LEU D 556 11.37 29.31 -16.50
CA LEU D 556 11.32 28.54 -15.26
C LEU D 556 10.40 29.20 -14.26
N GLN D 557 10.40 30.54 -14.21
CA GLN D 557 9.51 31.23 -13.30
C GLN D 557 8.06 31.01 -13.69
N ALA D 558 7.78 30.95 -14.99
CA ALA D 558 6.42 30.70 -15.42
C ALA D 558 5.97 29.30 -15.02
N SER D 559 6.80 28.29 -15.26
CA SER D 559 6.41 26.94 -14.89
C SER D 559 6.23 26.82 -13.38
N VAL D 560 7.14 27.42 -12.61
CA VAL D 560 7.01 27.39 -11.17
C VAL D 560 5.74 28.09 -10.74
N LEU D 561 5.36 29.16 -11.42
CA LEU D 561 4.11 29.84 -11.09
C LEU D 561 2.93 28.93 -11.33
N THR D 562 2.94 28.20 -12.45
CA THR D 562 1.85 27.29 -12.75
C THR D 562 1.74 26.24 -11.66
N GLN D 563 2.87 25.66 -11.27
CA GLN D 563 2.84 24.62 -10.24
C GLN D 563 2.37 25.19 -8.91
N CYS D 564 2.90 26.35 -8.52
CA CYS D 564 2.56 26.92 -7.23
C CYS D 564 1.08 27.24 -7.16
N LEU D 565 0.54 27.80 -8.24
CA LEU D 565 -0.89 28.07 -8.27
C LEU D 565 -1.66 26.77 -8.16
N LYS D 566 -1.17 25.70 -8.80
CA LYS D 566 -1.86 24.43 -8.68
C LYS D 566 -1.89 23.99 -7.22
N VAL D 567 -0.77 24.14 -6.55
CA VAL D 567 -0.66 23.72 -5.15
C VAL D 567 -1.63 24.51 -4.31
N LEU D 568 -1.64 25.82 -4.49
CA LEU D 568 -2.49 26.66 -3.67
C LEU D 568 -3.94 26.32 -3.87
N VAL D 569 -4.33 26.06 -5.12
CA VAL D 569 -5.72 25.69 -5.38
C VAL D 569 -6.05 24.40 -4.65
N LYS D 570 -5.17 23.40 -4.74
CA LYS D 570 -5.45 22.13 -4.11
C LYS D 570 -5.60 22.30 -2.60
N LEU D 571 -4.69 23.08 -2.01
CA LEU D 571 -4.75 23.30 -0.58
C LEU D 571 -6.04 23.99 -0.19
N ALA D 572 -6.34 25.10 -0.86
CA ALA D 572 -7.54 25.84 -0.54
C ALA D 572 -8.76 24.95 -0.55
N GLU D 573 -8.86 24.11 -1.57
CA GLU D 573 -9.96 23.15 -1.59
C GLU D 573 -9.93 22.29 -0.35
N ASN D 574 -8.73 21.84 0.04
CA ASN D 574 -8.65 21.03 1.24
C ASN D 574 -9.00 21.85 2.48
N THR D 575 -8.75 23.17 2.43
CA THR D 575 -8.81 23.99 3.63
C THR D 575 -10.23 24.13 4.15
N SER D 576 -10.34 24.24 5.47
CA SER D 576 -11.59 24.61 6.11
C SER D 576 -11.81 26.12 6.07
N CYS D 577 -13.03 26.53 6.39
CA CYS D 577 -13.37 27.94 6.35
C CYS D 577 -12.54 28.73 7.36
N ASP D 578 -12.32 28.16 8.55
CA ASP D 578 -11.48 28.83 9.53
C ASP D 578 -10.07 29.02 8.99
N PHE D 579 -9.59 28.07 8.20
CA PHE D 579 -8.26 28.19 7.62
C PHE D 579 -8.25 29.18 6.46
N LEU D 580 -9.34 29.25 5.70
CA LEU D 580 -9.38 30.09 4.51
C LEU D 580 -8.88 31.51 4.75
N PRO D 581 -9.11 32.15 5.90
CA PRO D 581 -8.47 33.46 6.12
C PRO D 581 -6.97 33.42 5.96
N ARG D 582 -6.35 32.31 6.34
CA ARG D 582 -4.96 32.12 5.97
C ARG D 582 -4.82 32.32 4.47
N PHE D 583 -3.60 32.59 4.03
CA PHE D 583 -3.34 32.95 2.64
C PHE D 583 -3.69 34.42 2.37
N GLN D 584 -3.99 35.19 3.41
CA GLN D 584 -4.24 36.62 3.20
C GLN D 584 -3.03 37.26 2.52
N CYS D 585 -1.83 36.82 2.87
CA CYS D 585 -0.65 37.28 2.16
C CYS D 585 -0.68 36.77 0.73
N VAL D 586 -1.26 35.60 0.50
CA VAL D 586 -1.47 35.13 -0.86
C VAL D 586 -2.36 36.09 -1.61
N PHE D 587 -3.38 36.62 -0.94
CA PHE D 587 -4.23 37.63 -1.54
C PHE D 587 -3.43 38.88 -1.87
N GLN D 588 -2.44 39.19 -1.03
CA GLN D 588 -1.59 40.34 -1.31
C GLN D 588 -0.70 40.09 -2.51
N VAL D 589 -0.24 38.86 -2.68
CA VAL D 589 0.72 38.55 -3.74
C VAL D 589 0.02 38.40 -5.08
N LEU D 590 -1.21 37.92 -5.07
CA LEU D 590 -1.88 37.57 -6.33
C LEU D 590 -1.95 38.71 -7.33
N PRO D 591 -2.07 39.98 -6.93
CA PRO D 591 -2.31 41.02 -7.94
C PRO D 591 -1.29 40.98 -9.06
N LYS D 592 -0.02 40.81 -8.73
CA LYS D 592 0.97 40.63 -9.78
C LYS D 592 0.70 39.34 -10.54
N CYS D 593 0.10 38.37 -9.87
CA CYS D 593 -0.01 37.04 -10.44
C CYS D 593 -1.02 36.99 -11.57
N LEU D 594 -2.12 37.70 -11.42
CA LEU D 594 -3.16 37.65 -12.44
C LEU D 594 -3.08 38.82 -13.42
N SER D 595 -1.94 39.48 -13.51
CA SER D 595 -1.77 40.54 -14.49
C SER D 595 -1.77 39.97 -15.90
N PRO D 596 -2.05 40.81 -16.91
CA PRO D 596 -2.09 40.29 -18.29
C PRO D 596 -0.77 39.71 -18.74
N GLU D 597 0.32 40.38 -18.43
CA GLU D 597 1.62 39.84 -18.80
C GLU D 597 1.77 38.42 -18.28
N THR D 598 1.04 38.09 -17.21
CA THR D 598 1.10 36.76 -16.65
C THR D 598 0.47 35.74 -17.60
N PRO D 599 1.02 34.53 -17.66
CA PRO D 599 0.55 33.54 -18.62
C PRO D 599 -0.85 33.05 -18.29
N LEU D 600 -1.52 32.52 -19.31
CA LEU D 600 -2.91 32.11 -19.16
C LEU D 600 -3.11 31.01 -18.14
N PRO D 601 -2.35 29.91 -18.16
CA PRO D 601 -2.63 28.83 -17.21
C PRO D 601 -2.52 29.29 -15.77
N SER D 602 -1.52 30.11 -15.49
CA SER D 602 -1.44 30.71 -14.17
C SER D 602 -2.66 31.56 -13.92
N VAL D 603 -3.16 32.23 -14.96
CA VAL D 603 -4.39 33.00 -14.80
C VAL D 603 -5.50 32.08 -14.33
N LEU D 604 -5.52 30.86 -14.85
CA LEU D 604 -6.62 29.96 -14.56
C LEU D 604 -6.53 29.43 -13.13
N LEU D 605 -5.33 28.99 -12.75
CA LEU D 605 -5.15 28.54 -11.37
C LEU D 605 -5.45 29.69 -10.42
N ALA D 606 -5.07 30.92 -10.80
CA ALA D 606 -5.29 32.07 -9.95
C ALA D 606 -6.76 32.34 -9.75
N VAL D 607 -7.54 32.27 -10.81
CA VAL D 607 -8.96 32.53 -10.68
C VAL D 607 -9.61 31.46 -9.82
N GLU D 608 -9.18 30.22 -9.99
CA GLU D 608 -9.67 29.19 -9.08
C GLU D 608 -9.37 29.57 -7.65
N LEU D 609 -8.18 30.11 -7.42
CA LEU D 609 -7.78 30.47 -6.07
C LEU D 609 -8.61 31.62 -5.54
N LEU D 610 -8.91 32.58 -6.39
CA LEU D 610 -9.72 33.70 -6.00
C LEU D 610 -11.11 33.25 -5.61
N SER D 611 -11.66 32.33 -6.39
CA SER D 611 -12.96 31.77 -6.06
C SER D 611 -12.92 31.10 -4.71
N LEU D 612 -11.84 30.37 -4.44
CA LEU D 612 -11.75 29.68 -3.17
C LEU D 612 -11.65 30.65 -2.00
N LEU D 613 -10.69 31.58 -2.08
CA LEU D 613 -10.54 32.54 -1.00
C LEU D 613 -11.83 33.32 -0.80
N ALA D 614 -12.60 33.48 -1.87
CA ALA D 614 -13.84 34.23 -1.78
C ALA D 614 -14.80 33.59 -0.79
N ASP D 615 -14.71 32.28 -0.62
CA ASP D 615 -15.58 31.56 0.31
C ASP D 615 -15.07 31.70 1.74
N HIS D 616 -14.82 32.94 2.13
CA HIS D 616 -14.34 33.24 3.47
C HIS D 616 -14.84 34.61 3.87
N ASP D 617 -15.44 34.67 5.05
CA ASP D 617 -15.92 35.95 5.55
C ASP D 617 -14.74 36.89 5.73
N GLN D 618 -13.61 36.35 6.14
CA GLN D 618 -12.41 37.16 6.31
C GLN D 618 -11.89 37.62 4.97
N LEU D 619 -11.96 36.75 3.96
CA LEU D 619 -11.46 37.05 2.63
C LEU D 619 -12.54 37.62 1.72
N ALA D 620 -13.80 37.49 2.11
CA ALA D 620 -14.88 38.07 1.33
C ALA D 620 -14.67 39.56 1.06
N PRO D 621 -14.27 40.37 2.05
CA PRO D 621 -14.12 41.80 1.79
C PRO D 621 -13.06 42.11 0.76
N GLN D 622 -12.17 41.16 0.47
CA GLN D 622 -11.08 41.41 -0.47
C GLN D 622 -11.64 41.45 -1.88
N LEU D 623 -12.48 42.46 -2.10
CA LEU D 623 -12.93 42.82 -3.42
C LEU D 623 -12.46 44.24 -3.67
N CYS D 624 -12.94 44.87 -4.73
CA CYS D 624 -12.38 46.14 -5.17
C CYS D 624 -12.68 47.23 -4.15
N SER D 625 -11.82 47.31 -3.14
CA SER D 625 -11.76 48.55 -2.38
C SER D 625 -11.51 49.72 -3.30
N HIS D 626 -10.53 49.57 -4.19
CA HIS D 626 -10.11 50.63 -5.08
C HIS D 626 -9.85 50.07 -6.45
N SER D 627 -10.09 50.91 -7.46
CA SER D 627 -9.97 50.45 -8.85
C SER D 627 -8.60 49.84 -9.09
N GLU D 628 -7.56 50.45 -8.50
CA GLU D 628 -6.25 49.82 -8.51
C GLU D 628 -6.24 48.55 -7.66
N GLY D 629 -6.81 48.62 -6.46
CA GLY D 629 -6.62 47.56 -5.50
C GLY D 629 -7.07 46.21 -6.01
N CYS D 630 -8.14 46.21 -6.81
CA CYS D 630 -8.76 44.96 -7.18
C CYS D 630 -7.85 44.17 -8.08
N LEU D 631 -7.82 42.86 -7.85
CA LEU D 631 -7.46 41.94 -8.93
C LEU D 631 -8.56 41.93 -9.97
N LEU D 632 -9.80 42.11 -9.54
CA LEU D 632 -10.94 42.10 -10.46
C LEU D 632 -10.70 42.98 -11.67
N LEU D 633 -10.01 44.10 -11.49
CA LEU D 633 -9.72 44.93 -12.65
C LEU D 633 -8.87 44.17 -13.64
N LEU D 634 -7.80 43.55 -13.15
CA LEU D 634 -6.91 42.81 -14.03
C LEU D 634 -7.63 41.63 -14.66
N LEU D 635 -8.54 41.02 -13.90
CA LEU D 635 -9.27 39.87 -14.42
C LEU D 635 -10.19 40.28 -15.55
N TYR D 636 -10.98 41.31 -15.32
CA TYR D 636 -11.84 41.82 -16.38
C TYR D 636 -11.02 42.27 -17.58
N MET D 637 -9.79 42.76 -17.33
CA MET D 637 -8.95 43.18 -18.44
C MET D 637 -8.46 41.97 -19.24
N TYR D 638 -7.96 40.95 -18.55
CA TYR D 638 -7.46 39.78 -19.24
C TYR D 638 -8.59 39.09 -19.98
N ILE D 639 -9.80 39.23 -19.46
CA ILE D 639 -10.97 38.75 -20.16
C ILE D 639 -11.19 39.56 -21.44
N THR D 640 -11.36 40.86 -21.30
CA THR D 640 -11.58 41.70 -22.47
C THR D 640 -10.34 41.74 -23.34
N SER D 641 -9.17 41.68 -22.73
CA SER D 641 -7.91 41.78 -23.46
C SER D 641 -7.34 40.39 -23.63
N ARG D 642 -7.20 39.97 -24.87
CA ARG D 642 -6.70 38.64 -25.15
C ARG D 642 -5.41 38.40 -24.39
N PRO D 643 -5.19 37.21 -23.88
CA PRO D 643 -3.93 36.92 -23.19
C PRO D 643 -2.82 36.62 -24.17
N ASP D 644 -1.70 36.14 -23.66
CA ASP D 644 -0.58 35.79 -24.51
C ASP D 644 -1.04 34.97 -25.71
N ARG D 645 -0.29 35.10 -26.81
CA ARG D 645 -0.70 34.49 -28.06
C ARG D 645 -0.76 32.97 -27.95
N VAL D 646 0.10 32.39 -27.11
CA VAL D 646 0.21 30.94 -27.06
C VAL D 646 -0.82 30.45 -26.07
N ALA D 647 -2.05 30.33 -26.52
CA ALA D 647 -3.14 29.82 -25.70
C ALA D 647 -4.13 29.10 -26.58
N LEU D 648 -4.53 27.90 -26.16
CA LEU D 648 -5.57 27.21 -26.89
C LEU D 648 -6.87 27.99 -26.78
N GLU D 649 -7.58 28.13 -27.90
CA GLU D 649 -8.87 28.80 -27.85
C GLU D 649 -9.75 28.18 -26.79
N THR D 650 -9.74 26.86 -26.69
CA THR D 650 -10.48 26.17 -25.64
C THR D 650 -9.89 26.48 -24.26
N GLN D 651 -8.58 26.71 -24.19
CA GLN D 651 -7.99 27.10 -22.91
C GLN D 651 -8.55 28.44 -22.45
N TRP D 652 -8.54 29.41 -23.36
CA TRP D 652 -9.17 30.69 -23.09
C TRP D 652 -10.62 30.49 -22.67
N LEU D 653 -11.27 29.50 -23.29
CA LEU D 653 -12.65 29.21 -22.92
C LEU D 653 -12.77 28.69 -21.49
N GLN D 654 -11.92 27.73 -21.12
CA GLN D 654 -11.97 27.19 -19.77
C GLN D 654 -11.76 28.31 -18.77
N LEU D 655 -10.91 29.27 -19.12
CA LEU D 655 -10.73 30.39 -18.22
C LEU D 655 -12.01 31.16 -18.05
N GLU D 656 -12.69 31.48 -19.15
CA GLU D 656 -13.92 32.24 -18.98
C GLU D 656 -14.97 31.46 -18.21
N GLN D 657 -15.06 30.15 -18.45
CA GLN D 657 -16.03 29.36 -17.70
C GLN D 657 -15.73 29.45 -16.22
N GLU D 658 -14.46 29.34 -15.86
CA GLU D 658 -14.06 29.46 -14.46
C GLU D 658 -14.45 30.81 -13.91
N VAL D 659 -14.27 31.86 -14.70
CA VAL D 659 -14.51 33.20 -14.18
C VAL D 659 -16.00 33.43 -13.99
N VAL D 660 -16.79 32.93 -14.93
CA VAL D 660 -18.24 33.04 -14.76
C VAL D 660 -18.64 32.33 -13.48
N TRP D 661 -18.04 31.16 -13.23
CA TRP D 661 -18.36 30.45 -12.00
C TRP D 661 -17.95 31.27 -10.78
N LEU D 662 -16.79 31.91 -10.86
CA LEU D 662 -16.32 32.67 -9.70
C LEU D 662 -17.25 33.82 -9.40
N LEU D 663 -17.67 34.52 -10.45
CA LEU D 663 -18.59 35.63 -10.25
C LEU D 663 -19.91 35.14 -9.70
N ALA D 664 -20.34 33.96 -10.16
CA ALA D 664 -21.56 33.38 -9.62
C ALA D 664 -21.39 33.07 -8.14
N LYS D 665 -20.20 32.62 -7.76
CA LYS D 665 -19.95 32.31 -6.36
C LYS D 665 -19.98 33.58 -5.51
N LEU D 666 -19.41 34.66 -6.05
CA LEU D 666 -19.48 35.94 -5.34
C LEU D 666 -20.92 36.41 -5.21
N GLY D 667 -21.71 36.21 -6.26
CA GLY D 667 -23.10 36.65 -6.22
C GLY D 667 -23.93 35.86 -5.24
N VAL D 668 -23.74 34.54 -5.21
CA VAL D 668 -24.52 33.69 -4.31
C VAL D 668 -24.19 34.00 -2.86
N GLN D 669 -22.96 34.42 -2.61
CA GLN D 669 -22.55 34.69 -1.23
C GLN D 669 -23.48 35.72 -0.60
N SER D 670 -23.94 35.40 0.60
CA SER D 670 -24.91 36.28 1.27
C SER D 670 -24.36 37.68 1.49
N PRO D 671 -23.05 37.88 1.71
CA PRO D 671 -22.55 39.24 1.90
C PRO D 671 -22.70 40.08 0.63
N LEU D 672 -22.98 41.36 0.83
CA LEU D 672 -23.01 42.33 -0.25
C LEU D 672 -21.95 43.39 0.00
N PRO D 673 -21.10 43.69 -0.98
CA PRO D 673 -19.98 44.61 -0.74
C PRO D 673 -20.37 46.05 -1.02
N PRO D 674 -20.17 46.97 -0.07
CA PRO D 674 -20.27 48.39 -0.44
C PRO D 674 -19.15 48.83 -1.34
N VAL D 675 -17.95 48.31 -1.10
CA VAL D 675 -16.78 48.70 -1.86
C VAL D 675 -16.98 48.36 -3.33
N THR D 676 -16.35 49.15 -4.19
CA THR D 676 -16.47 49.11 -5.64
C THR D 676 -17.79 49.73 -6.09
N GLY D 677 -18.59 50.26 -5.18
CA GLY D 677 -19.84 50.92 -5.54
C GLY D 677 -19.62 52.36 -5.92
N SER D 678 -18.99 52.57 -7.06
CA SER D 678 -18.48 53.85 -7.58
C SER D 678 -17.17 54.23 -6.89
N ASN D 679 -16.72 53.46 -5.90
CA ASN D 679 -15.32 53.53 -5.50
C ASN D 679 -14.43 52.95 -6.60
N CYS D 680 -15.00 52.05 -7.40
CA CYS D 680 -14.28 51.27 -8.40
C CYS D 680 -14.81 51.54 -9.80
N GLN D 681 -13.90 51.49 -10.77
CA GLN D 681 -14.32 51.33 -12.15
C GLN D 681 -14.52 49.86 -12.51
N CYS D 682 -13.66 48.97 -12.00
CA CYS D 682 -13.73 47.59 -12.44
C CYS D 682 -15.12 47.04 -12.18
N ASN D 683 -15.85 47.63 -11.23
CA ASN D 683 -17.23 47.20 -11.04
C ASN D 683 -18.02 47.24 -12.35
N VAL D 684 -17.96 48.35 -13.07
CA VAL D 684 -18.63 48.42 -14.37
C VAL D 684 -17.83 47.67 -15.44
N GLU D 685 -16.51 47.69 -15.34
CA GLU D 685 -15.71 47.10 -16.40
C GLU D 685 -15.94 45.61 -16.48
N VAL D 686 -16.06 44.94 -15.33
CA VAL D 686 -16.28 43.51 -15.31
C VAL D 686 -17.53 43.18 -16.10
N VAL D 687 -18.59 43.97 -15.96
CA VAL D 687 -19.83 43.66 -16.64
C VAL D 687 -19.71 43.95 -18.13
N ARG D 688 -19.05 45.06 -18.47
CA ARG D 688 -18.84 45.36 -19.88
C ARG D 688 -18.09 44.21 -20.54
N ALA D 689 -17.09 43.67 -19.84
CA ALA D 689 -16.33 42.57 -20.40
C ALA D 689 -17.15 41.28 -20.41
N LEU D 690 -18.04 41.10 -19.44
CA LEU D 690 -18.94 39.97 -19.50
C LEU D 690 -19.72 40.00 -20.80
N THR D 691 -20.26 41.17 -21.13
CA THR D 691 -20.98 41.30 -22.40
C THR D 691 -20.06 41.01 -23.57
N VAL D 692 -18.85 41.56 -23.54
CA VAL D 692 -17.96 41.44 -24.68
C VAL D 692 -17.59 39.99 -24.91
N MET D 693 -17.20 39.31 -23.85
CA MET D 693 -16.86 37.90 -23.96
C MET D 693 -18.05 37.10 -24.42
N LEU D 694 -19.24 37.44 -23.92
CA LEU D 694 -20.42 36.73 -24.36
C LEU D 694 -20.60 36.88 -25.86
N HIS D 695 -20.32 38.07 -26.39
CA HIS D 695 -20.37 38.25 -27.83
C HIS D 695 -19.32 37.40 -28.52
N ARG D 696 -18.12 37.35 -27.96
CA ARG D 696 -17.03 36.61 -28.58
C ARG D 696 -17.41 35.14 -28.70
N GLN D 697 -18.10 34.62 -27.69
CA GLN D 697 -18.52 33.23 -27.73
C GLN D 697 -19.71 33.03 -28.67
N TRP D 698 -20.71 33.90 -28.54
CA TRP D 698 -21.92 33.75 -29.33
C TRP D 698 -21.60 33.79 -30.81
N LEU D 699 -20.55 34.51 -31.18
CA LEU D 699 -20.18 34.56 -32.59
C LEU D 699 -19.98 33.13 -33.12
N THR D 700 -19.14 32.36 -32.45
CA THR D 700 -18.86 31.02 -32.91
C THR D 700 -20.10 30.14 -32.77
N VAL D 701 -20.91 30.40 -31.74
CA VAL D 701 -22.13 29.61 -31.60
C VAL D 701 -23.06 29.83 -32.78
N ARG D 702 -23.31 31.08 -33.14
CA ARG D 702 -24.24 31.38 -34.21
C ARG D 702 -23.71 30.87 -35.54
N ARG D 703 -22.38 30.87 -35.69
CA ARG D 703 -21.80 30.33 -36.90
C ARG D 703 -22.35 28.93 -37.20
N ALA D 704 -22.70 28.18 -36.16
CA ALA D 704 -23.24 26.83 -36.31
C ALA D 704 -24.66 26.80 -35.76
N GLY D 705 -25.61 26.34 -36.58
CA GLY D 705 -26.95 26.13 -36.10
C GLY D 705 -27.09 24.88 -35.23
N GLY D 706 -26.38 23.81 -35.59
CA GLY D 706 -26.48 22.57 -34.87
C GLY D 706 -25.98 22.69 -33.44
N PRO D 707 -26.59 21.93 -32.52
CA PRO D 707 -26.14 21.99 -31.14
C PRO D 707 -24.74 21.47 -30.99
N PRO D 708 -24.03 21.83 -29.92
CA PRO D 708 -22.62 21.45 -29.80
C PRO D 708 -22.44 19.94 -29.90
N ARG D 709 -21.67 19.52 -30.89
CA ARG D 709 -21.26 18.15 -31.03
C ARG D 709 -19.89 17.89 -30.41
N THR D 710 -19.32 18.88 -29.72
CA THR D 710 -17.99 18.77 -29.16
C THR D 710 -17.97 19.35 -27.76
N ASP D 711 -17.11 18.77 -26.92
CA ASP D 711 -17.03 19.19 -25.54
C ASP D 711 -16.66 20.66 -25.44
N GLN D 712 -15.84 21.12 -26.37
CA GLN D 712 -15.55 22.55 -26.42
C GLN D 712 -16.80 23.35 -26.74
N GLN D 713 -17.58 22.89 -27.70
CA GLN D 713 -18.81 23.60 -28.05
C GLN D 713 -19.81 23.55 -26.89
N ARG D 714 -19.91 22.40 -26.24
CA ARG D 714 -20.81 22.30 -25.10
C ARG D 714 -20.34 23.21 -23.98
N ARG D 715 -19.03 23.29 -23.78
CA ARG D 715 -18.48 24.13 -22.74
C ARG D 715 -18.84 25.58 -22.99
N THR D 716 -18.70 26.04 -24.23
CA THR D 716 -19.09 27.41 -24.52
C THR D 716 -20.59 27.58 -24.38
N VAL D 717 -21.36 26.56 -24.73
CA VAL D 717 -22.81 26.67 -24.58
C VAL D 717 -23.16 26.88 -23.11
N ARG D 718 -22.51 26.12 -22.24
CA ARG D 718 -22.73 26.28 -20.81
C ARG D 718 -22.29 27.66 -20.35
N CYS D 719 -21.16 28.14 -20.88
CA CYS D 719 -20.69 29.44 -20.43
C CYS D 719 -21.68 30.51 -20.83
N LEU D 720 -22.33 30.34 -21.98
CA LEU D 720 -23.36 31.31 -22.36
C LEU D 720 -24.55 31.19 -21.43
N ARG D 721 -25.01 29.98 -21.20
CA ARG D 721 -26.20 29.79 -20.37
C ARG D 721 -25.99 30.42 -19.02
N ASP D 722 -24.74 30.46 -18.56
CA ASP D 722 -24.44 31.09 -17.28
C ASP D 722 -24.23 32.59 -17.43
N THR D 723 -23.55 33.00 -18.50
CA THR D 723 -23.21 34.40 -18.67
C THR D 723 -24.47 35.23 -18.75
N VAL D 724 -25.53 34.68 -19.31
CA VAL D 724 -26.77 35.45 -19.39
C VAL D 724 -27.31 35.71 -18.00
N LEU D 725 -27.39 34.66 -17.18
CA LEU D 725 -27.94 34.84 -15.84
C LEU D 725 -27.10 35.82 -15.05
N LEU D 726 -25.78 35.69 -15.19
CA LEU D 726 -24.88 36.57 -14.46
C LEU D 726 -25.01 38.02 -14.93
N LEU D 727 -25.13 38.23 -16.24
CA LEU D 727 -25.25 39.58 -16.75
C LEU D 727 -26.57 40.20 -16.34
N HIS D 728 -27.63 39.39 -16.29
CA HIS D 728 -28.91 39.88 -15.81
C HIS D 728 -28.81 40.28 -14.35
N GLY D 729 -28.08 39.50 -13.56
CA GLY D 729 -27.88 39.88 -12.16
C GLY D 729 -27.11 41.18 -12.04
N LEU D 730 -26.06 41.34 -12.86
CA LEU D 730 -25.30 42.58 -12.84
C LEU D 730 -26.17 43.75 -13.25
N SER D 731 -27.00 43.55 -14.28
CA SER D 731 -27.92 44.60 -14.71
C SER D 731 -28.85 45.01 -13.58
N GLN D 732 -29.41 44.02 -12.87
CA GLN D 732 -30.22 44.33 -11.71
C GLN D 732 -29.42 45.12 -10.68
N LYS D 733 -28.14 44.78 -10.53
CA LYS D 733 -27.27 45.50 -9.61
C LYS D 733 -26.65 46.71 -10.31
N ASP D 734 -27.49 47.59 -10.85
CA ASP D 734 -27.02 48.79 -11.60
C ASP D 734 -28.25 49.63 -11.91
N LYS D 735 -28.05 50.87 -12.36
CA LYS D 735 -29.21 51.73 -12.77
C LYS D 735 -29.54 51.34 -14.21
N LEU D 736 -30.04 50.13 -14.44
CA LEU D 736 -30.34 49.62 -15.80
C LEU D 736 -29.05 49.17 -16.51
N PHE D 737 -27.84 49.40 -15.95
CA PHE D 737 -26.62 48.89 -16.57
C PHE D 737 -26.30 49.67 -17.84
N MET D 738 -27.10 50.68 -18.20
CA MET D 738 -26.91 51.36 -19.48
C MET D 738 -25.58 52.08 -19.52
N MET D 739 -25.29 52.90 -18.52
CA MET D 739 -24.00 53.57 -18.46
C MET D 739 -22.87 52.57 -18.43
N HIS D 740 -23.03 51.50 -17.65
CA HIS D 740 -22.00 50.48 -17.59
C HIS D 740 -21.72 49.93 -18.98
N CYS D 741 -22.77 49.76 -19.77
CA CYS D 741 -22.67 49.13 -21.07
C CYS D 741 -22.58 50.12 -22.21
N VAL D 742 -22.68 51.42 -21.93
CA VAL D 742 -22.71 52.41 -23.00
C VAL D 742 -21.53 52.22 -23.92
N GLU D 743 -20.38 51.86 -23.36
CA GLU D 743 -19.19 51.65 -24.17
C GLU D 743 -19.36 50.43 -25.06
N VAL D 744 -19.91 49.35 -24.51
CA VAL D 744 -20.03 48.08 -25.20
C VAL D 744 -21.44 47.86 -25.73
N LEU D 745 -22.24 48.91 -25.83
CA LEU D 745 -23.68 48.73 -26.02
C LEU D 745 -23.99 47.89 -27.25
N HIS D 746 -23.41 48.25 -28.40
CA HIS D 746 -23.87 47.70 -29.66
C HIS D 746 -23.59 46.21 -29.79
N GLN D 747 -22.39 45.77 -29.40
CA GLN D 747 -22.06 44.36 -29.56
C GLN D 747 -23.02 43.49 -28.77
N PHE D 748 -23.43 43.95 -27.60
CA PHE D 748 -24.48 43.25 -26.87
C PHE D 748 -25.79 43.35 -27.59
N ASP D 749 -26.10 44.54 -28.09
CA ASP D 749 -27.40 44.77 -28.71
C ASP D 749 -27.65 43.76 -29.81
N GLN D 750 -26.61 43.50 -30.59
CA GLN D 750 -26.75 42.56 -31.70
C GLN D 750 -26.70 41.12 -31.22
N VAL D 751 -25.94 40.84 -30.17
CA VAL D 751 -25.80 39.47 -29.68
C VAL D 751 -27.07 39.01 -28.98
N MET D 752 -27.59 39.80 -28.06
CA MET D 752 -28.56 39.30 -27.09
C MET D 752 -29.73 38.57 -27.73
N PRO D 753 -30.30 39.02 -28.84
CA PRO D 753 -31.48 38.31 -29.39
C PRO D 753 -31.15 36.91 -29.83
N GLY D 754 -30.10 36.74 -30.63
CA GLY D 754 -29.66 35.39 -30.97
C GLY D 754 -29.35 34.60 -29.72
N VAL D 755 -28.96 35.28 -28.66
CA VAL D 755 -28.70 34.59 -27.41
C VAL D 755 -29.99 34.00 -26.88
N SER D 756 -31.05 34.80 -26.88
CA SER D 756 -32.34 34.29 -26.45
C SER D 756 -32.75 33.11 -27.33
N MET D 757 -32.46 33.21 -28.63
CA MET D 757 -32.89 32.18 -29.55
C MET D 757 -32.15 30.88 -29.29
N LEU D 758 -30.86 30.96 -29.04
CA LEU D 758 -30.10 29.75 -28.75
C LEU D 758 -30.51 29.18 -27.40
N ILE D 759 -30.66 30.04 -26.40
CA ILE D 759 -31.02 29.57 -25.06
C ILE D 759 -32.37 28.86 -25.11
N ARG D 760 -33.34 29.41 -25.85
CA ARG D 760 -34.60 28.72 -26.03
C ARG D 760 -34.40 27.45 -26.84
N GLY D 761 -33.53 27.50 -27.85
CA GLY D 761 -33.30 26.32 -28.66
C GLY D 761 -32.86 25.13 -27.83
N LEU D 762 -32.17 25.38 -26.74
CA LEU D 762 -31.70 24.29 -25.91
C LEU D 762 -32.88 23.52 -25.35
N PRO D 763 -32.76 22.20 -25.20
CA PRO D 763 -33.90 21.42 -24.71
C PRO D 763 -34.26 21.75 -23.28
N ASP D 764 -33.24 21.90 -22.43
CA ASP D 764 -33.43 22.14 -21.00
C ASP D 764 -33.04 23.58 -20.71
N VAL D 765 -34.04 24.41 -20.41
CA VAL D 765 -33.83 25.80 -20.05
C VAL D 765 -34.53 26.05 -18.74
N THR D 766 -33.79 26.54 -17.76
CA THR D 766 -34.38 26.86 -16.47
C THR D 766 -35.26 28.09 -16.59
N ASP D 767 -36.32 28.13 -15.79
CA ASP D 767 -37.17 29.32 -15.78
C ASP D 767 -36.34 30.56 -15.53
N CYS D 768 -35.39 30.47 -14.59
CA CYS D 768 -34.62 31.63 -14.20
C CYS D 768 -33.83 32.20 -15.36
N GLU D 769 -33.14 31.34 -16.12
CA GLU D 769 -32.29 31.83 -17.19
C GLU D 769 -33.11 32.42 -18.31
N GLU D 770 -34.27 31.83 -18.60
CA GLU D 770 -35.14 32.44 -19.61
C GLU D 770 -35.62 33.80 -19.15
N ALA D 771 -36.00 33.90 -17.88
CA ALA D 771 -36.43 35.19 -17.36
C ALA D 771 -35.30 36.20 -17.44
N ALA D 772 -34.07 35.74 -17.22
CA ALA D 772 -32.93 36.63 -17.33
C ALA D 772 -32.72 37.07 -18.76
N LEU D 773 -32.91 36.16 -19.72
CA LEU D 773 -32.89 36.56 -21.12
C LEU D 773 -33.91 37.64 -21.36
N ASP D 774 -35.09 37.47 -20.80
CA ASP D 774 -36.16 38.44 -21.00
C ASP D 774 -35.77 39.79 -20.42
N ASP D 775 -35.21 39.79 -19.23
CA ASP D 775 -34.73 41.03 -18.63
C ASP D 775 -33.70 41.68 -19.54
N LEU D 776 -32.87 40.86 -20.20
CA LEU D 776 -31.91 41.40 -21.15
C LEU D 776 -32.62 42.00 -22.36
N CYS D 777 -33.67 41.35 -22.83
CA CYS D 777 -34.35 41.84 -24.02
C CYS D 777 -35.15 43.09 -23.66
N ALA D 778 -35.38 43.94 -24.66
CA ALA D 778 -36.14 45.16 -24.46
C ALA D 778 -36.77 45.62 -25.77
ZN ZN E . 31.05 -38.08 -0.56
ZN ZN F . -13.07 47.04 -8.52
#